data_4UFV
#
_entry.id   4UFV
#
_cell.length_a   57.480
_cell.length_b   118.990
_cell.length_c   177.740
_cell.angle_alpha   90.00
_cell.angle_beta   90.00
_cell.angle_gamma   90.00
#
_symmetry.space_group_name_H-M   'P 21 21 21'
#
loop_
_entity.id
_entity.type
_entity.pdbx_description
1 polymer 'GLYCYLPEPTIDE N-TETRADECANOYLTRANSFERASE'
2 non-polymer 2-oxopentadecyl-CoA
3 non-polymer N-[2-(3-methoxyphenyl)ethanimidoyl]-2-piperidin-4-yloxy-benzamide
4 non-polymer 'MAGNESIUM ION'
5 non-polymer 'CHLORIDE ION'
6 non-polymer 'DIMETHYL SULFOXIDE'
7 non-polymer 'SULFATE ION'
8 non-polymer 'GLYCOLIC ACID'
9 water water
#
_entity_poly.entity_id   1
_entity_poly.type   'polypeptide(L)'
_entity_poly.pdbx_seq_one_letter_code
;MDYKFWYTQPVPKINDEFNESVNEPFISDNKVEDVRKDEYKLPPGYSWYVCDVKDEKDRSEIYTLLTDNYVEDDDNIFRF
NYSAEFLLWALTSPNYLKTWHIGVKYDASNKLIGFISAIPTDICIHKRTIKMAEVNFLCVHKTLRSKRLAPVLIKEITRR
INLENIWQAIYTAGVYLPKPVSDARYYHRSINVKKLIEIGFSSLNSRLTMSRAIKLYRVEDTLNIKNMRLMKKKDVEGVH
KLLGSYLEQFNLYAVFTKEEIAHWFLPIENVIYTYVNEENGKIKDMISFYSLPSQILGNDKYSTLNAAYSFYNVTTTATF
KQLMQDAILLAKRNNFDVFNALEVMQNKSVFEDLKFGEGDGSLKYYLYNWKCASFAPAHVGIVLL
;
_entity_poly.pdbx_strand_id   A,B,C
#
loop_
_chem_comp.id
_chem_comp.type
_chem_comp.name
_chem_comp.formula
31A non-polymer N-[2-(3-methoxyphenyl)ethanimidoyl]-2-piperidin-4-yloxy-benzamide 'C21 H25 N3 O3'
CL non-polymer 'CHLORIDE ION' 'Cl -1'
DMS non-polymer 'DIMETHYL SULFOXIDE' 'C2 H6 O S'
GOA non-polymer 'GLYCOLIC ACID' 'C2 H4 O3'
MG non-polymer 'MAGNESIUM ION' 'Mg 2'
NHW non-polymer 2-oxopentadecyl-CoA 'C36 H64 N7 O17 P3 S'
SO4 non-polymer 'SULFATE ION' 'O4 S -2'
#
# COMPACT_ATOMS: atom_id res chain seq x y z
N MET A 1 24.40 -30.05 -16.66
CA MET A 1 24.86 -28.65 -16.95
C MET A 1 25.91 -28.15 -15.96
N ASP A 2 27.11 -27.83 -16.47
CA ASP A 2 28.29 -27.62 -15.63
C ASP A 2 28.54 -26.15 -15.24
N TYR A 3 28.00 -25.20 -16.02
CA TYR A 3 28.28 -23.74 -15.87
C TYR A 3 29.77 -23.39 -15.67
N LYS A 4 30.61 -23.86 -16.59
CA LYS A 4 32.06 -23.73 -16.39
C LYS A 4 32.53 -22.26 -16.39
N PHE A 5 31.86 -21.38 -17.15
CA PHE A 5 32.13 -19.94 -17.10
C PHE A 5 31.42 -19.32 -15.89
N TRP A 6 30.10 -19.56 -15.79
CA TRP A 6 29.30 -18.92 -14.73
C TRP A 6 29.72 -19.19 -13.31
N TYR A 7 30.28 -20.38 -13.10
N TYR A 7 30.27 -20.36 -13.04
CA TYR A 7 30.78 -20.80 -11.79
CA TYR A 7 30.65 -20.63 -11.66
C TYR A 7 31.90 -19.86 -11.29
C TYR A 7 32.03 -20.01 -11.30
N THR A 8 32.64 -19.25 -12.22
CA THR A 8 33.80 -18.42 -11.90
C THR A 8 33.39 -17.01 -11.59
N GLN A 9 32.07 -16.74 -11.67
CA GLN A 9 31.57 -15.40 -11.52
C GLN A 9 30.95 -15.17 -10.13
N PRO A 10 30.87 -13.90 -9.71
CA PRO A 10 30.17 -13.59 -8.43
C PRO A 10 28.64 -13.62 -8.60
N VAL A 11 28.04 -14.81 -8.74
CA VAL A 11 26.61 -15.00 -8.88
C VAL A 11 26.37 -16.24 -8.08
N PRO A 12 25.13 -16.47 -7.63
CA PRO A 12 24.84 -17.69 -6.85
C PRO A 12 25.06 -18.96 -7.63
N LYS A 13 25.38 -20.06 -6.89
CA LYS A 13 25.44 -21.39 -7.47
C LYS A 13 23.98 -21.87 -7.63
N ILE A 14 23.80 -22.89 -8.49
CA ILE A 14 22.44 -23.32 -8.93
C ILE A 14 21.55 -23.66 -7.77
N ASN A 15 22.19 -24.06 -6.69
CA ASN A 15 21.52 -24.52 -5.49
C ASN A 15 21.52 -23.56 -4.31
N ASP A 16 22.15 -22.40 -4.43
CA ASP A 16 22.14 -21.40 -3.36
C ASP A 16 20.74 -20.83 -3.19
N GLU A 17 20.29 -20.71 -1.96
CA GLU A 17 19.08 -20.01 -1.63
C GLU A 17 19.32 -19.18 -0.36
N PHE A 18 18.98 -17.90 -0.39
CA PHE A 18 19.31 -17.00 0.75
C PHE A 18 18.04 -16.47 1.37
N ASN A 19 18.08 -16.18 2.66
CA ASN A 19 16.98 -15.67 3.48
CA ASN A 19 16.86 -15.74 3.23
C ASN A 19 16.70 -14.22 3.13
N GLU A 20 15.52 -13.73 3.47
CA GLU A 20 15.27 -12.31 3.17
C GLU A 20 16.18 -11.29 3.82
N SER A 21 16.89 -11.75 4.83
CA SER A 21 17.82 -11.03 5.67
C SER A 21 19.23 -10.86 5.06
N VAL A 22 19.45 -11.51 3.92
CA VAL A 22 20.72 -11.36 3.16
C VAL A 22 20.44 -10.45 1.96
N ASN A 23 21.20 -9.36 1.79
CA ASN A 23 20.94 -8.41 0.70
C ASN A 23 22.19 -7.58 0.51
N GLU A 24 23.18 -8.15 -0.17
CA GLU A 24 24.52 -7.55 -0.20
C GLU A 24 25.29 -8.10 -1.41
N PRO A 25 26.43 -7.47 -1.81
CA PRO A 25 27.28 -8.08 -2.87
C PRO A 25 27.91 -9.42 -2.45
N PHE A 26 28.25 -10.24 -3.44
CA PHE A 26 29.16 -11.33 -3.16
C PHE A 26 30.57 -10.84 -2.91
N ILE A 27 30.99 -9.82 -3.62
CA ILE A 27 32.40 -9.27 -3.55
C ILE A 27 32.25 -7.79 -3.28
N SER A 28 32.69 -7.34 -2.09
N SER A 28 32.83 -7.35 -2.16
CA SER A 28 32.61 -5.90 -1.75
CA SER A 28 32.66 -5.98 -1.69
C SER A 28 34.02 -5.31 -1.61
C SER A 28 34.04 -5.32 -1.58
N ASP A 29 34.10 -4.02 -1.25
CA ASP A 29 35.40 -3.26 -1.17
C ASP A 29 36.17 -3.35 -2.45
N ASN A 30 35.46 -3.22 -3.57
CA ASN A 30 36.09 -3.16 -4.88
C ASN A 30 36.85 -1.86 -5.11
N LYS A 31 37.97 -1.90 -5.84
CA LYS A 31 38.78 -0.71 -6.09
CA LYS A 31 38.73 -0.68 -6.11
C LYS A 31 38.94 -0.46 -7.61
N VAL A 32 38.59 0.74 -8.09
CA VAL A 32 38.71 1.02 -9.55
C VAL A 32 40.20 0.85 -9.93
N GLU A 33 41.08 1.20 -8.99
CA GLU A 33 42.53 1.07 -9.23
C GLU A 33 42.97 -0.31 -9.67
N ASP A 34 42.31 -1.35 -9.21
CA ASP A 34 42.76 -2.69 -9.37
C ASP A 34 42.18 -3.35 -10.62
N VAL A 35 41.30 -2.65 -11.31
CA VAL A 35 40.57 -3.25 -12.43
C VAL A 35 41.58 -3.39 -13.56
N ARG A 36 41.49 -4.45 -14.36
CA ARG A 36 42.46 -4.64 -15.45
C ARG A 36 42.23 -3.51 -16.40
N LYS A 37 43.32 -2.89 -16.85
CA LYS A 37 43.28 -1.83 -17.86
C LYS A 37 43.48 -2.39 -19.28
N ASP A 38 43.80 -3.68 -19.42
CA ASP A 38 44.02 -4.21 -20.77
C ASP A 38 42.73 -4.85 -21.28
N GLU A 39 42.50 -4.76 -22.58
CA GLU A 39 41.29 -5.38 -23.17
C GLU A 39 41.40 -6.87 -23.16
N TYR A 40 40.27 -7.58 -23.00
CA TYR A 40 40.29 -9.04 -23.01
C TYR A 40 40.72 -9.52 -24.44
N LYS A 41 41.49 -10.61 -24.47
CA LYS A 41 41.97 -11.22 -25.69
C LYS A 41 40.89 -11.89 -26.49
N LEU A 42 40.83 -11.49 -27.76
CA LEU A 42 40.00 -12.13 -28.80
C LEU A 42 40.78 -13.13 -29.59
N PRO A 43 40.06 -14.06 -30.23
CA PRO A 43 40.77 -14.95 -31.10
C PRO A 43 41.45 -14.22 -32.25
N PRO A 44 42.51 -14.83 -32.79
CA PRO A 44 43.27 -14.28 -33.92
C PRO A 44 42.33 -13.85 -35.08
N GLY A 45 42.46 -12.62 -35.60
CA GLY A 45 41.58 -12.16 -36.66
C GLY A 45 40.30 -11.47 -36.26
N TYR A 46 40.15 -11.21 -34.95
CA TYR A 46 39.02 -10.45 -34.43
C TYR A 46 39.50 -9.30 -33.59
N SER A 47 38.70 -8.22 -33.52
CA SER A 47 39.10 -6.99 -32.90
C SER A 47 37.91 -6.34 -32.18
N TRP A 48 38.16 -5.71 -31.04
CA TRP A 48 37.20 -4.84 -30.39
C TRP A 48 36.91 -3.61 -31.31
N TYR A 49 35.69 -3.10 -31.25
CA TYR A 49 35.32 -1.97 -32.07
C TYR A 49 34.42 -1.13 -31.21
N VAL A 50 34.73 0.15 -31.04
CA VAL A 50 33.79 0.99 -30.28
C VAL A 50 32.64 1.47 -31.11
N CYS A 51 31.42 1.03 -30.83
CA CYS A 51 30.25 1.40 -31.68
C CYS A 51 29.74 2.76 -31.25
N ASP A 52 29.53 3.64 -32.21
CA ASP A 52 28.92 4.96 -31.96
C ASP A 52 27.47 4.83 -32.38
N VAL A 53 26.63 4.57 -31.39
CA VAL A 53 25.21 4.39 -31.68
C VAL A 53 24.55 5.67 -32.22
N LYS A 54 25.16 6.83 -31.98
CA LYS A 54 24.58 8.00 -32.59
C LYS A 54 24.91 8.26 -34.05
N ASP A 55 25.85 7.50 -34.56
CA ASP A 55 26.22 7.52 -35.98
C ASP A 55 25.31 6.58 -36.72
N GLU A 56 24.54 7.07 -37.66
CA GLU A 56 23.66 6.18 -38.42
C GLU A 56 24.34 4.91 -38.98
N LYS A 57 25.56 5.01 -39.51
CA LYS A 57 26.08 3.78 -40.13
C LYS A 57 26.50 2.69 -39.11
N ASP A 58 27.12 3.13 -38.01
CA ASP A 58 27.43 2.21 -36.89
C ASP A 58 26.17 1.58 -36.28
N ARG A 59 25.14 2.39 -36.15
CA ARG A 59 23.88 1.92 -35.57
C ARG A 59 23.29 0.89 -36.52
N SER A 60 23.34 1.19 -37.82
CA SER A 60 22.86 0.27 -38.86
CA SER A 60 22.84 0.24 -38.82
C SER A 60 23.61 -1.06 -38.86
N GLU A 61 24.91 -1.04 -38.58
CA GLU A 61 25.69 -2.31 -38.46
CA GLU A 61 25.65 -2.32 -38.45
C GLU A 61 25.15 -3.21 -37.32
N ILE A 62 24.89 -2.58 -36.17
CA ILE A 62 24.29 -3.30 -35.03
C ILE A 62 22.94 -3.84 -35.40
N TYR A 63 22.12 -2.96 -36.00
CA TYR A 63 20.81 -3.34 -36.48
C TYR A 63 20.87 -4.65 -37.31
N THR A 64 21.76 -4.67 -38.29
CA THR A 64 21.85 -5.85 -39.20
C THR A 64 22.30 -7.12 -38.43
N LEU A 65 23.28 -6.92 -37.53
CA LEU A 65 23.76 -8.06 -36.74
C LEU A 65 22.61 -8.69 -35.93
N LEU A 66 21.89 -7.84 -35.19
CA LEU A 66 20.77 -8.37 -34.43
C LEU A 66 19.63 -8.90 -35.30
N THR A 67 19.35 -8.23 -36.38
CA THR A 67 18.25 -8.69 -37.23
C THR A 67 18.48 -10.12 -37.70
N ASP A 68 19.74 -10.39 -38.07
CA ASP A 68 20.13 -11.71 -38.55
C ASP A 68 20.43 -12.78 -37.49
N ASN A 69 20.78 -12.36 -36.26
CA ASN A 69 21.39 -13.25 -35.32
C ASN A 69 20.88 -13.19 -33.87
N TYR A 70 19.80 -12.47 -33.60
CA TYR A 70 19.44 -12.25 -32.24
C TYR A 70 18.44 -13.36 -31.86
N VAL A 71 17.78 -13.15 -30.73
CA VAL A 71 16.93 -14.17 -30.09
C VAL A 71 15.72 -14.64 -30.94
N GLU A 72 15.58 -15.96 -31.08
CA GLU A 72 14.43 -16.60 -31.68
C GLU A 72 13.51 -17.23 -30.60
N ASP A 73 12.25 -17.53 -30.95
CA ASP A 73 11.30 -18.19 -30.03
C ASP A 73 11.76 -19.64 -30.01
N ASP A 74 11.18 -20.46 -29.11
CA ASP A 74 11.66 -21.83 -28.85
C ASP A 74 11.56 -22.69 -30.09
N ASP A 75 10.70 -22.30 -31.01
CA ASP A 75 10.49 -23.12 -32.22
C ASP A 75 11.14 -22.60 -33.51
N ASN A 76 11.84 -21.46 -33.40
CA ASN A 76 12.62 -20.90 -34.47
C ASN A 76 11.73 -20.42 -35.59
N ILE A 77 10.62 -19.77 -35.25
CA ILE A 77 9.68 -19.29 -36.28
C ILE A 77 9.71 -17.76 -36.31
N PHE A 78 10.05 -17.17 -35.18
CA PHE A 78 10.13 -15.74 -35.07
C PHE A 78 11.51 -15.39 -34.58
N ARG A 79 12.04 -14.25 -35.06
CA ARG A 79 13.23 -13.65 -34.47
C ARG A 79 12.92 -12.18 -34.11
N PHE A 80 13.28 -11.76 -32.85
CA PHE A 80 13.20 -10.35 -32.48
C PHE A 80 13.85 -9.47 -33.53
N ASN A 81 13.17 -8.38 -33.86
CA ASN A 81 13.68 -7.40 -34.85
C ASN A 81 13.65 -5.90 -34.36
N TYR A 82 14.41 -5.60 -33.32
CA TYR A 82 14.46 -4.26 -32.75
C TYR A 82 14.82 -3.33 -33.91
N SER A 83 14.07 -2.25 -34.07
CA SER A 83 14.45 -1.20 -35.08
C SER A 83 15.70 -0.43 -34.72
N ALA A 84 16.37 0.15 -35.74
CA ALA A 84 17.52 1.01 -35.52
C ALA A 84 17.14 2.19 -34.62
N GLU A 85 15.95 2.79 -34.84
CA GLU A 85 15.51 3.90 -33.99
CA GLU A 85 15.53 3.89 -33.99
C GLU A 85 15.28 3.42 -32.54
N PHE A 86 14.76 2.21 -32.36
CA PHE A 86 14.64 1.61 -31.04
C PHE A 86 16.01 1.52 -30.36
N LEU A 87 16.98 1.02 -31.11
CA LEU A 87 18.36 0.90 -30.56
C LEU A 87 18.93 2.16 -30.07
N LEU A 88 18.74 3.21 -30.86
CA LEU A 88 19.14 4.55 -30.48
C LEU A 88 18.53 4.96 -29.14
N TRP A 89 17.21 4.84 -29.01
CA TRP A 89 16.50 5.17 -27.80
C TRP A 89 17.00 4.30 -26.65
N ALA A 90 17.14 3.02 -26.90
CA ALA A 90 17.51 2.08 -25.85
C ALA A 90 18.90 2.26 -25.26
N LEU A 91 19.82 2.73 -26.09
CA LEU A 91 21.23 2.81 -25.71
C LEU A 91 21.79 4.21 -25.37
N THR A 92 20.98 5.27 -25.48
CA THR A 92 21.50 6.67 -25.27
C THR A 92 20.65 7.38 -24.17
N SER A 93 20.24 6.60 -23.19
CA SER A 93 19.64 7.12 -21.93
C SER A 93 20.59 8.04 -21.16
N PRO A 94 20.07 8.83 -20.20
CA PRO A 94 20.92 9.74 -19.45
C PRO A 94 22.19 9.09 -18.90
N ASN A 95 23.30 9.81 -19.03
CA ASN A 95 24.59 9.35 -18.49
C ASN A 95 25.11 8.12 -19.16
N TYR A 96 24.54 7.71 -20.31
CA TYR A 96 25.13 6.54 -20.98
C TYR A 96 26.60 6.74 -21.30
N LEU A 97 27.34 5.65 -21.39
CA LEU A 97 28.72 5.61 -21.90
C LEU A 97 28.80 4.95 -23.32
N LYS A 98 29.34 5.70 -24.27
CA LYS A 98 29.61 5.12 -25.60
C LYS A 98 30.48 3.86 -25.48
N THR A 99 31.37 3.87 -24.52
CA THR A 99 32.32 2.74 -24.36
C THR A 99 31.73 1.43 -23.75
N TRP A 100 30.44 1.43 -23.37
CA TRP A 100 29.77 0.24 -22.93
C TRP A 100 28.96 -0.28 -24.12
N HIS A 101 29.27 0.22 -25.34
CA HIS A 101 28.53 -0.25 -26.55
C HIS A 101 29.63 -0.90 -27.41
N ILE A 102 29.79 -2.19 -27.22
CA ILE A 102 31.03 -2.95 -27.53
C ILE A 102 30.73 -3.89 -28.66
N GLY A 103 31.38 -3.73 -29.82
CA GLY A 103 31.24 -4.66 -30.88
C GLY A 103 32.54 -5.47 -31.04
N VAL A 104 32.48 -6.54 -31.82
CA VAL A 104 33.67 -7.29 -32.20
C VAL A 104 33.53 -7.45 -33.71
N LYS A 105 34.59 -7.06 -34.43
CA LYS A 105 34.59 -7.25 -35.87
C LYS A 105 35.55 -8.33 -36.26
N TYR A 106 35.21 -8.97 -37.37
CA TYR A 106 36.10 -9.88 -38.03
C TYR A 106 37.02 -9.06 -38.89
N ASP A 107 38.31 -9.11 -38.60
CA ASP A 107 39.19 -8.16 -39.31
C ASP A 107 39.15 -8.29 -40.86
N ALA A 108 39.18 -9.50 -41.39
CA ALA A 108 39.37 -9.70 -42.86
C ALA A 108 38.25 -9.14 -43.67
N SER A 109 37.03 -9.06 -43.10
CA SER A 109 35.87 -8.51 -43.82
C SER A 109 35.39 -7.14 -43.26
N ASN A 110 35.96 -6.73 -42.13
CA ASN A 110 35.57 -5.50 -41.46
C ASN A 110 34.12 -5.54 -41.00
N LYS A 111 33.57 -6.76 -40.87
N LYS A 111 33.56 -6.73 -40.86
CA LYS A 111 32.13 -7.00 -40.55
CA LYS A 111 32.15 -6.77 -40.47
C LYS A 111 31.97 -7.09 -39.03
C LYS A 111 31.96 -7.08 -39.01
N LEU A 112 30.88 -6.54 -38.48
CA LEU A 112 30.60 -6.67 -37.07
C LEU A 112 30.05 -8.11 -36.88
N ILE A 113 30.53 -8.85 -35.87
CA ILE A 113 30.11 -10.21 -35.72
C ILE A 113 29.69 -10.48 -34.27
N GLY A 114 29.83 -9.48 -33.41
CA GLY A 114 29.51 -9.66 -31.99
C GLY A 114 29.19 -8.32 -31.39
N PHE A 115 28.34 -8.35 -30.37
CA PHE A 115 27.88 -7.13 -29.75
C PHE A 115 27.49 -7.43 -28.29
N ILE A 116 27.69 -6.45 -27.41
CA ILE A 116 27.08 -6.47 -26.06
C ILE A 116 26.95 -5.04 -25.62
N SER A 117 25.96 -4.71 -24.79
CA SER A 117 25.77 -3.31 -24.39
C SER A 117 25.25 -3.20 -22.93
N ALA A 118 25.42 -2.03 -22.35
CA ALA A 118 24.89 -1.71 -21.01
C ALA A 118 24.67 -0.19 -20.92
N ILE A 119 23.70 0.22 -20.10
CA ILE A 119 23.46 1.59 -19.77
C ILE A 119 23.38 1.64 -18.24
N PRO A 120 23.79 2.76 -17.62
CA PRO A 120 23.72 2.80 -16.14
C PRO A 120 22.37 3.25 -15.60
N THR A 121 21.93 2.69 -14.48
CA THR A 121 20.72 3.18 -13.78
C THR A 121 20.74 2.85 -12.31
N ASP A 122 20.04 3.61 -11.51
CA ASP A 122 19.85 3.24 -10.11
C ASP A 122 18.84 2.08 -9.94
N ILE A 123 19.24 0.99 -9.28
CA ILE A 123 18.32 -0.15 -9.13
C ILE A 123 18.05 -0.33 -7.65
N CYS A 124 16.77 -0.33 -7.24
CA CYS A 124 16.39 -0.70 -5.87
C CYS A 124 16.05 -2.20 -5.76
N ILE A 125 16.81 -2.93 -4.92
CA ILE A 125 16.68 -4.37 -4.65
C ILE A 125 16.51 -4.56 -3.17
N HIS A 126 15.33 -5.06 -2.81
N HIS A 126 15.34 -5.08 -2.82
CA HIS A 126 14.98 -5.25 -1.39
CA HIS A 126 15.01 -5.26 -1.42
C HIS A 126 15.30 -3.98 -0.59
C HIS A 126 15.31 -4.00 -0.61
N LYS A 127 14.82 -2.85 -1.11
CA LYS A 127 14.91 -1.57 -0.42
C LYS A 127 16.34 -1.01 -0.36
N ARG A 128 17.28 -1.57 -1.11
CA ARG A 128 18.62 -1.02 -1.16
C ARG A 128 18.84 -0.52 -2.56
N THR A 129 19.19 0.76 -2.71
CA THR A 129 19.38 1.34 -4.08
C THR A 129 20.85 1.26 -4.42
N ILE A 130 21.13 0.66 -5.55
CA ILE A 130 22.51 0.44 -5.94
C ILE A 130 22.68 0.96 -7.36
N LYS A 131 23.82 1.62 -7.65
CA LYS A 131 24.09 1.99 -9.06
C LYS A 131 24.38 0.70 -9.84
N MET A 132 23.73 0.42 -10.96
CA MET A 132 24.00 -0.84 -11.65
C MET A 132 24.09 -0.55 -13.15
N ALA A 133 24.74 -1.48 -13.88
CA ALA A 133 24.59 -1.64 -15.34
C ALA A 133 23.42 -2.51 -15.71
N GLU A 134 22.61 -2.03 -16.66
CA GLU A 134 21.58 -2.81 -17.25
C GLU A 134 22.15 -3.33 -18.57
N VAL A 135 22.41 -4.62 -18.62
CA VAL A 135 23.03 -5.24 -19.82
C VAL A 135 21.99 -5.78 -20.77
N ASN A 136 22.27 -5.66 -22.06
CA ASN A 136 21.32 -6.13 -23.05
C ASN A 136 21.97 -6.34 -24.40
N PHE A 137 21.22 -6.97 -25.29
CA PHE A 137 21.68 -7.11 -26.72
C PHE A 137 22.98 -7.83 -26.91
N LEU A 138 23.41 -8.65 -25.97
CA LEU A 138 24.47 -9.67 -26.26
C LEU A 138 24.13 -10.54 -27.49
N CYS A 139 25.06 -10.62 -28.42
CA CYS A 139 24.73 -11.36 -29.65
C CYS A 139 26.00 -11.81 -30.32
N VAL A 140 26.10 -13.12 -30.59
CA VAL A 140 27.18 -13.58 -31.47
C VAL A 140 26.61 -14.12 -32.75
N HIS A 141 27.30 -13.90 -33.86
CA HIS A 141 26.83 -14.29 -35.17
C HIS A 141 26.57 -15.78 -35.20
N LYS A 142 25.50 -16.16 -35.92
CA LYS A 142 25.13 -17.56 -35.93
C LYS A 142 26.25 -18.46 -36.38
N THR A 143 27.17 -17.95 -37.18
CA THR A 143 28.22 -18.89 -37.74
C THR A 143 29.37 -19.10 -36.82
N LEU A 144 29.35 -18.42 -35.66
CA LEU A 144 30.44 -18.39 -34.70
C LEU A 144 30.04 -18.91 -33.32
N ARG A 145 28.88 -19.62 -33.27
CA ARG A 145 28.27 -20.01 -32.02
C ARG A 145 29.05 -21.17 -31.38
N SER A 146 28.95 -21.26 -30.02
CA SER A 146 29.61 -22.28 -29.15
C SER A 146 31.12 -22.26 -29.24
N LYS A 147 31.70 -21.09 -29.49
CA LYS A 147 33.16 -20.94 -29.52
C LYS A 147 33.71 -20.21 -28.31
N ARG A 148 32.86 -20.03 -27.31
CA ARG A 148 33.27 -19.37 -26.11
C ARG A 148 33.56 -17.88 -26.38
N LEU A 149 32.88 -17.29 -27.33
CA LEU A 149 33.01 -15.84 -27.51
C LEU A 149 32.19 -15.09 -26.52
N ALA A 150 31.04 -15.63 -26.09
CA ALA A 150 30.13 -14.83 -25.21
C ALA A 150 30.84 -14.48 -23.90
N PRO A 151 31.57 -15.44 -23.27
CA PRO A 151 32.30 -15.04 -22.04
C PRO A 151 33.31 -13.92 -22.21
N VAL A 152 33.89 -13.85 -23.38
CA VAL A 152 34.85 -12.76 -23.66
C VAL A 152 34.13 -11.36 -23.71
N LEU A 153 32.99 -11.30 -24.43
CA LEU A 153 32.11 -10.15 -24.38
C LEU A 153 31.69 -9.76 -22.94
N ILE A 154 31.37 -10.75 -22.14
CA ILE A 154 30.81 -10.51 -20.81
C ILE A 154 31.90 -10.04 -19.88
N LYS A 155 33.08 -10.67 -20.00
CA LYS A 155 34.20 -10.22 -19.18
C LYS A 155 34.65 -8.82 -19.54
N GLU A 156 34.58 -8.54 -20.83
CA GLU A 156 35.06 -7.23 -21.33
C GLU A 156 34.13 -6.10 -20.90
N ILE A 157 32.82 -6.33 -21.02
CA ILE A 157 31.91 -5.32 -20.55
C ILE A 157 31.97 -5.19 -19.01
N THR A 158 32.15 -6.29 -18.28
CA THR A 158 32.28 -6.22 -16.81
C THR A 158 33.46 -5.33 -16.48
N ARG A 159 34.58 -5.53 -17.17
CA ARG A 159 35.80 -4.73 -16.95
C ARG A 159 35.49 -3.24 -17.17
N ARG A 160 34.88 -2.91 -18.27
CA ARG A 160 34.57 -1.51 -18.57
C ARG A 160 33.56 -0.89 -17.60
N ILE A 161 32.57 -1.67 -17.16
CA ILE A 161 31.62 -1.16 -16.18
C ILE A 161 32.36 -0.90 -14.86
N ASN A 162 33.20 -1.86 -14.44
CA ASN A 162 33.94 -1.74 -13.17
C ASN A 162 34.84 -0.47 -13.16
N LEU A 163 35.33 -0.07 -14.33
CA LEU A 163 36.20 1.12 -14.50
C LEU A 163 35.44 2.39 -14.10
N GLU A 164 34.12 2.32 -14.14
CA GLU A 164 33.28 3.45 -13.67
C GLU A 164 32.83 3.27 -12.22
N ASN A 165 33.48 2.40 -11.45
CA ASN A 165 33.14 2.20 -10.05
C ASN A 165 31.69 1.69 -9.90
N ILE A 166 31.26 0.92 -10.89
CA ILE A 166 30.00 0.19 -10.79
C ILE A 166 30.30 -1.32 -10.75
N TRP A 167 29.69 -2.02 -9.80
CA TRP A 167 30.07 -3.40 -9.43
C TRP A 167 28.91 -4.40 -9.46
N GLN A 168 27.74 -3.92 -9.86
CA GLN A 168 26.54 -4.75 -9.96
C GLN A 168 25.91 -4.59 -11.34
N ALA A 169 25.19 -5.61 -11.80
CA ALA A 169 24.44 -5.47 -13.07
C ALA A 169 23.09 -6.14 -12.98
N ILE A 170 22.20 -5.81 -13.91
CA ILE A 170 20.91 -6.45 -13.95
C ILE A 170 20.70 -6.82 -15.41
N TYR A 171 20.13 -7.99 -15.64
CA TYR A 171 19.96 -8.53 -17.00
C TYR A 171 18.82 -9.59 -16.98
N THR A 172 18.20 -9.78 -18.14
CA THR A 172 17.23 -10.84 -18.30
C THR A 172 17.70 -11.78 -19.42
N ALA A 173 17.31 -13.05 -19.29
CA ALA A 173 17.37 -13.99 -20.42
C ALA A 173 16.24 -15.05 -20.31
N GLY A 174 15.94 -15.68 -21.44
CA GLY A 174 15.03 -16.78 -21.55
C GLY A 174 15.73 -18.04 -21.09
N VAL A 175 17.06 -18.08 -21.25
CA VAL A 175 17.82 -19.26 -20.73
C VAL A 175 18.01 -19.26 -19.23
N TYR A 176 18.14 -20.48 -18.70
CA TYR A 176 18.36 -20.68 -17.29
C TYR A 176 19.87 -20.56 -17.04
N LEU A 177 20.30 -19.76 -16.07
CA LEU A 177 21.72 -19.55 -15.77
C LEU A 177 21.72 -19.38 -14.26
N PRO A 178 22.88 -19.54 -13.65
CA PRO A 178 23.04 -19.17 -12.20
C PRO A 178 22.93 -17.67 -12.02
N LYS A 179 21.92 -17.17 -11.25
CA LYS A 179 20.71 -17.91 -10.79
C LYS A 179 19.59 -16.87 -10.71
N PRO A 180 18.39 -17.17 -11.23
CA PRO A 180 17.39 -16.11 -11.25
C PRO A 180 16.96 -15.60 -9.90
N VAL A 181 16.78 -14.27 -9.82
CA VAL A 181 16.10 -13.70 -8.66
C VAL A 181 14.60 -13.74 -8.76
N SER A 182 14.11 -13.92 -9.97
CA SER A 182 12.71 -14.05 -10.19
C SER A 182 12.60 -14.57 -11.62
N ASP A 183 11.42 -15.10 -11.92
CA ASP A 183 11.21 -15.85 -13.18
C ASP A 183 9.77 -15.59 -13.60
N ALA A 184 9.59 -14.91 -14.72
CA ALA A 184 8.29 -14.37 -15.12
C ALA A 184 7.85 -14.94 -16.47
N ARG A 185 6.80 -15.72 -16.48
CA ARG A 185 6.18 -16.21 -17.70
C ARG A 185 5.61 -15.02 -18.49
N TYR A 186 5.68 -15.15 -19.81
CA TYR A 186 4.99 -14.21 -20.66
C TYR A 186 3.66 -14.71 -21.19
N TYR A 187 2.81 -13.74 -21.58
CA TYR A 187 1.39 -13.92 -22.00
C TYR A 187 1.12 -12.98 -23.13
N HIS A 188 0.12 -13.33 -23.93
N HIS A 188 0.17 -13.30 -23.99
CA HIS A 188 -0.13 -12.66 -25.21
CA HIS A 188 -0.01 -12.46 -25.16
C HIS A 188 -1.60 -12.33 -25.37
C HIS A 188 -1.50 -12.30 -25.38
N ARG A 189 -1.92 -11.12 -25.83
CA ARG A 189 -3.35 -10.81 -26.07
C ARG A 189 -3.47 -10.55 -27.56
N SER A 190 -4.19 -11.42 -28.23
CA SER A 190 -4.35 -11.31 -29.69
C SER A 190 -5.13 -10.05 -30.03
N ILE A 191 -4.62 -9.30 -31.01
CA ILE A 191 -5.35 -8.17 -31.61
C ILE A 191 -5.82 -8.50 -33.01
N ASN A 192 -4.90 -8.85 -33.88
N ASN A 192 -4.90 -8.87 -33.90
CA ASN A 192 -5.26 -9.28 -35.22
CA ASN A 192 -5.17 -9.28 -35.29
C ASN A 192 -5.22 -10.79 -35.28
C ASN A 192 -5.22 -10.81 -35.34
N VAL A 193 -6.38 -11.33 -34.92
CA VAL A 193 -6.59 -12.74 -34.69
C VAL A 193 -6.25 -13.52 -35.96
N LYS A 194 -6.76 -13.06 -37.08
CA LYS A 194 -6.54 -13.77 -38.33
C LYS A 194 -5.03 -13.87 -38.72
N LYS A 195 -4.28 -12.77 -38.63
CA LYS A 195 -2.86 -12.84 -38.92
C LYS A 195 -2.17 -13.85 -37.99
N LEU A 196 -2.47 -13.77 -36.68
CA LEU A 196 -1.82 -14.63 -35.73
C LEU A 196 -2.05 -16.12 -36.07
N ILE A 197 -3.25 -16.45 -36.55
CA ILE A 197 -3.53 -17.81 -36.99
C ILE A 197 -2.75 -18.17 -38.24
N GLU A 198 -2.80 -17.30 -39.22
CA GLU A 198 -2.14 -17.57 -40.50
C GLU A 198 -0.61 -17.82 -40.36
N ILE A 199 -0.01 -17.15 -39.40
CA ILE A 199 1.45 -17.29 -39.18
C ILE A 199 1.82 -18.34 -38.08
N GLY A 200 0.85 -19.05 -37.49
CA GLY A 200 1.18 -20.07 -36.49
C GLY A 200 1.51 -19.49 -35.12
N PHE A 201 1.14 -18.23 -34.85
CA PHE A 201 1.34 -17.65 -33.49
C PHE A 201 0.23 -18.19 -32.61
N SER A 202 -0.99 -18.33 -33.12
CA SER A 202 -2.20 -18.74 -32.37
C SER A 202 -2.89 -19.92 -33.02
N SER A 203 -3.91 -20.46 -32.33
CA SER A 203 -4.60 -21.69 -32.71
C SER A 203 -6.14 -21.63 -32.80
N LEU A 204 -6.74 -22.30 -33.78
CA LEU A 204 -8.21 -22.58 -33.85
C LEU A 204 -8.57 -24.05 -33.52
N ASN A 205 -9.87 -24.33 -33.27
CA ASN A 205 -10.42 -25.69 -33.00
C ASN A 205 -11.92 -25.76 -33.37
N SER A 206 -12.46 -26.96 -33.51
CA SER A 206 -13.79 -27.12 -34.11
C SER A 206 -14.83 -26.30 -33.38
N ARG A 207 -14.57 -26.09 -32.09
CA ARG A 207 -15.36 -25.25 -31.20
C ARG A 207 -15.02 -23.75 -31.26
N LEU A 208 -13.82 -23.40 -31.73
CA LEU A 208 -13.46 -22.00 -32.00
C LEU A 208 -13.08 -21.91 -33.47
N THR A 209 -14.10 -21.62 -34.28
CA THR A 209 -13.96 -21.41 -35.71
C THR A 209 -13.28 -20.05 -35.90
N MET A 210 -12.80 -19.73 -37.11
CA MET A 210 -12.17 -18.37 -37.40
C MET A 210 -13.13 -17.23 -37.02
N SER A 211 -14.37 -17.31 -37.46
CA SER A 211 -15.31 -16.21 -37.16
C SER A 211 -15.49 -16.09 -35.66
N ARG A 212 -15.53 -17.17 -34.88
CA ARG A 212 -15.73 -17.05 -33.43
CA ARG A 212 -15.74 -16.86 -33.48
C ARG A 212 -14.50 -16.50 -32.70
N ALA A 213 -13.32 -16.91 -33.20
CA ALA A 213 -12.07 -16.43 -32.62
C ALA A 213 -11.99 -14.89 -32.83
N ILE A 214 -12.39 -14.48 -34.02
CA ILE A 214 -12.42 -13.02 -34.37
C ILE A 214 -13.37 -12.28 -33.39
N LYS A 215 -14.58 -12.84 -33.18
CA LYS A 215 -15.50 -12.29 -32.20
C LYS A 215 -14.99 -12.32 -30.78
N LEU A 216 -14.30 -13.37 -30.39
CA LEU A 216 -13.78 -13.47 -29.04
C LEU A 216 -12.84 -12.31 -28.72
N TYR A 217 -12.00 -11.99 -29.69
CA TYR A 217 -10.96 -10.98 -29.44
C TYR A 217 -11.28 -9.54 -29.81
N ARG A 218 -12.45 -9.34 -30.45
CA ARG A 218 -12.89 -8.00 -30.83
CA ARG A 218 -12.99 -8.01 -30.79
C ARG A 218 -12.94 -7.07 -29.60
N VAL A 219 -12.51 -5.83 -29.80
CA VAL A 219 -12.53 -4.82 -28.76
C VAL A 219 -13.29 -3.53 -29.19
N GLU A 220 -13.87 -2.88 -28.19
CA GLU A 220 -14.72 -1.74 -28.41
C GLU A 220 -13.76 -0.60 -28.57
N ASP A 221 -13.95 0.16 -29.60
CA ASP A 221 -13.11 1.37 -29.80
C ASP A 221 -13.39 2.59 -28.92
N THR A 222 -13.52 2.39 -27.62
CA THR A 222 -13.86 3.47 -26.70
C THR A 222 -13.10 3.19 -25.45
N LEU A 223 -12.34 4.17 -25.05
CA LEU A 223 -11.55 4.12 -23.83
C LEU A 223 -12.37 4.14 -22.58
N ASN A 224 -12.03 3.26 -21.63
CA ASN A 224 -12.53 3.40 -20.26
C ASN A 224 -12.15 4.70 -19.60
N ILE A 225 -10.92 5.16 -19.81
CA ILE A 225 -10.48 6.44 -19.26
C ILE A 225 -10.46 7.39 -20.48
N LYS A 226 -11.55 8.13 -20.57
N LYS A 226 -11.55 8.13 -20.64
CA LYS A 226 -11.92 8.95 -21.71
CA LYS A 226 -11.80 8.86 -21.90
C LYS A 226 -10.76 9.85 -22.18
C LYS A 226 -10.69 9.86 -22.23
N ASN A 227 -10.08 10.50 -21.23
CA ASN A 227 -9.06 11.54 -21.53
C ASN A 227 -7.59 11.06 -21.70
N MET A 228 -7.36 9.76 -21.63
N MET A 228 -7.38 9.75 -21.72
CA MET A 228 -6.01 9.19 -21.88
CA MET A 228 -6.03 9.20 -22.05
C MET A 228 -5.44 9.69 -23.22
C MET A 228 -5.48 9.86 -23.28
N ARG A 229 -4.27 10.36 -23.20
CA ARG A 229 -3.66 11.01 -24.40
C ARG A 229 -2.14 10.82 -24.42
N LEU A 230 -1.57 10.92 -25.60
CA LEU A 230 -0.07 10.89 -25.69
C LEU A 230 0.56 11.82 -24.69
N MET A 231 1.59 11.31 -24.02
CA MET A 231 2.36 12.10 -23.06
C MET A 231 3.11 13.20 -23.80
N LYS A 232 3.27 14.31 -23.12
CA LYS A 232 4.09 15.44 -23.59
C LYS A 232 5.09 15.87 -22.54
N LYS A 233 6.04 16.74 -22.90
CA LYS A 233 7.04 17.23 -21.94
C LYS A 233 6.44 17.77 -20.63
N LYS A 234 5.28 18.42 -20.73
CA LYS A 234 4.74 19.11 -19.59
C LYS A 234 4.32 18.09 -18.55
N ASP A 235 4.22 16.82 -18.94
CA ASP A 235 3.69 15.72 -18.02
C ASP A 235 4.83 14.95 -17.25
N VAL A 236 6.09 15.32 -17.56
CA VAL A 236 7.23 14.65 -16.96
C VAL A 236 7.20 14.70 -15.42
N GLU A 237 6.97 15.90 -14.82
CA GLU A 237 6.92 15.96 -13.33
C GLU A 237 5.83 15.01 -12.83
N GLY A 238 4.64 15.08 -13.43
CA GLY A 238 3.53 14.24 -12.98
C GLY A 238 3.74 12.75 -13.15
N VAL A 239 4.35 12.33 -14.26
CA VAL A 239 4.67 10.88 -14.43
C VAL A 239 5.72 10.46 -13.43
N HIS A 240 6.76 11.25 -13.22
CA HIS A 240 7.81 10.97 -12.22
C HIS A 240 7.16 10.69 -10.84
N LYS A 241 6.18 11.50 -10.47
CA LYS A 241 5.55 11.28 -9.19
CA LYS A 241 5.51 11.33 -9.18
C LYS A 241 4.62 10.08 -9.21
N LEU A 242 3.76 9.97 -10.24
CA LEU A 242 2.86 8.80 -10.29
C LEU A 242 3.60 7.44 -10.35
N LEU A 243 4.54 7.35 -11.28
CA LEU A 243 5.25 6.09 -11.53
C LEU A 243 6.21 5.85 -10.37
N GLY A 244 6.91 6.87 -9.95
CA GLY A 244 7.78 6.69 -8.73
C GLY A 244 7.13 6.17 -7.46
N SER A 245 5.91 6.64 -7.17
CA SER A 245 5.22 6.31 -5.93
CA SER A 245 5.19 6.31 -5.95
C SER A 245 4.74 4.86 -6.04
N TYR A 246 4.23 4.52 -7.20
CA TYR A 246 3.82 3.20 -7.52
C TYR A 246 4.91 2.14 -7.33
N LEU A 247 6.12 2.47 -7.79
CA LEU A 247 7.14 1.42 -7.89
C LEU A 247 7.72 1.08 -6.53
N GLU A 248 7.52 1.97 -5.56
CA GLU A 248 8.27 1.77 -4.28
C GLU A 248 7.83 0.48 -3.54
N GLN A 249 6.65 -0.02 -3.86
CA GLN A 249 6.17 -1.26 -3.27
C GLN A 249 6.92 -2.55 -3.70
N PHE A 250 7.62 -2.54 -4.84
CA PHE A 250 8.16 -3.79 -5.41
C PHE A 250 9.57 -4.10 -4.84
N ASN A 251 9.96 -5.36 -4.91
N ASN A 251 9.94 -5.39 -4.89
CA ASN A 251 11.26 -5.80 -4.49
CA ASN A 251 11.24 -5.94 -4.50
C ASN A 251 12.39 -5.34 -5.39
C ASN A 251 12.39 -5.65 -5.48
N LEU A 252 12.07 -5.07 -6.64
CA LEU A 252 13.06 -4.86 -7.68
C LEU A 252 12.49 -3.76 -8.59
N TYR A 253 13.17 -2.59 -8.66
CA TYR A 253 12.66 -1.50 -9.53
C TYR A 253 13.76 -0.51 -9.85
N ALA A 254 13.68 0.15 -11.01
CA ALA A 254 14.62 1.24 -11.35
C ALA A 254 14.13 2.52 -10.61
N VAL A 255 15.07 3.25 -10.04
CA VAL A 255 14.70 4.49 -9.33
C VAL A 255 14.91 5.65 -10.29
N PHE A 256 13.91 5.96 -11.12
CA PHE A 256 14.02 6.96 -12.19
C PHE A 256 14.24 8.42 -11.70
N THR A 257 15.24 9.10 -12.27
CA THR A 257 15.31 10.55 -12.23
C THR A 257 14.31 11.16 -13.19
N LYS A 258 14.04 12.48 -13.02
CA LYS A 258 13.15 13.14 -13.92
C LYS A 258 13.72 13.01 -15.35
N GLU A 259 15.05 13.09 -15.45
CA GLU A 259 15.72 13.09 -16.76
C GLU A 259 15.43 11.75 -17.44
N GLU A 260 15.46 10.69 -16.64
CA GLU A 260 15.18 9.36 -17.14
C GLU A 260 13.71 9.14 -17.48
N ILE A 261 12.82 9.68 -16.66
CA ILE A 261 11.38 9.67 -17.02
C ILE A 261 11.18 10.33 -18.43
N ALA A 262 11.84 11.49 -18.69
CA ALA A 262 11.63 12.11 -20.04
C ALA A 262 12.10 11.15 -21.13
N HIS A 263 13.27 10.59 -20.87
CA HIS A 263 13.93 9.82 -21.93
C HIS A 263 13.11 8.57 -22.17
N TRP A 264 12.84 7.86 -21.09
CA TRP A 264 12.12 6.59 -21.18
C TRP A 264 10.64 6.56 -21.59
N PHE A 265 9.95 7.65 -21.37
CA PHE A 265 8.47 7.74 -21.60
C PHE A 265 7.99 8.67 -22.69
N LEU A 266 8.74 9.72 -23.04
CA LEU A 266 8.23 10.68 -24.00
C LEU A 266 8.13 9.96 -25.38
N PRO A 267 6.95 10.02 -26.03
CA PRO A 267 6.69 9.14 -27.16
C PRO A 267 7.58 9.36 -28.35
N ILE A 268 8.00 8.24 -28.89
CA ILE A 268 8.69 8.16 -30.15
C ILE A 268 7.97 7.14 -31.05
N GLU A 269 7.47 7.60 -32.18
CA GLU A 269 6.73 6.72 -33.15
C GLU A 269 7.51 5.48 -33.47
N ASN A 270 6.83 4.33 -33.40
CA ASN A 270 7.39 2.96 -33.69
C ASN A 270 8.47 2.57 -32.72
N VAL A 271 8.46 3.19 -31.55
CA VAL A 271 9.45 2.88 -30.53
C VAL A 271 8.81 2.74 -29.15
N ILE A 272 8.28 3.85 -28.63
CA ILE A 272 7.68 3.96 -27.26
C ILE A 272 6.41 4.86 -27.24
N TYR A 273 5.31 4.34 -26.67
CA TYR A 273 4.04 5.05 -26.65
C TYR A 273 3.68 5.17 -25.16
N THR A 274 3.46 6.38 -24.68
CA THR A 274 3.02 6.63 -23.27
C THR A 274 1.82 7.52 -23.37
N TYR A 275 0.76 7.11 -22.68
CA TYR A 275 -0.48 7.86 -22.62
C TYR A 275 -0.75 8.18 -21.15
N VAL A 276 -1.37 9.34 -20.92
CA VAL A 276 -1.61 9.83 -19.55
C VAL A 276 -3.06 10.33 -19.36
N ASN A 277 -3.52 10.38 -18.13
CA ASN A 277 -4.77 10.99 -17.84
C ASN A 277 -4.47 12.12 -16.88
N GLU A 278 -4.78 13.34 -17.33
CA GLU A 278 -4.46 14.55 -16.57
C GLU A 278 -5.79 15.05 -16.00
N GLU A 279 -5.85 15.29 -14.69
CA GLU A 279 -7.06 15.74 -14.05
C GLU A 279 -6.63 16.79 -13.07
N ASN A 280 -7.21 18.01 -13.14
CA ASN A 280 -6.73 19.08 -12.25
C ASN A 280 -5.17 19.32 -12.22
N GLY A 281 -4.53 19.23 -13.37
CA GLY A 281 -3.11 19.48 -13.47
C GLY A 281 -2.29 18.39 -12.84
N LYS A 282 -2.96 17.29 -12.40
CA LYS A 282 -2.26 16.06 -11.89
C LYS A 282 -2.30 14.86 -12.86
N ILE A 283 -1.18 14.11 -13.02
CA ILE A 283 -1.19 12.92 -13.89
C ILE A 283 -1.68 11.78 -12.97
N LYS A 284 -2.87 11.29 -13.25
CA LYS A 284 -3.45 10.31 -12.33
C LYS A 284 -3.43 8.89 -12.89
N ASP A 285 -3.14 8.76 -14.20
CA ASP A 285 -3.14 7.40 -14.76
C ASP A 285 -2.18 7.44 -15.88
N MET A 286 -1.51 6.30 -16.15
CA MET A 286 -0.61 6.25 -17.27
C MET A 286 -0.56 4.84 -17.85
N ILE A 287 -0.37 4.77 -19.16
CA ILE A 287 -0.21 3.48 -19.85
C ILE A 287 1.06 3.62 -20.67
N SER A 288 1.87 2.59 -20.81
CA SER A 288 3.02 2.64 -21.74
C SER A 288 3.40 1.28 -22.25
N PHE A 289 3.82 1.29 -23.50
CA PHE A 289 4.24 0.04 -24.16
C PHE A 289 5.22 0.39 -25.21
N TYR A 290 6.08 -0.59 -25.56
CA TYR A 290 7.08 -0.33 -26.60
C TYR A 290 6.90 -1.25 -27.80
N SER A 291 7.45 -0.88 -28.94
CA SER A 291 7.28 -1.67 -30.15
C SER A 291 8.50 -2.55 -30.34
N LEU A 292 8.27 -3.87 -30.51
CA LEU A 292 9.36 -4.80 -30.80
C LEU A 292 8.76 -5.76 -31.76
N PRO A 293 8.97 -5.54 -33.09
CA PRO A 293 8.46 -6.46 -34.08
C PRO A 293 9.30 -7.72 -34.06
N SER A 294 8.72 -8.81 -34.53
CA SER A 294 9.48 -10.03 -34.79
C SER A 294 9.45 -10.30 -36.27
N GLN A 295 10.61 -10.65 -36.82
CA GLN A 295 10.66 -11.15 -38.17
C GLN A 295 10.06 -12.54 -38.17
N ILE A 296 9.19 -12.80 -39.13
CA ILE A 296 8.57 -14.12 -39.24
C ILE A 296 9.47 -14.85 -40.22
N LEU A 297 10.01 -16.01 -39.79
CA LEU A 297 10.98 -16.73 -40.62
C LEU A 297 10.18 -17.57 -41.61
N GLY A 298 10.33 -17.31 -42.90
CA GLY A 298 9.68 -18.16 -43.95
C GLY A 298 8.18 -18.45 -43.79
N ASN A 299 7.39 -17.39 -43.66
CA ASN A 299 5.96 -17.45 -43.92
C ASN A 299 5.75 -16.79 -45.27
N ASP A 300 5.06 -17.48 -46.20
CA ASP A 300 4.92 -16.92 -47.54
C ASP A 300 4.30 -15.48 -47.58
N LYS A 301 3.40 -15.14 -46.65
CA LYS A 301 2.54 -13.91 -46.75
C LYS A 301 3.03 -12.71 -45.96
N TYR A 302 3.57 -12.99 -44.81
CA TYR A 302 3.90 -11.98 -43.86
C TYR A 302 5.38 -12.07 -43.51
N SER A 303 6.10 -10.96 -43.53
CA SER A 303 7.46 -11.03 -43.04
C SER A 303 7.58 -10.55 -41.59
N THR A 304 6.61 -9.76 -41.09
CA THR A 304 6.82 -9.00 -39.81
C THR A 304 5.63 -9.13 -38.91
N LEU A 305 5.89 -9.31 -37.60
CA LEU A 305 4.82 -9.40 -36.69
C LEU A 305 4.95 -8.13 -35.90
N ASN A 306 3.89 -7.30 -35.89
CA ASN A 306 4.02 -6.06 -35.15
CA ASN A 306 3.87 -5.98 -35.24
C ASN A 306 3.44 -6.22 -33.78
N ALA A 307 4.31 -5.97 -32.78
CA ALA A 307 3.92 -6.35 -31.42
C ALA A 307 4.21 -5.20 -30.45
N ALA A 308 3.33 -5.03 -29.47
CA ALA A 308 3.45 -4.05 -28.41
C ALA A 308 3.82 -4.84 -27.18
N TYR A 309 4.77 -4.32 -26.41
CA TYR A 309 5.16 -4.94 -25.16
C TYR A 309 4.84 -3.96 -24.01
N SER A 310 4.04 -4.42 -23.07
CA SER A 310 3.64 -3.63 -21.91
C SER A 310 4.90 -3.20 -21.18
N PHE A 311 4.98 -1.91 -20.82
CA PHE A 311 6.13 -1.35 -20.13
C PHE A 311 5.65 -1.03 -18.71
N TYR A 312 5.15 0.16 -18.41
CA TYR A 312 4.65 0.56 -17.07
C TYR A 312 3.26 1.11 -17.20
N ASN A 313 2.39 0.64 -16.34
CA ASN A 313 0.96 0.95 -16.32
C ASN A 313 0.55 1.26 -14.87
N VAL A 314 -0.02 2.42 -14.60
CA VAL A 314 -0.46 2.80 -13.25
C VAL A 314 -1.86 3.48 -13.28
N THR A 315 -2.78 2.97 -12.47
CA THR A 315 -4.08 3.64 -12.35
C THR A 315 -4.41 4.11 -10.96
N THR A 316 -4.94 5.34 -10.84
CA THR A 316 -5.58 5.74 -9.57
C THR A 316 -7.05 6.07 -9.72
N THR A 317 -7.53 6.13 -10.94
CA THR A 317 -8.92 6.53 -11.13
C THR A 317 -9.80 5.43 -11.70
N ALA A 318 -9.24 4.24 -11.95
CA ALA A 318 -9.96 3.17 -12.63
C ALA A 318 -9.45 1.87 -12.06
N THR A 319 -10.01 0.71 -12.48
CA THR A 319 -9.46 -0.59 -12.07
C THR A 319 -8.27 -0.93 -12.96
N PHE A 320 -7.38 -1.78 -12.44
CA PHE A 320 -6.23 -2.16 -13.22
C PHE A 320 -6.72 -2.86 -14.49
N LYS A 321 -7.80 -3.66 -14.36
CA LYS A 321 -8.40 -4.33 -15.50
C LYS A 321 -8.84 -3.33 -16.56
N GLN A 322 -9.55 -2.30 -16.13
CA GLN A 322 -9.95 -1.19 -17.00
C GLN A 322 -8.73 -0.50 -17.68
N LEU A 323 -7.66 -0.27 -16.90
CA LEU A 323 -6.49 0.43 -17.44
C LEU A 323 -5.84 -0.46 -18.53
N MET A 324 -5.66 -1.73 -18.24
CA MET A 324 -5.01 -2.64 -19.22
C MET A 324 -5.89 -2.90 -20.47
N GLN A 325 -7.20 -2.89 -20.30
CA GLN A 325 -8.12 -2.94 -21.46
C GLN A 325 -7.94 -1.72 -22.39
N ASP A 326 -7.81 -0.52 -21.79
CA ASP A 326 -7.36 0.71 -22.52
C ASP A 326 -5.99 0.52 -23.16
N ALA A 327 -5.06 -0.16 -22.45
CA ALA A 327 -3.73 -0.35 -23.10
C ALA A 327 -3.84 -1.25 -24.37
N ILE A 328 -4.66 -2.29 -24.33
CA ILE A 328 -4.86 -3.12 -25.48
C ILE A 328 -5.49 -2.33 -26.62
N LEU A 329 -6.44 -1.47 -26.29
CA LEU A 329 -7.12 -0.65 -27.26
C LEU A 329 -6.17 0.29 -27.91
N LEU A 330 -5.30 0.91 -27.10
CA LEU A 330 -4.36 1.92 -27.64
C LEU A 330 -3.34 1.20 -28.53
N ALA A 331 -2.96 -0.01 -28.16
CA ALA A 331 -2.06 -0.82 -29.02
C ALA A 331 -2.79 -1.09 -30.33
N LYS A 332 -4.07 -1.44 -30.29
CA LYS A 332 -4.77 -1.75 -31.57
C LYS A 332 -4.88 -0.49 -32.47
N ARG A 333 -5.16 0.63 -31.84
CA ARG A 333 -5.32 1.89 -32.58
C ARG A 333 -4.02 2.20 -33.28
N ASN A 334 -2.91 1.72 -32.72
CA ASN A 334 -1.60 1.98 -33.33
C ASN A 334 -1.10 0.86 -34.20
N ASN A 335 -2.00 0.02 -34.69
N ASN A 335 -2.02 0.02 -34.66
CA ASN A 335 -1.67 -1.01 -35.68
CA ASN A 335 -1.78 -1.04 -35.61
C ASN A 335 -0.93 -2.27 -35.18
C ASN A 335 -0.82 -2.16 -35.17
N PHE A 336 -0.78 -2.47 -33.88
CA PHE A 336 -0.14 -3.71 -33.39
C PHE A 336 -1.04 -4.91 -33.54
N ASP A 337 -0.41 -6.08 -33.84
CA ASP A 337 -1.08 -7.37 -34.03
C ASP A 337 -1.30 -8.06 -32.71
N VAL A 338 -0.53 -7.71 -31.68
CA VAL A 338 -0.57 -8.46 -30.43
C VAL A 338 0.04 -7.60 -29.33
N PHE A 339 -0.44 -7.81 -28.11
CA PHE A 339 0.03 -7.18 -26.90
C PHE A 339 0.60 -8.21 -25.94
N ASN A 340 1.87 -8.04 -25.57
CA ASN A 340 2.64 -8.97 -24.82
C ASN A 340 2.90 -8.34 -23.45
N ALA A 341 2.92 -9.21 -22.47
CA ALA A 341 3.19 -8.78 -21.09
C ALA A 341 3.77 -9.93 -20.30
N LEU A 342 4.47 -9.60 -19.23
CA LEU A 342 4.98 -10.59 -18.36
C LEU A 342 4.16 -10.55 -17.08
N GLU A 343 4.23 -11.65 -16.31
CA GLU A 343 3.49 -11.73 -15.05
C GLU A 343 4.21 -10.95 -13.90
N VAL A 344 4.58 -9.70 -14.17
CA VAL A 344 5.21 -8.84 -13.21
C VAL A 344 4.20 -7.79 -12.75
N MET A 345 4.55 -7.15 -11.65
CA MET A 345 3.74 -6.15 -11.00
C MET A 345 2.32 -6.75 -10.82
N GLN A 346 1.27 -5.97 -11.16
CA GLN A 346 -0.13 -6.54 -11.04
C GLN A 346 -0.62 -7.22 -12.34
N ASN A 347 0.26 -7.47 -13.30
CA ASN A 347 -0.28 -7.89 -14.63
C ASN A 347 -1.07 -9.15 -14.62
N LYS A 348 -0.69 -10.13 -13.76
CA LYS A 348 -1.29 -11.44 -13.87
C LYS A 348 -2.75 -11.42 -13.52
N SER A 349 -3.08 -10.53 -12.58
CA SER A 349 -4.39 -10.38 -12.08
C SER A 349 -5.42 -10.10 -13.20
N VAL A 350 -5.01 -9.63 -14.37
CA VAL A 350 -6.00 -9.21 -15.46
C VAL A 350 -5.94 -10.15 -16.71
N PHE A 351 -4.97 -11.05 -16.73
CA PHE A 351 -4.71 -11.89 -17.90
C PHE A 351 -5.92 -12.73 -18.34
N GLU A 352 -6.52 -13.46 -17.38
CA GLU A 352 -7.73 -14.26 -17.70
C GLU A 352 -8.95 -13.43 -18.20
N ASP A 353 -9.32 -12.42 -17.42
CA ASP A 353 -10.47 -11.59 -17.78
C ASP A 353 -10.27 -10.90 -19.10
N LEU A 354 -9.03 -10.48 -19.41
CA LEU A 354 -8.74 -9.76 -20.65
C LEU A 354 -8.32 -10.66 -21.85
N LYS A 355 -8.52 -11.97 -21.71
CA LYS A 355 -8.30 -12.93 -22.82
C LYS A 355 -6.83 -13.04 -23.24
N PHE A 356 -5.92 -12.91 -22.29
CA PHE A 356 -4.51 -13.23 -22.60
C PHE A 356 -4.37 -14.74 -22.65
N GLY A 357 -3.45 -15.16 -23.50
CA GLY A 357 -3.06 -16.59 -23.59
C GLY A 357 -1.70 -16.81 -22.96
N GLU A 358 -1.52 -17.88 -22.21
CA GLU A 358 -0.16 -18.16 -21.72
C GLU A 358 0.83 -18.48 -22.84
N GLY A 359 2.06 -17.94 -22.77
CA GLY A 359 3.05 -18.25 -23.81
C GLY A 359 3.71 -19.63 -23.60
N ASP A 360 4.89 -19.82 -24.18
CA ASP A 360 5.58 -21.10 -24.10
CA ASP A 360 5.57 -21.09 -24.09
C ASP A 360 6.85 -21.04 -23.25
N GLY A 361 7.11 -19.92 -22.58
CA GLY A 361 8.32 -19.91 -21.78
C GLY A 361 8.31 -18.77 -20.78
N SER A 362 9.46 -18.54 -20.22
CA SER A 362 9.51 -17.47 -19.25
C SER A 362 10.82 -16.67 -19.37
N LEU A 363 10.75 -15.45 -18.84
CA LEU A 363 11.87 -14.59 -18.76
C LEU A 363 12.42 -14.58 -17.34
N LYS A 364 13.68 -14.97 -17.25
CA LYS A 364 14.43 -14.91 -16.01
C LYS A 364 15.07 -13.51 -15.78
N TYR A 365 14.99 -13.03 -14.55
CA TYR A 365 15.69 -11.85 -14.10
C TYR A 365 16.91 -12.21 -13.24
N TYR A 366 18.05 -11.53 -13.50
CA TYR A 366 19.37 -11.81 -12.92
C TYR A 366 20.00 -10.54 -12.37
N LEU A 367 20.75 -10.73 -11.29
CA LEU A 367 21.66 -9.74 -10.76
C LEU A 367 23.06 -10.36 -10.73
N TYR A 368 24.06 -9.53 -11.05
CA TYR A 368 25.49 -9.86 -11.02
C TYR A 368 26.08 -9.25 -9.77
N ASN A 369 26.81 -10.09 -9.03
CA ASN A 369 27.46 -9.71 -7.81
C ASN A 369 26.43 -9.20 -6.78
N TRP A 370 25.32 -9.94 -6.59
CA TRP A 370 24.38 -9.50 -5.57
C TRP A 370 23.78 -10.73 -5.01
N LYS A 371 23.76 -10.78 -3.67
CA LYS A 371 23.25 -11.94 -2.98
C LYS A 371 21.95 -11.52 -2.26
N CYS A 372 20.81 -12.18 -2.57
CA CYS A 372 19.53 -11.91 -1.87
C CYS A 372 18.52 -13.04 -2.01
N ALA A 373 17.41 -12.95 -1.26
CA ALA A 373 16.24 -13.82 -1.46
C ALA A 373 15.65 -13.68 -2.86
N SER A 374 15.28 -14.79 -3.49
CA SER A 374 14.50 -14.67 -4.72
C SER A 374 13.03 -14.44 -4.35
N PHE A 375 12.24 -14.10 -5.33
CA PHE A 375 10.83 -13.76 -5.02
C PHE A 375 9.97 -14.05 -6.23
N ALA A 376 8.65 -14.21 -5.99
CA ALA A 376 7.66 -14.40 -7.10
C ALA A 376 7.59 -13.14 -7.97
N PRO A 377 7.25 -13.29 -9.28
CA PRO A 377 7.41 -12.17 -10.26
C PRO A 377 6.44 -11.01 -10.02
N ALA A 378 5.36 -11.24 -9.28
CA ALA A 378 4.46 -10.10 -8.90
C ALA A 378 5.22 -9.05 -8.10
N HIS A 379 6.39 -9.41 -7.56
CA HIS A 379 7.19 -8.49 -6.73
C HIS A 379 8.27 -7.83 -7.55
N VAL A 380 8.37 -8.23 -8.85
CA VAL A 380 9.27 -7.54 -9.76
C VAL A 380 8.55 -6.26 -10.23
N GLY A 381 9.25 -5.13 -10.16
CA GLY A 381 8.68 -3.86 -10.67
C GLY A 381 9.62 -3.13 -11.65
N ILE A 382 10.28 -3.92 -12.50
CA ILE A 382 11.14 -3.40 -13.58
C ILE A 382 10.91 -4.25 -14.79
N VAL A 383 10.78 -3.60 -15.92
CA VAL A 383 10.64 -4.21 -17.26
C VAL A 383 11.82 -3.80 -18.13
N LEU A 384 12.70 -4.75 -18.47
CA LEU A 384 13.87 -4.48 -19.33
C LEU A 384 13.45 -4.69 -20.79
N LEU A 385 14.15 -4.09 -21.75
CA LEU A 385 13.69 -4.13 -23.16
C LEU A 385 14.01 -5.41 -23.93
N MET B 1 -26.88 -17.53 -14.77
CA MET B 1 -27.97 -17.77 -13.77
C MET B 1 -28.35 -16.52 -12.96
N ASP B 2 -29.37 -16.65 -12.13
CA ASP B 2 -30.22 -15.50 -11.82
C ASP B 2 -29.99 -14.87 -10.44
N TYR B 3 -29.40 -15.62 -9.52
CA TYR B 3 -29.24 -15.14 -8.16
C TYR B 3 -30.40 -14.35 -7.62
N LYS B 4 -31.55 -15.02 -7.54
CA LYS B 4 -32.76 -14.37 -7.14
C LYS B 4 -32.64 -13.93 -5.67
N PHE B 5 -31.99 -14.79 -4.87
CA PHE B 5 -31.78 -14.49 -3.48
C PHE B 5 -30.65 -13.45 -3.36
N TRP B 6 -29.48 -13.79 -3.89
CA TRP B 6 -28.29 -12.96 -3.67
C TRP B 6 -28.46 -11.51 -4.16
N TYR B 7 -29.09 -11.30 -5.32
N TYR B 7 -29.10 -11.36 -5.33
CA TYR B 7 -29.28 -9.92 -5.77
CA TYR B 7 -29.46 -10.05 -5.86
C TYR B 7 -30.27 -9.07 -4.92
C TYR B 7 -30.10 -9.11 -4.83
N THR B 8 -30.86 -9.66 -3.87
CA THR B 8 -31.61 -8.94 -2.83
C THR B 8 -30.76 -8.56 -1.65
N GLN B 9 -29.51 -9.02 -1.66
CA GLN B 9 -28.56 -8.80 -0.61
C GLN B 9 -27.54 -7.69 -0.94
N PRO B 10 -26.96 -7.01 0.09
CA PRO B 10 -25.95 -5.97 -0.16
C PRO B 10 -24.59 -6.59 -0.44
N VAL B 11 -24.46 -7.21 -1.63
CA VAL B 11 -23.25 -7.74 -2.16
C VAL B 11 -23.17 -7.23 -3.60
N PRO B 12 -21.97 -7.23 -4.17
CA PRO B 12 -21.84 -6.72 -5.56
C PRO B 12 -22.64 -7.58 -6.56
N LYS B 13 -23.11 -7.01 -7.65
CA LYS B 13 -23.64 -7.78 -8.77
C LYS B 13 -22.45 -8.37 -9.48
N ILE B 14 -22.74 -9.37 -10.30
CA ILE B 14 -21.76 -10.20 -11.01
C ILE B 14 -20.82 -9.34 -11.80
N ASN B 15 -21.34 -8.22 -12.32
CA ASN B 15 -20.59 -7.27 -13.12
C ASN B 15 -20.08 -6.00 -12.44
N ASP B 16 -20.41 -5.81 -11.18
CA ASP B 16 -19.78 -4.75 -10.40
C ASP B 16 -18.25 -4.91 -10.27
N GLU B 17 -17.52 -3.86 -10.56
CA GLU B 17 -16.08 -3.80 -10.25
CA GLU B 17 -16.08 -3.81 -10.23
C GLU B 17 -15.78 -2.43 -9.67
N PHE B 18 -14.97 -2.37 -8.61
CA PHE B 18 -14.63 -1.09 -7.95
C PHE B 18 -13.12 -0.79 -7.95
N ASN B 19 -12.75 0.49 -7.95
CA ASN B 19 -11.38 0.96 -7.86
CA ASN B 19 -11.33 0.80 -7.89
C ASN B 19 -10.82 0.84 -6.46
N GLU B 20 -9.49 1.01 -6.33
CA GLU B 20 -8.83 0.98 -5.06
C GLU B 20 -9.20 2.11 -4.12
N SER B 21 -9.81 3.14 -4.66
CA SER B 21 -10.31 4.24 -3.84
C SER B 21 -11.58 3.86 -3.07
N VAL B 22 -12.31 2.87 -3.56
CA VAL B 22 -13.61 2.52 -2.92
C VAL B 22 -13.38 1.43 -1.89
N ASN B 23 -13.77 1.70 -0.65
CA ASN B 23 -13.56 0.76 0.48
C ASN B 23 -14.54 1.10 1.57
N GLU B 24 -15.72 0.52 1.52
CA GLU B 24 -16.84 0.98 2.34
C GLU B 24 -18.07 0.03 2.23
N PRO B 25 -19.02 0.19 3.18
CA PRO B 25 -20.24 -0.66 3.11
C PRO B 25 -21.11 -0.35 1.93
N PHE B 26 -21.90 -1.31 1.49
CA PHE B 26 -23.03 -0.96 0.58
C PHE B 26 -24.07 -0.14 1.35
N ILE B 27 -24.42 -0.58 2.54
CA ILE B 27 -25.41 0.12 3.32
C ILE B 27 -24.77 0.52 4.66
N SER B 28 -24.74 1.83 4.93
CA SER B 28 -24.20 2.36 6.16
C SER B 28 -25.29 2.87 7.12
N ASP B 29 -24.88 3.40 8.27
CA ASP B 29 -25.83 4.05 9.17
C ASP B 29 -26.96 3.11 9.61
N ASN B 30 -26.58 1.82 9.75
CA ASN B 30 -27.46 0.78 10.24
C ASN B 30 -27.80 0.98 11.72
N LYS B 31 -28.98 0.51 12.16
CA LYS B 31 -29.39 0.71 13.55
C LYS B 31 -29.91 -0.60 14.15
N VAL B 32 -29.30 -1.02 15.24
CA VAL B 32 -29.74 -2.25 15.93
C VAL B 32 -31.25 -2.20 16.23
N GLU B 33 -31.74 -0.99 16.54
CA GLU B 33 -33.15 -0.76 16.98
CA GLU B 33 -33.13 -0.85 17.00
C GLU B 33 -34.11 -1.16 15.87
N ASP B 34 -33.63 -1.08 14.62
CA ASP B 34 -34.49 -1.30 13.48
C ASP B 34 -34.47 -2.79 12.97
N VAL B 35 -33.55 -3.61 13.51
CA VAL B 35 -33.40 -5.01 13.08
C VAL B 35 -34.67 -5.76 13.48
N ARG B 36 -35.12 -6.58 12.55
CA ARG B 36 -36.26 -7.50 12.77
C ARG B 36 -35.98 -8.26 14.09
N LYS B 37 -36.93 -8.17 15.04
CA LYS B 37 -36.82 -8.94 16.28
C LYS B 37 -37.46 -10.33 16.29
N ASP B 38 -38.10 -10.77 15.20
CA ASP B 38 -38.74 -12.12 15.12
C ASP B 38 -37.87 -12.99 14.25
N GLU B 39 -37.71 -14.24 14.62
CA GLU B 39 -37.06 -15.25 13.75
C GLU B 39 -37.70 -15.44 12.36
N TYR B 40 -36.89 -15.70 11.35
CA TYR B 40 -37.42 -16.07 10.05
C TYR B 40 -38.33 -17.27 10.14
N LYS B 41 -39.38 -17.19 9.34
CA LYS B 41 -40.36 -18.24 9.26
C LYS B 41 -39.75 -19.41 8.51
N LEU B 42 -39.95 -20.64 9.05
CA LEU B 42 -39.54 -21.86 8.41
C LEU B 42 -40.76 -22.55 7.82
N PRO B 43 -40.56 -23.56 6.96
CA PRO B 43 -41.74 -24.31 6.53
C PRO B 43 -42.41 -25.14 7.62
N PRO B 44 -43.68 -25.49 7.38
CA PRO B 44 -44.42 -26.31 8.30
C PRO B 44 -43.62 -27.54 8.80
N GLY B 45 -43.50 -27.70 10.11
CA GLY B 45 -42.86 -28.86 10.67
C GLY B 45 -41.38 -28.75 11.03
N TYR B 46 -40.78 -27.59 10.70
CA TYR B 46 -39.36 -27.32 11.02
C TYR B 46 -39.28 -26.26 12.08
N SER B 47 -38.26 -26.33 12.93
CA SER B 47 -38.09 -25.38 14.04
CA SER B 47 -38.06 -25.29 13.94
C SER B 47 -36.61 -24.96 14.13
N TRP B 48 -36.40 -23.73 14.60
CA TRP B 48 -35.06 -23.27 14.93
C TRP B 48 -34.68 -24.00 16.17
N TYR B 49 -33.38 -24.31 16.26
CA TYR B 49 -32.86 -24.90 17.48
C TYR B 49 -31.64 -24.16 17.92
N VAL B 50 -31.60 -23.84 19.22
CA VAL B 50 -30.40 -23.28 19.80
C VAL B 50 -29.30 -24.35 20.00
N CYS B 51 -28.30 -24.47 19.15
CA CYS B 51 -27.29 -25.50 19.43
C CYS B 51 -26.30 -25.01 20.47
N ASP B 52 -26.07 -25.84 21.49
CA ASP B 52 -25.10 -25.48 22.50
C ASP B 52 -23.87 -26.27 22.15
N VAL B 53 -22.91 -25.68 21.44
CA VAL B 53 -21.77 -26.51 21.05
C VAL B 53 -20.95 -27.10 22.21
N LYS B 54 -21.14 -26.59 23.41
CA LYS B 54 -20.40 -27.13 24.53
C LYS B 54 -21.09 -28.38 25.13
N ASP B 55 -22.34 -28.57 24.78
CA ASP B 55 -23.08 -29.75 25.06
C ASP B 55 -22.72 -30.95 24.16
N GLU B 56 -22.35 -32.08 24.77
CA GLU B 56 -21.92 -33.26 24.03
C GLU B 56 -22.97 -33.77 23.00
N LYS B 57 -24.20 -33.73 23.45
CA LYS B 57 -25.35 -34.22 22.70
C LYS B 57 -25.62 -33.29 21.49
N ASP B 58 -25.74 -31.98 21.77
CA ASP B 58 -25.94 -30.98 20.68
C ASP B 58 -24.78 -31.04 19.68
N ARG B 59 -23.57 -31.11 20.19
CA ARG B 59 -22.40 -31.17 19.34
C ARG B 59 -22.40 -32.43 18.49
N SER B 60 -22.87 -33.56 19.06
CA SER B 60 -22.88 -34.75 18.30
C SER B 60 -23.89 -34.69 17.16
N GLU B 61 -24.99 -33.96 17.33
N GLU B 61 -25.00 -33.96 17.38
CA GLU B 61 -25.96 -33.89 16.23
CA GLU B 61 -26.05 -33.74 16.34
C GLU B 61 -25.44 -33.02 15.10
C GLU B 61 -25.43 -33.04 15.15
N ILE B 62 -24.67 -31.99 15.45
CA ILE B 62 -24.02 -31.15 14.44
C ILE B 62 -23.00 -32.02 13.66
N TYR B 63 -22.18 -32.77 14.41
CA TYR B 63 -21.20 -33.69 13.80
C TYR B 63 -21.90 -34.66 12.81
N THR B 64 -22.98 -35.27 13.24
CA THR B 64 -23.66 -36.22 12.40
C THR B 64 -24.22 -35.56 11.13
N LEU B 65 -24.95 -34.43 11.31
CA LEU B 65 -25.44 -33.64 10.17
C LEU B 65 -24.31 -33.38 9.16
N LEU B 66 -23.21 -32.81 9.67
CA LEU B 66 -22.05 -32.51 8.80
C LEU B 66 -21.40 -33.72 8.16
N THR B 67 -21.11 -34.74 8.96
CA THR B 67 -20.50 -36.00 8.43
C THR B 67 -21.27 -36.51 7.25
N ASP B 68 -22.61 -36.44 7.37
CA ASP B 68 -23.49 -37.02 6.40
C ASP B 68 -23.85 -36.16 5.23
N ASN B 69 -23.76 -34.82 5.37
CA ASN B 69 -24.38 -33.92 4.48
C ASN B 69 -23.53 -32.72 4.07
N TYR B 70 -22.30 -32.60 4.59
CA TYR B 70 -21.44 -31.41 4.23
C TYR B 70 -20.75 -31.55 2.88
N VAL B 71 -19.74 -30.73 2.66
CA VAL B 71 -19.19 -30.57 1.34
C VAL B 71 -18.52 -31.80 0.80
N GLU B 72 -18.76 -32.12 -0.49
CA GLU B 72 -18.08 -33.22 -1.17
C GLU B 72 -17.18 -32.72 -2.29
N ASP B 73 -16.20 -33.48 -2.77
CA ASP B 73 -15.37 -32.95 -3.83
C ASP B 73 -16.21 -32.97 -5.14
N ASP B 74 -15.68 -32.36 -6.19
CA ASP B 74 -16.37 -32.19 -7.47
CA ASP B 74 -16.38 -32.20 -7.49
C ASP B 74 -16.78 -33.57 -8.02
N ASP B 75 -16.06 -34.59 -7.59
CA ASP B 75 -16.34 -35.95 -7.99
C ASP B 75 -17.18 -36.78 -7.11
N ASN B 76 -17.62 -36.24 -5.97
CA ASN B 76 -18.45 -37.02 -5.07
C ASN B 76 -17.78 -38.33 -4.65
N ILE B 77 -16.50 -38.27 -4.31
CA ILE B 77 -15.74 -39.41 -3.84
CA ILE B 77 -15.84 -39.44 -3.77
C ILE B 77 -15.29 -39.18 -2.39
N PHE B 78 -15.20 -37.91 -2.00
CA PHE B 78 -14.80 -37.58 -0.61
C PHE B 78 -15.78 -36.55 -0.02
N ARG B 79 -15.86 -36.49 1.31
CA ARG B 79 -16.72 -35.51 1.97
C ARG B 79 -16.01 -35.04 3.23
N PHE B 80 -15.94 -33.74 3.45
CA PHE B 80 -15.26 -33.25 4.64
C PHE B 80 -15.87 -33.90 5.89
N ASN B 81 -15.00 -34.26 6.82
CA ASN B 81 -15.47 -34.91 8.01
C ASN B 81 -14.86 -34.25 9.24
N TYR B 82 -15.13 -32.95 9.40
CA TYR B 82 -14.67 -32.22 10.61
C TYR B 82 -15.06 -33.05 11.90
N SER B 83 -14.13 -33.14 12.86
CA SER B 83 -14.38 -33.93 14.08
C SER B 83 -15.24 -33.12 15.01
N ALA B 84 -15.88 -33.80 15.95
CA ALA B 84 -16.66 -33.07 16.98
C ALA B 84 -15.73 -32.16 17.80
N GLU B 85 -14.50 -32.61 18.09
CA GLU B 85 -13.49 -31.83 18.85
CA GLU B 85 -13.57 -31.78 18.89
C GLU B 85 -13.12 -30.57 18.06
N PHE B 86 -12.95 -30.74 16.73
CA PHE B 86 -12.62 -29.62 15.88
C PHE B 86 -13.75 -28.58 15.90
N LEU B 87 -14.98 -29.03 15.71
CA LEU B 87 -16.15 -28.13 15.76
C LEU B 87 -16.24 -27.33 17.09
N LEU B 88 -15.98 -27.95 18.25
CA LEU B 88 -15.95 -27.18 19.54
C LEU B 88 -14.89 -26.06 19.44
N TRP B 89 -13.70 -26.44 18.96
CA TRP B 89 -12.62 -25.44 18.88
C TRP B 89 -13.01 -24.28 17.96
N ALA B 90 -13.46 -24.64 16.77
CA ALA B 90 -13.89 -23.73 15.74
C ALA B 90 -14.94 -22.66 16.15
N LEU B 91 -15.85 -23.02 17.01
CA LEU B 91 -17.03 -22.23 17.25
C LEU B 91 -17.03 -21.57 18.67
N THR B 92 -15.95 -21.79 19.45
CA THR B 92 -15.91 -21.21 20.82
C THR B 92 -14.71 -20.31 21.05
N SER B 93 -14.32 -19.62 19.98
CA SER B 93 -13.23 -18.66 20.00
C SER B 93 -13.65 -17.48 20.88
N PRO B 94 -12.68 -16.62 21.27
CA PRO B 94 -13.00 -15.56 22.21
C PRO B 94 -14.22 -14.67 21.80
N ASN B 95 -15.05 -14.35 22.79
CA ASN B 95 -16.25 -13.57 22.62
C ASN B 95 -17.30 -14.16 21.66
N TYR B 96 -17.27 -15.48 21.45
CA TYR B 96 -18.26 -16.07 20.55
C TYR B 96 -19.64 -15.84 21.12
N LEU B 97 -20.63 -15.83 20.22
CA LEU B 97 -22.06 -15.83 20.62
C LEU B 97 -22.75 -17.18 20.44
N LYS B 98 -23.48 -17.61 21.47
CA LYS B 98 -24.16 -18.85 21.40
C LYS B 98 -25.38 -18.73 20.47
N THR B 99 -25.89 -17.50 20.31
CA THR B 99 -27.00 -17.20 19.39
C THR B 99 -26.61 -17.39 17.92
N TRP B 100 -25.32 -17.43 17.63
CA TRP B 100 -24.84 -17.57 16.22
C TRP B 100 -24.55 -19.01 15.86
N HIS B 101 -24.93 -19.97 16.72
CA HIS B 101 -24.76 -21.36 16.39
C HIS B 101 -26.16 -21.94 16.16
N ILE B 102 -26.55 -22.05 14.90
CA ILE B 102 -28.00 -22.15 14.56
C ILE B 102 -28.38 -23.48 13.94
N GLY B 103 -29.27 -24.18 14.64
CA GLY B 103 -29.78 -25.42 14.10
C GLY B 103 -31.18 -25.29 13.53
N VAL B 104 -31.51 -26.23 12.65
CA VAL B 104 -32.92 -26.44 12.28
C VAL B 104 -33.29 -27.89 12.45
N LYS B 105 -34.32 -28.16 13.23
CA LYS B 105 -34.79 -29.56 13.42
C LYS B 105 -36.07 -29.80 12.63
N TYR B 106 -36.23 -31.01 12.14
CA TYR B 106 -37.52 -31.56 11.72
C TYR B 106 -38.26 -32.09 12.97
N ASP B 107 -39.37 -31.43 13.28
CA ASP B 107 -39.98 -31.61 14.57
C ASP B 107 -40.51 -33.01 14.82
N ALA B 108 -41.01 -33.66 13.76
CA ALA B 108 -41.67 -34.98 13.90
C ALA B 108 -40.71 -36.05 14.42
N SER B 109 -39.47 -36.02 13.96
CA SER B 109 -38.43 -36.99 14.33
C SER B 109 -37.36 -36.41 15.28
N ASN B 110 -37.41 -35.12 15.57
CA ASN B 110 -36.46 -34.50 16.51
C ASN B 110 -34.97 -34.44 16.05
N LYS B 111 -34.80 -34.43 14.74
CA LYS B 111 -33.53 -34.65 14.06
C LYS B 111 -33.01 -33.31 13.46
N LEU B 112 -31.74 -33.06 13.61
CA LEU B 112 -31.15 -31.85 13.08
C LEU B 112 -30.99 -31.97 11.54
N ILE B 113 -31.63 -31.09 10.74
CA ILE B 113 -31.50 -31.17 9.27
C ILE B 113 -30.77 -29.95 8.62
N GLY B 114 -30.46 -28.99 9.46
CA GLY B 114 -29.85 -27.77 8.91
C GLY B 114 -29.01 -27.13 9.97
N PHE B 115 -27.99 -26.38 9.55
CA PHE B 115 -27.04 -25.73 10.50
C PHE B 115 -26.41 -24.55 9.75
N ILE B 116 -26.15 -23.48 10.49
CA ILE B 116 -25.21 -22.42 10.02
C ILE B 116 -24.59 -21.83 11.27
N SER B 117 -23.34 -21.32 11.16
CA SER B 117 -22.69 -20.78 12.31
C SER B 117 -21.81 -19.59 11.92
N ALA B 118 -21.41 -18.83 12.94
CA ALA B 118 -20.51 -17.68 12.81
C ALA B 118 -19.80 -17.41 14.12
N ILE B 119 -18.60 -16.81 14.01
CA ILE B 119 -17.92 -16.25 15.22
C ILE B 119 -17.45 -14.85 14.83
N PRO B 120 -17.26 -13.94 15.82
CA PRO B 120 -16.85 -12.59 15.50
C PRO B 120 -15.34 -12.40 15.44
N THR B 121 -14.87 -11.47 14.64
CA THR B 121 -13.44 -11.15 14.66
C THR B 121 -13.22 -9.77 14.03
N ASP B 122 -12.09 -9.15 14.31
CA ASP B 122 -11.69 -7.91 13.60
C ASP B 122 -11.04 -8.33 12.28
N ILE B 123 -11.58 -7.84 11.20
CA ILE B 123 -11.09 -8.14 9.83
C ILE B 123 -10.59 -6.84 9.21
N CYS B 124 -9.33 -6.78 8.81
CA CYS B 124 -8.73 -5.61 8.13
C CYS B 124 -8.79 -5.86 6.60
N ILE B 125 -9.54 -5.01 5.89
CA ILE B 125 -9.72 -5.09 4.42
C ILE B 125 -9.24 -3.74 3.83
N HIS B 126 -8.22 -3.83 2.96
N HIS B 126 -8.25 -3.84 2.94
CA HIS B 126 -7.51 -2.66 2.37
CA HIS B 126 -7.53 -2.68 2.39
C HIS B 126 -7.25 -1.64 3.49
C HIS B 126 -7.27 -1.66 3.51
N LYS B 127 -6.64 -2.12 4.57
CA LYS B 127 -6.22 -1.23 5.68
C LYS B 127 -7.31 -0.63 6.57
N ARG B 128 -8.58 -1.02 6.36
CA ARG B 128 -9.64 -0.61 7.27
C ARG B 128 -10.05 -1.75 8.12
N THR B 129 -10.10 -1.53 9.44
CA THR B 129 -10.40 -2.66 10.32
C THR B 129 -11.86 -2.60 10.69
N ILE B 130 -12.55 -3.71 10.53
CA ILE B 130 -14.00 -3.78 10.72
C ILE B 130 -14.39 -5.03 11.51
N LYS B 131 -15.30 -4.85 12.49
CA LYS B 131 -15.82 -6.04 13.23
C LYS B 131 -16.70 -6.86 12.30
N MET B 132 -16.39 -8.16 12.14
CA MET B 132 -17.15 -8.95 11.22
C MET B 132 -17.53 -10.29 11.84
N ALA B 133 -18.64 -10.85 11.34
CA ALA B 133 -18.91 -12.28 11.56
C ALA B 133 -18.19 -13.11 10.48
N GLU B 134 -17.55 -14.19 10.91
CA GLU B 134 -16.96 -15.17 10.04
C GLU B 134 -17.93 -16.34 10.00
N VAL B 135 -18.55 -16.54 8.83
CA VAL B 135 -19.66 -17.54 8.68
C VAL B 135 -19.13 -18.86 8.11
N ASN B 136 -19.60 -20.00 8.64
CA ASN B 136 -19.04 -21.31 8.23
C ASN B 136 -20.05 -22.42 8.57
N PHE B 137 -19.93 -23.55 7.85
CA PHE B 137 -20.63 -24.77 8.25
C PHE B 137 -22.13 -24.70 7.91
N LEU B 138 -22.48 -23.83 6.99
CA LEU B 138 -23.87 -23.90 6.44
C LEU B 138 -24.06 -25.30 5.81
N CYS B 139 -25.16 -25.93 6.19
CA CYS B 139 -25.40 -27.32 5.75
C CYS B 139 -26.88 -27.62 5.79
N VAL B 140 -27.40 -28.02 4.65
CA VAL B 140 -28.80 -28.55 4.58
C VAL B 140 -28.81 -30.09 4.33
N HIS B 141 -29.65 -30.85 5.02
CA HIS B 141 -29.73 -32.31 4.80
C HIS B 141 -29.89 -32.59 3.28
N LYS B 142 -29.18 -33.57 2.79
CA LYS B 142 -29.24 -33.96 1.37
C LYS B 142 -30.67 -34.24 0.90
N THR B 143 -31.50 -34.79 1.79
CA THR B 143 -32.93 -35.08 1.43
C THR B 143 -33.84 -33.83 1.24
N LEU B 144 -33.30 -32.64 1.58
CA LEU B 144 -34.06 -31.38 1.70
C LEU B 144 -33.43 -30.31 0.80
N ARG B 145 -32.64 -30.75 -0.17
CA ARG B 145 -31.95 -29.79 -1.08
C ARG B 145 -32.77 -29.07 -2.14
N SER B 146 -32.30 -27.88 -2.53
CA SER B 146 -33.01 -27.10 -3.53
C SER B 146 -34.45 -26.76 -3.09
N LYS B 147 -34.67 -26.50 -1.80
CA LYS B 147 -35.97 -26.12 -1.30
C LYS B 147 -35.96 -24.73 -0.73
N ARG B 148 -34.90 -23.95 -1.03
CA ARG B 148 -34.74 -22.57 -0.58
C ARG B 148 -34.64 -22.47 0.95
N LEU B 149 -34.19 -23.54 1.61
CA LEU B 149 -33.84 -23.48 3.02
C LEU B 149 -32.62 -22.60 3.31
N ALA B 150 -31.58 -22.71 2.47
CA ALA B 150 -30.33 -21.94 2.73
C ALA B 150 -30.60 -20.40 2.84
N PRO B 151 -31.48 -19.82 2.00
CA PRO B 151 -31.65 -18.36 2.25
C PRO B 151 -32.27 -18.08 3.61
N VAL B 152 -33.03 -19.04 4.16
CA VAL B 152 -33.69 -18.75 5.42
C VAL B 152 -32.61 -18.75 6.51
N LEU B 153 -31.68 -19.68 6.38
CA LEU B 153 -30.55 -19.82 7.28
C LEU B 153 -29.62 -18.62 7.24
N ILE B 154 -29.34 -18.18 6.05
CA ILE B 154 -28.56 -16.95 5.86
C ILE B 154 -29.26 -15.71 6.45
N LYS B 155 -30.56 -15.51 6.15
CA LYS B 155 -31.18 -14.31 6.58
C LYS B 155 -31.33 -14.34 8.11
N GLU B 156 -31.58 -15.50 8.68
CA GLU B 156 -31.68 -15.57 10.16
C GLU B 156 -30.35 -15.27 10.81
N ILE B 157 -29.25 -15.82 10.30
CA ILE B 157 -28.02 -15.56 11.03
C ILE B 157 -27.63 -14.07 10.84
N THR B 158 -27.92 -13.51 9.66
CA THR B 158 -27.68 -12.06 9.42
C THR B 158 -28.41 -11.22 10.44
N ARG B 159 -29.70 -11.52 10.64
CA ARG B 159 -30.47 -10.81 11.67
C ARG B 159 -29.79 -10.90 13.00
N ARG B 160 -29.38 -12.11 13.40
CA ARG B 160 -28.77 -12.32 14.68
C ARG B 160 -27.41 -11.68 14.87
N ILE B 161 -26.65 -11.64 13.80
CA ILE B 161 -25.38 -10.84 13.75
C ILE B 161 -25.64 -9.34 13.87
N ASN B 162 -26.65 -8.87 13.13
CA ASN B 162 -26.96 -7.42 13.18
C ASN B 162 -27.43 -6.93 14.57
N LEU B 163 -27.96 -7.83 15.38
CA LEU B 163 -28.39 -7.42 16.75
C LEU B 163 -27.22 -7.27 17.66
N GLU B 164 -26.04 -7.62 17.16
CA GLU B 164 -24.77 -7.33 17.85
C GLU B 164 -24.08 -6.08 17.31
N ASN B 165 -24.80 -5.33 16.48
CA ASN B 165 -24.28 -4.11 15.85
C ASN B 165 -23.11 -4.45 14.94
N ILE B 166 -23.23 -5.54 14.21
CA ILE B 166 -22.22 -5.97 13.30
C ILE B 166 -22.86 -6.17 11.97
N TRP B 167 -22.35 -5.44 10.99
CA TRP B 167 -23.02 -5.27 9.68
C TRP B 167 -22.29 -5.85 8.44
N GLN B 168 -21.16 -6.50 8.69
CA GLN B 168 -20.30 -7.15 7.66
C GLN B 168 -19.94 -8.57 8.01
N ALA B 169 -19.63 -9.43 7.01
CA ALA B 169 -19.15 -10.72 7.36
C ALA B 169 -18.21 -11.20 6.26
N ILE B 170 -17.49 -12.28 6.55
CA ILE B 170 -16.57 -12.88 5.62
C ILE B 170 -16.86 -14.37 5.57
N TYR B 171 -16.61 -15.01 4.41
CA TYR B 171 -16.96 -16.40 4.23
C TYR B 171 -16.30 -16.89 3.00
N THR B 172 -16.11 -18.20 2.90
CA THR B 172 -15.57 -18.76 1.64
C THR B 172 -16.49 -19.80 1.14
N ALA B 173 -16.33 -20.19 -0.13
CA ALA B 173 -17.11 -21.24 -0.69
C ALA B 173 -16.42 -21.68 -1.98
N GLY B 174 -16.62 -22.91 -2.35
CA GLY B 174 -16.12 -23.42 -3.62
C GLY B 174 -17.04 -23.00 -4.77
N VAL B 175 -18.28 -22.68 -4.50
CA VAL B 175 -19.20 -22.25 -5.56
C VAL B 175 -19.05 -20.75 -5.77
N TYR B 176 -19.30 -20.38 -7.01
CA TYR B 176 -19.31 -19.00 -7.44
C TYR B 176 -20.64 -18.28 -7.09
N LEU B 177 -20.52 -17.24 -6.29
CA LEU B 177 -21.64 -16.40 -5.82
C LEU B 177 -21.26 -14.93 -6.05
N PRO B 178 -22.24 -14.02 -5.99
CA PRO B 178 -21.92 -12.64 -6.14
C PRO B 178 -21.33 -12.15 -4.83
N LYS B 179 -20.11 -11.60 -4.80
CA LYS B 179 -19.07 -11.65 -5.89
C LYS B 179 -17.74 -11.76 -5.16
N PRO B 180 -16.83 -12.69 -5.62
CA PRO B 180 -15.57 -12.86 -4.82
C PRO B 180 -14.68 -11.61 -4.71
N VAL B 181 -14.10 -11.38 -3.55
CA VAL B 181 -13.06 -10.37 -3.50
C VAL B 181 -11.72 -10.94 -3.91
N SER B 182 -11.58 -12.24 -3.80
CA SER B 182 -10.42 -12.96 -4.31
C SER B 182 -10.82 -14.40 -4.54
N ASP B 183 -10.00 -15.12 -5.27
CA ASP B 183 -10.28 -16.47 -5.61
C ASP B 183 -8.92 -17.19 -5.59
N ALA B 184 -8.79 -18.27 -4.80
CA ALA B 184 -7.52 -18.96 -4.60
C ALA B 184 -7.61 -20.44 -4.94
N ARG B 185 -6.79 -20.91 -5.89
CA ARG B 185 -6.76 -22.36 -6.16
C ARG B 185 -6.11 -23.12 -4.98
N TYR B 186 -6.56 -24.34 -4.76
CA TYR B 186 -5.92 -25.20 -3.77
C TYR B 186 -4.99 -26.23 -4.44
N TYR B 187 -3.95 -26.59 -3.65
CA TYR B 187 -2.86 -27.48 -4.04
C TYR B 187 -2.64 -28.53 -2.89
N HIS B 188 -2.11 -29.69 -3.27
N HIS B 188 -2.19 -29.74 -3.23
CA HIS B 188 -1.98 -30.83 -2.42
CA HIS B 188 -2.08 -30.85 -2.29
C HIS B 188 -0.56 -31.29 -2.50
C HIS B 188 -0.73 -31.50 -2.47
N ARG B 189 -0.02 -31.68 -1.35
CA ARG B 189 1.32 -32.34 -1.34
C ARG B 189 1.19 -33.79 -0.79
N SER B 190 1.45 -34.80 -1.65
CA SER B 190 1.24 -36.19 -1.22
C SER B 190 2.25 -36.52 -0.15
N ILE B 191 1.79 -37.23 0.88
CA ILE B 191 2.68 -37.76 1.87
C ILE B 191 2.69 -39.30 1.79
N ASN B 192 1.51 -39.92 1.97
CA ASN B 192 1.34 -41.37 1.88
C ASN B 192 0.83 -41.71 0.47
N VAL B 193 1.78 -41.85 -0.45
CA VAL B 193 1.46 -41.87 -1.89
C VAL B 193 0.57 -43.04 -2.21
N LYS B 194 0.96 -44.21 -1.71
CA LYS B 194 0.22 -45.43 -2.03
C LYS B 194 -1.27 -45.32 -1.73
N LYS B 195 -1.57 -44.89 -0.51
CA LYS B 195 -2.94 -44.71 -0.11
C LYS B 195 -3.65 -43.76 -1.07
N LEU B 196 -3.02 -42.62 -1.38
CA LEU B 196 -3.66 -41.62 -2.17
C LEU B 196 -3.95 -42.14 -3.62
N ILE B 197 -3.07 -43.01 -4.12
CA ILE B 197 -3.30 -43.71 -5.41
C ILE B 197 -4.52 -44.58 -5.33
N GLU B 198 -4.54 -45.39 -4.27
CA GLU B 198 -5.52 -46.45 -4.10
C GLU B 198 -6.90 -45.89 -3.90
N ILE B 199 -6.99 -44.67 -3.38
CA ILE B 199 -8.30 -44.00 -3.21
C ILE B 199 -8.71 -43.12 -4.36
N GLY B 200 -7.86 -43.06 -5.38
CA GLY B 200 -8.12 -42.17 -6.52
C GLY B 200 -8.00 -40.68 -6.19
N PHE B 201 -7.32 -40.32 -5.11
CA PHE B 201 -6.93 -38.91 -4.91
C PHE B 201 -5.79 -38.49 -5.81
N SER B 202 -4.82 -39.39 -5.97
CA SER B 202 -3.65 -39.11 -6.81
C SER B 202 -3.62 -40.12 -7.93
N SER B 203 -2.81 -39.91 -8.95
CA SER B 203 -2.83 -40.87 -10.06
C SER B 203 -1.40 -41.23 -10.58
N LEU B 204 -1.24 -42.44 -11.14
CA LEU B 204 0.03 -42.92 -11.76
C LEU B 204 0.01 -42.92 -13.31
N ASN B 205 1.17 -43.14 -13.94
CA ASN B 205 1.27 -43.38 -15.41
C ASN B 205 2.44 -44.31 -15.83
N SER B 206 2.62 -44.58 -17.14
CA SER B 206 3.69 -45.48 -17.64
C SER B 206 5.09 -45.00 -17.23
N ARG B 207 5.31 -43.68 -17.18
CA ARG B 207 6.52 -43.09 -16.56
C ARG B 207 6.51 -43.08 -15.02
N LEU B 208 5.41 -42.63 -14.39
CA LEU B 208 5.40 -42.63 -12.93
C LEU B 208 4.74 -43.90 -12.46
N THR B 209 5.55 -44.95 -12.29
CA THR B 209 5.14 -46.22 -11.68
C THR B 209 4.94 -46.05 -10.17
N MET B 210 4.34 -47.06 -9.53
CA MET B 210 4.08 -46.95 -8.11
C MET B 210 5.37 -46.70 -7.28
N SER B 211 6.44 -47.46 -7.52
CA SER B 211 7.68 -47.28 -6.77
C SER B 211 8.31 -45.89 -7.03
N ARG B 212 8.21 -45.43 -8.28
CA ARG B 212 8.74 -44.12 -8.64
C ARG B 212 7.99 -42.98 -8.03
N ALA B 213 6.67 -43.15 -7.90
CA ALA B 213 5.88 -42.18 -7.19
C ALA B 213 6.28 -42.07 -5.70
N ILE B 214 6.48 -43.20 -5.06
CA ILE B 214 6.89 -43.24 -3.65
C ILE B 214 8.22 -42.55 -3.48
N LYS B 215 9.15 -42.85 -4.38
CA LYS B 215 10.43 -42.15 -4.34
C LYS B 215 10.25 -40.67 -4.50
N LEU B 216 9.47 -40.26 -5.48
CA LEU B 216 9.34 -38.85 -5.81
C LEU B 216 8.91 -38.10 -4.54
N TYR B 217 7.97 -38.65 -3.77
CA TYR B 217 7.40 -37.92 -2.61
C TYR B 217 8.01 -38.26 -1.29
N ARG B 218 9.14 -38.96 -1.28
CA ARG B 218 9.86 -39.31 -0.07
C ARG B 218 10.43 -38.06 0.53
N VAL B 219 10.43 -38.00 1.86
CA VAL B 219 10.90 -36.77 2.50
C VAL B 219 11.96 -37.17 3.56
N GLU B 220 13.03 -36.39 3.62
CA GLU B 220 14.04 -36.64 4.61
C GLU B 220 13.51 -36.28 6.01
N ASP B 221 13.64 -37.20 6.97
CA ASP B 221 13.13 -36.97 8.35
C ASP B 221 14.00 -36.04 9.24
N THR B 222 14.48 -34.90 8.68
CA THR B 222 15.30 -33.96 9.44
C THR B 222 14.82 -32.56 9.14
N LEU B 223 14.60 -31.76 10.17
CA LEU B 223 14.05 -30.41 10.00
C LEU B 223 15.11 -29.46 9.49
N ASN B 224 14.68 -28.53 8.64
CA ASN B 224 15.57 -27.42 8.26
C ASN B 224 15.85 -26.49 9.41
N ILE B 225 14.84 -26.18 10.16
CA ILE B 225 15.01 -25.31 11.37
C ILE B 225 14.95 -26.27 12.53
N LYS B 226 16.14 -26.61 13.03
CA LYS B 226 16.24 -27.79 13.90
C LYS B 226 15.47 -27.67 15.17
N ASN B 227 15.34 -26.48 15.71
CA ASN B 227 14.70 -26.33 17.05
C ASN B 227 13.16 -26.12 16.98
N MET B 228 12.56 -26.36 15.81
CA MET B 228 11.10 -26.19 15.64
CA MET B 228 11.12 -26.16 15.62
C MET B 228 10.35 -27.09 16.61
N ARG B 229 9.48 -26.51 17.44
CA ARG B 229 8.90 -27.29 18.58
C ARG B 229 7.46 -26.88 18.81
N LEU B 230 6.66 -27.74 19.38
CA LEU B 230 5.33 -27.30 19.54
C LEU B 230 5.28 -26.03 20.42
N MET B 231 4.34 -25.16 20.08
CA MET B 231 4.11 -23.90 20.76
C MET B 231 3.57 -24.17 22.15
N LYS B 232 4.01 -23.39 23.14
CA LYS B 232 3.44 -23.46 24.48
C LYS B 232 2.82 -22.13 24.93
N LYS B 233 2.10 -22.14 26.02
CA LYS B 233 1.44 -20.90 26.49
CA LYS B 233 1.45 -20.88 26.47
C LYS B 233 2.42 -19.71 26.49
N LYS B 234 3.64 -19.93 26.97
CA LYS B 234 4.62 -18.84 27.12
C LYS B 234 5.01 -18.20 25.82
N ASP B 235 4.73 -18.90 24.69
CA ASP B 235 4.96 -18.41 23.35
C ASP B 235 3.84 -17.52 22.75
N VAL B 236 2.71 -17.40 23.44
CA VAL B 236 1.58 -16.63 22.87
C VAL B 236 2.00 -15.18 22.49
N GLU B 237 2.72 -14.52 23.39
CA GLU B 237 3.09 -13.13 23.09
C GLU B 237 4.03 -12.99 21.83
N GLY B 238 5.07 -13.82 21.73
CA GLY B 238 5.98 -13.86 20.57
C GLY B 238 5.28 -14.25 19.26
N VAL B 239 4.31 -15.14 19.34
CA VAL B 239 3.56 -15.55 18.11
C VAL B 239 2.67 -14.38 17.71
N HIS B 240 2.03 -13.77 18.71
CA HIS B 240 1.18 -12.58 18.47
C HIS B 240 1.99 -11.49 17.73
N LYS B 241 3.25 -11.33 18.15
CA LYS B 241 4.13 -10.28 17.61
CA LYS B 241 4.14 -10.29 17.60
C LYS B 241 4.56 -10.64 16.17
N LEU B 242 5.03 -11.87 15.99
CA LEU B 242 5.54 -12.37 14.69
C LEU B 242 4.43 -12.28 13.67
N LEU B 243 3.27 -12.85 14.02
CA LEU B 243 2.14 -13.00 13.11
C LEU B 243 1.45 -11.65 12.86
N GLY B 244 1.26 -10.88 13.94
CA GLY B 244 0.65 -9.55 13.81
C GLY B 244 1.43 -8.67 12.87
N SER B 245 2.74 -8.64 13.06
N SER B 245 2.76 -8.65 13.00
CA SER B 245 3.62 -7.92 12.18
CA SER B 245 3.62 -7.88 12.13
C SER B 245 3.49 -8.47 10.75
C SER B 245 3.70 -8.47 10.69
N TYR B 246 3.73 -9.76 10.56
CA TYR B 246 3.64 -10.39 9.23
C TYR B 246 2.36 -10.11 8.39
N LEU B 247 1.21 -10.13 9.03
CA LEU B 247 -0.05 -10.02 8.37
C LEU B 247 -0.35 -8.64 7.83
N GLU B 248 0.29 -7.61 8.38
CA GLU B 248 0.03 -6.26 7.97
C GLU B 248 0.21 -5.94 6.48
N GLN B 249 1.02 -6.72 5.80
CA GLN B 249 1.25 -6.50 4.40
C GLN B 249 0.09 -6.87 3.53
N PHE B 250 -0.88 -7.63 4.04
CA PHE B 250 -1.89 -8.17 3.13
C PHE B 250 -3.08 -7.21 3.04
N ASN B 251 -3.86 -7.33 1.97
N ASN B 251 -3.82 -7.39 1.95
CA ASN B 251 -5.06 -6.50 1.84
CA ASN B 251 -5.08 -6.72 1.65
C ASN B 251 -6.28 -7.11 2.60
C ASN B 251 -6.24 -7.12 2.60
N LEU B 252 -6.16 -8.34 3.14
CA LEU B 252 -7.29 -8.91 3.89
C LEU B 252 -6.72 -9.85 4.91
N TYR B 253 -7.05 -9.63 6.20
CA TYR B 253 -6.44 -10.41 7.27
C TYR B 253 -7.15 -10.10 8.56
N ALA B 254 -7.14 -11.09 9.47
CA ALA B 254 -7.75 -10.96 10.78
C ALA B 254 -6.77 -10.25 11.70
N VAL B 255 -7.27 -9.35 12.52
CA VAL B 255 -6.34 -8.59 13.40
C VAL B 255 -6.46 -9.33 14.74
N PHE B 256 -5.61 -10.32 14.96
CA PHE B 256 -5.70 -11.21 16.12
C PHE B 256 -5.33 -10.52 17.42
N THR B 257 -6.15 -10.67 18.43
CA THR B 257 -5.78 -10.31 19.80
C THR B 257 -4.89 -11.36 20.41
N LYS B 258 -4.27 -11.03 21.53
CA LYS B 258 -3.53 -12.02 22.24
C LYS B 258 -4.46 -13.22 22.58
N GLU B 259 -5.68 -12.92 23.02
N GLU B 259 -5.69 -12.95 23.05
CA GLU B 259 -6.61 -13.97 23.45
CA GLU B 259 -6.65 -14.03 23.39
C GLU B 259 -7.00 -14.85 22.24
C GLU B 259 -6.84 -14.90 22.17
N GLU B 260 -7.06 -14.24 21.05
CA GLU B 260 -7.25 -14.99 19.78
C GLU B 260 -6.07 -15.82 19.33
N ILE B 261 -4.85 -15.32 19.60
CA ILE B 261 -3.67 -16.05 19.31
C ILE B 261 -3.65 -17.35 20.17
N ALA B 262 -3.89 -17.22 21.50
CA ALA B 262 -3.92 -18.37 22.38
C ALA B 262 -4.98 -19.39 21.91
N HIS B 263 -6.18 -18.92 21.49
CA HIS B 263 -7.22 -19.80 21.06
C HIS B 263 -6.88 -20.57 19.76
N TRP B 264 -6.48 -19.86 18.75
CA TRP B 264 -6.37 -20.38 17.38
C TRP B 264 -5.07 -21.14 17.13
N PHE B 265 -4.12 -20.98 18.05
CA PHE B 265 -2.81 -21.59 17.80
C PHE B 265 -2.36 -22.60 18.85
N LEU B 266 -2.72 -22.43 20.11
CA LEU B 266 -2.20 -23.39 21.07
C LEU B 266 -2.59 -24.81 20.67
N PRO B 267 -1.60 -25.70 20.59
CA PRO B 267 -1.84 -27.03 20.01
C PRO B 267 -2.94 -27.88 20.69
N ILE B 268 -3.79 -28.49 19.85
CA ILE B 268 -4.83 -29.41 20.34
C ILE B 268 -4.68 -30.62 19.41
N GLU B 269 -4.40 -31.79 20.02
CA GLU B 269 -4.20 -33.02 19.27
C GLU B 269 -5.34 -33.37 18.35
N ASN B 270 -5.01 -33.79 17.10
CA ASN B 270 -6.01 -33.98 16.04
C ASN B 270 -6.90 -32.81 15.68
N VAL B 271 -6.47 -31.60 16.00
CA VAL B 271 -7.24 -30.44 15.64
C VAL B 271 -6.34 -29.35 15.02
N ILE B 272 -5.50 -28.77 15.88
CA ILE B 272 -4.62 -27.65 15.50
C ILE B 272 -3.16 -27.95 15.95
N TYR B 273 -2.19 -27.78 15.03
CA TYR B 273 -0.73 -27.94 15.30
C TYR B 273 0.01 -26.62 14.99
N THR B 274 0.75 -26.08 15.96
CA THR B 274 1.54 -24.84 15.77
C THR B 274 2.91 -25.25 16.33
N TYR B 275 3.94 -24.98 15.52
CA TYR B 275 5.31 -25.13 15.99
C TYR B 275 5.98 -23.77 15.87
N VAL B 276 6.92 -23.54 16.81
CA VAL B 276 7.70 -22.34 16.77
C VAL B 276 9.21 -22.61 16.90
N ASN B 277 9.98 -21.63 16.42
CA ASN B 277 11.41 -21.55 16.68
C ASN B 277 11.73 -20.35 17.58
N GLU B 278 12.37 -20.61 18.70
CA GLU B 278 12.62 -19.61 19.69
C GLU B 278 14.08 -19.40 19.73
N GLU B 279 14.55 -18.19 19.45
CA GLU B 279 15.95 -17.96 19.68
CA GLU B 279 15.99 -17.90 19.49
C GLU B 279 16.24 -16.59 20.24
N ASN B 280 17.05 -16.62 21.29
CA ASN B 280 17.23 -15.44 22.13
C ASN B 280 15.96 -15.01 22.85
N GLY B 281 15.15 -15.92 23.39
CA GLY B 281 13.86 -15.53 23.97
C GLY B 281 12.80 -14.98 23.01
N LYS B 282 13.16 -14.87 21.73
CA LYS B 282 12.29 -14.36 20.66
C LYS B 282 11.71 -15.50 19.79
N ILE B 283 10.39 -15.50 19.58
CA ILE B 283 9.82 -16.32 18.49
C ILE B 283 10.10 -15.76 17.11
N LYS B 284 10.88 -16.49 16.35
CA LYS B 284 11.38 -15.99 15.08
C LYS B 284 10.75 -16.64 13.88
N ASP B 285 10.15 -17.81 14.05
CA ASP B 285 9.56 -18.52 12.93
C ASP B 285 8.36 -19.39 13.49
N MET B 286 7.29 -19.53 12.71
CA MET B 286 6.19 -20.38 13.12
C MET B 286 5.65 -21.18 11.95
N ILE B 287 5.15 -22.38 12.31
CA ILE B 287 4.48 -23.27 11.37
C ILE B 287 3.13 -23.70 11.99
N SER B 288 2.03 -23.62 11.23
CA SER B 288 0.74 -24.14 11.75
C SER B 288 -0.09 -24.81 10.70
N PHE B 289 -0.83 -25.88 11.09
CA PHE B 289 -1.74 -26.55 10.19
C PHE B 289 -2.85 -27.19 11.01
N TYR B 290 -4.03 -27.26 10.42
CA TYR B 290 -5.11 -27.91 11.15
C TYR B 290 -5.45 -29.27 10.53
N SER B 291 -6.13 -30.10 11.28
CA SER B 291 -6.55 -31.44 10.89
C SER B 291 -7.96 -31.44 10.28
N LEU B 292 -8.12 -31.86 9.01
CA LEU B 292 -9.48 -32.00 8.52
C LEU B 292 -9.61 -33.23 7.64
N PRO B 293 -10.08 -34.38 8.23
CA PRO B 293 -10.16 -35.57 7.39
C PRO B 293 -11.29 -35.47 6.37
N SER B 294 -11.17 -36.27 5.32
CA SER B 294 -12.34 -36.53 4.48
C SER B 294 -12.73 -38.01 4.60
N GLN B 295 -14.02 -38.20 4.59
CA GLN B 295 -14.52 -39.56 4.67
C GLN B 295 -14.45 -39.99 3.21
N ILE B 296 -14.05 -41.22 2.99
CA ILE B 296 -13.88 -41.67 1.62
C ILE B 296 -15.15 -42.43 1.27
N LEU B 297 -15.83 -42.05 0.22
CA LEU B 297 -17.11 -42.67 -0.08
C LEU B 297 -16.94 -44.00 -0.92
N GLY B 298 -17.55 -45.12 -0.55
CA GLY B 298 -17.42 -46.34 -1.41
C GLY B 298 -16.00 -46.88 -1.74
N ASN B 299 -15.14 -46.90 -0.72
CA ASN B 299 -13.85 -47.61 -0.81
C ASN B 299 -13.76 -48.67 0.27
N ASP B 300 -13.63 -49.93 -0.14
CA ASP B 300 -13.55 -51.02 0.86
C ASP B 300 -12.38 -51.01 1.84
N LYS B 301 -11.23 -50.53 1.42
CA LYS B 301 -10.07 -50.68 2.26
C LYS B 301 -9.93 -49.54 3.24
N TYR B 302 -10.30 -48.35 2.76
CA TYR B 302 -10.11 -47.11 3.53
C TYR B 302 -11.39 -46.33 3.64
N SER B 303 -11.66 -45.80 4.82
CA SER B 303 -12.84 -44.97 4.93
C SER B 303 -12.49 -43.50 5.21
N THR B 304 -11.22 -43.24 5.53
CA THR B 304 -10.74 -41.93 6.01
C THR B 304 -9.43 -41.52 5.35
N LEU B 305 -9.43 -40.31 4.81
CA LEU B 305 -8.24 -39.63 4.39
C LEU B 305 -7.83 -38.63 5.48
N ASN B 306 -6.62 -38.77 6.04
CA ASN B 306 -6.21 -37.81 7.03
C ASN B 306 -5.43 -36.71 6.38
N ALA B 307 -5.92 -35.49 6.50
CA ALA B 307 -5.31 -34.38 5.78
C ALA B 307 -4.94 -33.21 6.70
N ALA B 308 -3.74 -32.65 6.51
CA ALA B 308 -3.28 -31.42 7.21
C ALA B 308 -3.59 -30.22 6.33
N TYR B 309 -4.03 -29.12 6.92
CA TYR B 309 -4.36 -27.91 6.11
C TYR B 309 -3.49 -26.79 6.51
N SER B 310 -2.74 -26.23 5.59
CA SER B 310 -1.89 -25.07 5.92
C SER B 310 -2.66 -23.90 6.51
N PHE B 311 -2.17 -23.39 7.63
CA PHE B 311 -2.90 -22.30 8.36
C PHE B 311 -2.03 -21.03 8.26
N TYR B 312 -1.21 -20.69 9.27
CA TYR B 312 -0.30 -19.53 9.10
C TYR B 312 1.16 -19.94 9.33
N ASN B 313 2.04 -19.47 8.45
CA ASN B 313 3.52 -19.83 8.45
C ASN B 313 4.34 -18.58 8.24
N VAL B 314 5.38 -18.35 9.04
CA VAL B 314 6.10 -17.09 8.94
C VAL B 314 7.51 -17.47 9.23
N THR B 315 8.46 -16.98 8.43
CA THR B 315 9.87 -17.27 8.71
C THR B 315 10.68 -15.98 8.63
N THR B 316 11.56 -15.79 9.61
CA THR B 316 12.55 -14.71 9.60
C THR B 316 13.97 -15.23 9.64
N THR B 317 14.18 -16.53 9.84
CA THR B 317 15.52 -17.13 9.88
C THR B 317 15.83 -18.17 8.78
N ALA B 318 14.92 -18.39 7.84
CA ALA B 318 15.07 -19.40 6.82
C ALA B 318 14.41 -18.88 5.58
N THR B 319 14.50 -19.63 4.49
CA THR B 319 13.68 -19.24 3.37
C THR B 319 12.25 -19.81 3.57
N PHE B 320 11.31 -19.16 2.86
CA PHE B 320 9.93 -19.62 2.95
C PHE B 320 9.77 -21.06 2.44
N LYS B 321 10.53 -21.44 1.41
CA LYS B 321 10.64 -22.82 0.99
C LYS B 321 11.15 -23.79 2.09
N GLN B 322 12.25 -23.45 2.79
CA GLN B 322 12.69 -24.29 3.90
C GLN B 322 11.58 -24.41 4.95
N LEU B 323 10.88 -23.31 5.19
CA LEU B 323 9.84 -23.31 6.22
C LEU B 323 8.70 -24.28 5.89
N MET B 324 8.20 -24.18 4.65
CA MET B 324 7.14 -25.05 4.18
C MET B 324 7.58 -26.51 4.07
N GLN B 325 8.88 -26.74 3.79
CA GLN B 325 9.37 -28.12 3.65
C GLN B 325 9.26 -28.70 5.06
N ASP B 326 9.62 -27.91 6.03
CA ASP B 326 9.51 -28.35 7.42
C ASP B 326 8.05 -28.53 7.81
N ALA B 327 7.13 -27.75 7.24
CA ALA B 327 5.68 -27.91 7.64
C ALA B 327 5.22 -29.30 7.15
N ILE B 328 5.66 -29.66 5.94
CA ILE B 328 5.28 -30.93 5.35
C ILE B 328 5.80 -32.10 6.17
N LEU B 329 7.07 -32.04 6.62
CA LEU B 329 7.64 -33.05 7.50
C LEU B 329 6.91 -33.09 8.82
N LEU B 330 6.60 -31.94 9.41
CA LEU B 330 5.84 -32.04 10.66
C LEU B 330 4.46 -32.72 10.47
N ALA B 331 3.81 -32.43 9.34
CA ALA B 331 2.53 -33.08 9.02
C ALA B 331 2.82 -34.56 8.82
N LYS B 332 3.94 -34.89 8.16
CA LYS B 332 4.20 -36.34 8.03
C LYS B 332 4.41 -37.08 9.37
N ARG B 333 5.21 -36.46 10.22
CA ARG B 333 5.47 -36.95 11.62
C ARG B 333 4.19 -37.13 12.38
N ASN B 334 3.14 -36.41 12.02
CA ASN B 334 1.91 -36.54 12.79
C ASN B 334 0.87 -37.42 12.07
N ASN B 335 1.31 -38.24 11.10
CA ASN B 335 0.49 -39.28 10.51
C ASN B 335 -0.53 -38.74 9.54
N PHE B 336 -0.32 -37.53 8.99
CA PHE B 336 -1.19 -37.12 7.86
C PHE B 336 -0.81 -37.79 6.54
N ASP B 337 -1.85 -38.07 5.74
CA ASP B 337 -1.68 -38.62 4.38
C ASP B 337 -1.32 -37.58 3.27
N VAL B 338 -1.69 -36.32 3.51
CA VAL B 338 -1.57 -35.20 2.49
C VAL B 338 -1.53 -33.93 3.25
N PHE B 339 -0.80 -32.95 2.67
CA PHE B 339 -0.71 -31.61 3.15
C PHE B 339 -1.32 -30.69 2.09
N ASN B 340 -2.37 -29.97 2.47
CA ASN B 340 -3.14 -29.08 1.56
C ASN B 340 -2.89 -27.60 1.81
N ALA B 341 -2.83 -26.80 0.74
CA ALA B 341 -2.65 -25.38 0.91
C ALA B 341 -3.39 -24.60 -0.17
N LEU B 342 -3.64 -23.30 0.12
CA LEU B 342 -4.28 -22.43 -0.86
C LEU B 342 -3.18 -21.50 -1.44
N GLU B 343 -3.35 -21.00 -2.67
CA GLU B 343 -2.41 -19.95 -3.24
C GLU B 343 -2.59 -18.55 -2.59
N VAL B 344 -2.62 -18.52 -1.27
CA VAL B 344 -2.65 -17.27 -0.52
C VAL B 344 -1.29 -16.97 0.10
N MET B 345 -1.13 -15.74 0.61
CA MET B 345 0.14 -15.26 1.21
C MET B 345 1.25 -15.68 0.24
N GLN B 346 2.33 -16.25 0.79
CA GLN B 346 3.49 -16.61 -0.03
C GLN B 346 3.45 -18.03 -0.62
N ASN B 347 2.35 -18.76 -0.45
CA ASN B 347 2.38 -20.20 -0.64
C ASN B 347 2.63 -20.54 -2.07
N LYS B 348 2.16 -19.76 -3.04
CA LYS B 348 2.25 -20.32 -4.34
C LYS B 348 3.74 -20.44 -4.74
N SER B 349 4.57 -19.53 -4.17
CA SER B 349 5.99 -19.37 -4.57
C SER B 349 6.74 -20.65 -4.26
N VAL B 350 6.20 -21.56 -3.41
CA VAL B 350 6.89 -22.86 -3.11
C VAL B 350 6.26 -24.14 -3.71
N PHE B 351 5.12 -24.03 -4.42
CA PHE B 351 4.36 -25.20 -4.75
C PHE B 351 5.18 -26.10 -5.74
N GLU B 352 5.80 -25.48 -6.74
CA GLU B 352 6.46 -26.31 -7.76
C GLU B 352 7.65 -27.03 -7.15
N ASP B 353 8.57 -26.26 -6.54
CA ASP B 353 9.77 -26.80 -5.86
C ASP B 353 9.47 -27.88 -4.81
N LEU B 354 8.37 -27.70 -4.05
CA LEU B 354 7.99 -28.68 -3.01
C LEU B 354 7.05 -29.76 -3.48
N LYS B 355 6.86 -29.84 -4.79
CA LYS B 355 6.18 -30.99 -5.39
C LYS B 355 4.70 -31.01 -5.07
N PHE B 356 4.07 -29.85 -4.93
CA PHE B 356 2.62 -29.85 -4.82
C PHE B 356 1.96 -30.07 -6.20
N GLY B 357 0.81 -30.73 -6.26
CA GLY B 357 -0.03 -30.90 -7.47
C GLY B 357 -1.23 -29.97 -7.34
N GLU B 358 -1.58 -29.34 -8.46
CA GLU B 358 -2.72 -28.39 -8.48
C GLU B 358 -3.98 -29.22 -8.35
N GLY B 359 -4.93 -28.78 -7.48
CA GLY B 359 -6.17 -29.51 -7.31
C GLY B 359 -7.16 -29.27 -8.45
N ASP B 360 -8.40 -29.63 -8.19
CA ASP B 360 -9.51 -29.53 -9.16
C ASP B 360 -10.39 -28.24 -9.04
N GLY B 361 -10.13 -27.33 -8.11
CA GLY B 361 -11.04 -26.18 -8.08
C GLY B 361 -10.44 -25.07 -7.29
N SER B 362 -11.29 -24.16 -6.87
CA SER B 362 -10.81 -23.05 -6.12
C SER B 362 -11.78 -22.69 -5.05
N LEU B 363 -11.22 -22.07 -4.06
CA LEU B 363 -11.97 -21.41 -3.06
C LEU B 363 -12.14 -19.85 -3.27
N LYS B 364 -13.38 -19.37 -3.19
CA LYS B 364 -13.67 -17.95 -3.40
C LYS B 364 -13.79 -17.29 -2.04
N TYR B 365 -13.28 -16.07 -1.89
CA TYR B 365 -13.39 -15.36 -0.61
C TYR B 365 -14.44 -14.31 -0.84
N TYR B 366 -15.36 -14.14 0.11
CA TYR B 366 -16.46 -13.22 -0.02
C TYR B 366 -16.54 -12.26 1.20
N LEU B 367 -16.95 -11.03 0.94
CA LEU B 367 -17.47 -10.21 1.96
C LEU B 367 -18.95 -9.85 1.77
N TYR B 368 -19.59 -9.63 2.89
CA TYR B 368 -21.00 -9.25 2.94
C TYR B 368 -21.10 -7.78 3.32
N ASN B 369 -21.81 -6.96 2.51
CA ASN B 369 -22.04 -5.54 2.80
C ASN B 369 -20.73 -4.73 2.80
N TRP B 370 -19.90 -5.07 1.81
CA TRP B 370 -18.64 -4.34 1.60
C TRP B 370 -18.32 -4.24 0.14
N LYS B 371 -18.06 -3.00 -0.25
CA LYS B 371 -17.72 -2.56 -1.58
C LYS B 371 -16.20 -2.27 -1.62
N CYS B 372 -15.44 -2.96 -2.47
CA CYS B 372 -13.99 -2.75 -2.54
C CYS B 372 -13.39 -3.43 -3.80
N ALA B 373 -12.12 -3.10 -4.08
CA ALA B 373 -11.39 -3.70 -5.26
C ALA B 373 -11.09 -5.18 -4.92
N SER B 374 -11.28 -6.07 -5.89
CA SER B 374 -10.82 -7.42 -5.73
C SER B 374 -9.26 -7.43 -5.89
N PHE B 375 -8.65 -8.57 -5.54
CA PHE B 375 -7.19 -8.74 -5.64
C PHE B 375 -6.83 -10.15 -5.88
N ALA B 376 -5.63 -10.35 -6.43
CA ALA B 376 -5.00 -11.68 -6.59
C ALA B 376 -4.83 -12.31 -5.24
N PRO B 377 -4.85 -13.67 -5.17
CA PRO B 377 -4.85 -14.38 -3.92
C PRO B 377 -3.57 -14.26 -3.06
N ALA B 378 -2.44 -13.85 -3.66
CA ALA B 378 -1.21 -13.63 -2.90
C ALA B 378 -1.41 -12.49 -1.90
N HIS B 379 -2.36 -11.59 -2.18
CA HIS B 379 -2.71 -10.54 -1.25
C HIS B 379 -3.69 -10.92 -0.17
N VAL B 380 -4.26 -12.13 -0.22
CA VAL B 380 -5.15 -12.63 0.84
C VAL B 380 -4.24 -13.09 1.97
N GLY B 381 -4.55 -12.61 3.16
CA GLY B 381 -3.78 -12.94 4.38
C GLY B 381 -4.63 -13.60 5.45
N ILE B 382 -5.70 -14.29 5.04
CA ILE B 382 -6.54 -15.00 6.01
C ILE B 382 -6.95 -16.35 5.51
N VAL B 383 -6.91 -17.33 6.41
CA VAL B 383 -7.28 -18.73 6.11
C VAL B 383 -8.46 -19.11 7.01
N LEU B 384 -9.58 -19.49 6.38
CA LEU B 384 -10.77 -19.80 7.14
C LEU B 384 -10.81 -21.31 7.13
N LEU B 385 -11.42 -21.87 8.16
CA LEU B 385 -11.47 -23.31 8.35
C LEU B 385 -12.28 -24.15 7.37
N MET C 1 23.07 29.17 1.74
CA MET C 1 22.10 28.74 2.79
C MET C 1 22.33 27.29 3.25
N ASP C 2 22.92 27.11 4.43
CA ASP C 2 22.84 25.83 5.12
C ASP C 2 22.02 26.06 6.35
N TYR C 3 21.65 24.94 6.96
CA TYR C 3 20.80 24.87 8.13
C TYR C 3 21.56 23.85 8.97
N LYS C 4 22.52 24.34 9.71
CA LYS C 4 23.49 23.48 10.37
C LYS C 4 22.84 22.83 11.57
N PHE C 5 21.90 23.52 12.21
CA PHE C 5 21.16 22.77 13.25
C PHE C 5 20.10 21.80 12.66
N TRP C 6 19.26 22.32 11.76
CA TRP C 6 18.16 21.51 11.21
C TRP C 6 18.61 20.22 10.57
N TYR C 7 19.79 20.29 9.96
N TYR C 7 19.76 20.25 9.94
CA TYR C 7 20.45 19.14 9.33
CA TYR C 7 20.19 19.04 9.26
C TYR C 7 20.54 17.93 10.21
C TYR C 7 20.69 17.92 10.18
N THR C 8 20.80 18.16 11.50
CA THR C 8 21.07 17.10 12.47
C THR C 8 19.78 16.51 12.97
N GLN C 9 18.65 17.16 12.67
CA GLN C 9 17.32 16.73 13.16
C GLN C 9 16.58 15.77 12.20
N PRO C 10 15.65 14.97 12.72
CA PRO C 10 14.84 14.13 11.87
C PRO C 10 13.76 14.92 11.13
N VAL C 11 14.18 15.69 10.12
CA VAL C 11 13.24 16.37 9.22
C VAL C 11 13.82 16.35 7.81
N PRO C 12 13.04 16.81 6.83
CA PRO C 12 13.55 16.52 5.46
C PRO C 12 14.65 17.53 5.20
N LYS C 13 15.58 17.17 4.33
CA LYS C 13 16.55 18.12 3.78
C LYS C 13 15.85 19.08 2.86
N ILE C 14 16.43 20.27 2.69
CA ILE C 14 15.76 21.31 1.92
C ILE C 14 15.31 20.89 0.49
N ASN C 15 16.09 20.06 -0.17
CA ASN C 15 15.66 19.63 -1.51
C ASN C 15 14.84 18.33 -1.56
N ASP C 16 14.61 17.72 -0.39
CA ASP C 16 13.90 16.40 -0.34
C ASP C 16 12.47 16.50 -0.89
N GLU C 17 12.02 15.47 -1.62
CA GLU C 17 10.66 15.40 -2.08
C GLU C 17 10.32 13.95 -1.84
N PHE C 18 9.13 13.65 -1.39
CA PHE C 18 8.78 12.25 -1.07
C PHE C 18 7.59 11.86 -1.84
N ASN C 19 7.54 10.61 -2.28
CA ASN C 19 6.32 10.16 -2.97
C ASN C 19 5.10 10.03 -2.12
N GLU C 20 3.97 10.04 -2.83
CA GLU C 20 2.65 9.92 -2.21
CA GLU C 20 2.64 9.88 -2.23
C GLU C 20 2.49 8.68 -1.31
N SER C 21 3.06 7.55 -1.71
CA SER C 21 2.98 6.32 -0.88
C SER C 21 3.83 6.37 0.41
N VAL C 22 4.59 7.42 0.63
CA VAL C 22 5.47 7.46 1.78
C VAL C 22 4.76 8.21 2.92
N ASN C 23 4.67 7.60 4.10
CA ASN C 23 3.92 8.27 5.21
C ASN C 23 4.38 7.55 6.48
N GLU C 24 5.48 8.01 7.06
CA GLU C 24 6.16 7.25 8.12
C GLU C 24 7.12 8.16 8.86
N PRO C 25 7.56 7.74 10.06
CA PRO C 25 8.63 8.50 10.69
C PRO C 25 10.01 8.44 9.99
N PHE C 26 10.85 9.43 10.24
CA PHE C 26 12.25 9.28 9.86
C PHE C 26 12.90 8.26 10.76
N ILE C 27 12.59 8.31 12.05
CA ILE C 27 13.26 7.49 13.05
C ILE C 27 12.16 6.85 13.86
N SER C 28 12.14 5.52 13.83
CA SER C 28 11.17 4.67 14.44
C SER C 28 11.87 3.97 15.58
N ASP C 29 11.06 3.27 16.35
CA ASP C 29 11.54 2.37 17.44
C ASP C 29 12.24 3.18 18.49
N ASN C 30 11.60 4.24 18.93
CA ASN C 30 12.22 5.18 19.83
C ASN C 30 11.89 4.64 21.17
N LYS C 31 12.77 4.86 22.14
CA LYS C 31 12.58 4.26 23.46
C LYS C 31 12.71 5.38 24.52
N VAL C 32 11.68 5.56 25.33
CA VAL C 32 11.69 6.47 26.44
C VAL C 32 12.85 6.24 27.40
N GLU C 33 13.21 4.98 27.66
CA GLU C 33 14.27 4.60 28.58
C GLU C 33 15.62 5.21 28.17
N ASP C 34 15.81 5.43 26.88
CA ASP C 34 17.03 5.96 26.26
C ASP C 34 17.14 7.50 26.15
N VAL C 35 16.05 8.21 26.46
CA VAL C 35 16.03 9.66 26.29
C VAL C 35 16.94 10.26 27.34
N ARG C 36 17.62 11.32 26.95
CA ARG C 36 18.44 12.13 27.88
C ARG C 36 17.58 12.58 29.07
N LYS C 37 18.10 12.33 30.25
CA LYS C 37 17.41 12.76 31.47
C LYS C 37 17.92 14.09 32.08
N ASP C 38 19.00 14.61 31.50
CA ASP C 38 19.58 15.93 31.80
C ASP C 38 19.09 17.07 30.86
N GLU C 39 18.67 18.18 31.47
CA GLU C 39 18.34 19.41 30.77
C GLU C 39 19.58 19.77 29.96
N TYR C 40 19.33 20.31 28.75
CA TYR C 40 20.34 20.93 27.92
C TYR C 40 21.00 22.10 28.62
N LYS C 41 22.28 22.26 28.31
CA LYS C 41 23.15 23.25 28.97
C LYS C 41 22.86 24.60 28.37
N LEU C 42 22.80 25.58 29.25
CA LEU C 42 22.61 27.00 28.86
C LEU C 42 23.94 27.77 29.12
N PRO C 43 24.12 28.94 28.51
CA PRO C 43 25.27 29.78 28.87
C PRO C 43 25.31 30.26 30.35
N PRO C 44 26.50 30.66 30.84
CA PRO C 44 26.67 31.02 32.25
C PRO C 44 25.72 32.16 32.61
N GLY C 45 25.01 32.06 33.72
CA GLY C 45 24.09 33.13 34.10
C GLY C 45 22.65 32.94 33.57
N TYR C 46 22.42 31.93 32.74
CA TYR C 46 21.04 31.59 32.26
C TYR C 46 20.52 30.25 32.87
N SER C 47 19.22 30.23 33.17
N SER C 47 19.23 30.21 33.17
CA SER C 47 18.60 29.09 33.83
CA SER C 47 18.68 29.02 33.75
C SER C 47 17.26 28.72 33.22
C SER C 47 17.30 28.72 33.20
N TRP C 48 17.02 27.41 33.14
CA TRP C 48 15.68 26.90 32.76
C TRP C 48 14.70 27.32 33.86
N TYR C 49 13.46 27.58 33.51
CA TYR C 49 12.43 27.96 34.45
C TYR C 49 11.16 27.19 34.15
N VAL C 50 10.55 26.62 35.19
CA VAL C 50 9.22 26.03 35.09
C VAL C 50 8.11 27.09 35.08
N CYS C 51 7.55 27.33 33.92
CA CYS C 51 6.50 28.36 33.91
C CYS C 51 5.18 27.74 34.26
N ASP C 52 4.50 28.29 35.26
CA ASP C 52 3.15 27.83 35.61
C ASP C 52 2.16 28.84 35.12
N VAL C 53 1.62 28.55 33.93
CA VAL C 53 0.74 29.45 33.19
CA VAL C 53 0.71 29.41 33.18
C VAL C 53 -0.56 29.73 34.00
N LYS C 54 -0.90 28.86 34.94
CA LYS C 54 -2.10 29.18 35.82
C LYS C 54 -1.76 30.16 36.95
N ASP C 55 -0.46 30.38 37.18
CA ASP C 55 0.01 31.40 38.11
C ASP C 55 0.00 32.77 37.40
N GLU C 56 -0.77 33.75 37.91
CA GLU C 56 -0.86 35.07 37.27
CA GLU C 56 -0.85 35.07 37.26
C GLU C 56 0.51 35.74 37.04
N LYS C 57 1.40 35.76 38.04
CA LYS C 57 2.76 36.33 37.93
C LYS C 57 3.50 35.67 36.76
N ASP C 58 3.56 34.34 36.75
CA ASP C 58 4.35 33.63 35.71
C ASP C 58 3.71 33.92 34.34
N ARG C 59 2.39 33.93 34.30
CA ARG C 59 1.67 34.17 33.06
C ARG C 59 1.94 35.61 32.55
N SER C 60 1.90 36.63 33.43
CA SER C 60 2.31 37.99 32.99
C SER C 60 3.75 38.08 32.51
N GLU C 61 4.70 37.25 32.98
CA GLU C 61 6.04 37.45 32.48
CA GLU C 61 6.10 37.31 32.55
C GLU C 61 6.19 36.88 31.07
N ILE C 62 5.46 35.81 30.77
CA ILE C 62 5.36 35.23 29.37
C ILE C 62 4.75 36.31 28.54
N TYR C 63 3.66 36.88 29.06
CA TYR C 63 2.95 37.89 28.29
C TYR C 63 3.92 39.00 27.90
N THR C 64 4.69 39.51 28.86
CA THR C 64 5.55 40.65 28.58
C THR C 64 6.67 40.26 27.63
N LEU C 65 7.24 39.09 27.84
CA LEU C 65 8.26 38.58 26.94
C LEU C 65 7.79 38.63 25.50
N LEU C 66 6.64 38.05 25.24
CA LEU C 66 6.09 37.95 23.88
C LEU C 66 5.66 39.33 23.36
N THR C 67 5.04 40.13 24.21
CA THR C 67 4.69 41.50 23.78
C THR C 67 5.88 42.27 23.23
N ASP C 68 7.00 42.15 23.93
CA ASP C 68 8.18 42.93 23.56
C ASP C 68 9.04 42.28 22.47
N ASN C 69 8.93 40.96 22.33
CA ASN C 69 9.89 40.21 21.57
C ASN C 69 9.37 39.23 20.54
N TYR C 70 8.04 39.11 20.38
CA TYR C 70 7.58 38.02 19.47
C TYR C 70 7.55 38.44 18.00
N VAL C 71 6.75 37.77 17.17
CA VAL C 71 6.76 37.95 15.69
C VAL C 71 6.29 39.35 15.24
N GLU C 72 7.07 39.95 14.34
CA GLU C 72 6.76 41.15 13.61
C GLU C 72 6.55 40.82 12.16
N ASP C 73 5.85 41.67 11.44
CA ASP C 73 5.66 41.41 9.99
C ASP C 73 6.96 41.78 9.35
N ASP C 74 7.03 41.54 8.04
CA ASP C 74 8.25 41.80 7.26
C ASP C 74 8.78 43.21 7.34
N ASP C 75 7.89 44.19 7.38
CA ASP C 75 8.37 45.60 7.42
C ASP C 75 8.36 46.17 8.82
N ASN C 76 8.25 45.32 9.84
CA ASN C 76 8.35 45.79 11.22
C ASN C 76 7.44 46.95 11.51
N ILE C 77 6.19 46.84 11.10
CA ILE C 77 5.12 47.81 11.47
C ILE C 77 4.25 47.25 12.67
N PHE C 78 4.24 45.94 12.78
CA PHE C 78 3.31 45.24 13.68
C PHE C 78 4.06 44.15 14.37
N ARG C 79 3.60 43.87 15.58
CA ARG C 79 4.09 42.80 16.40
C ARG C 79 2.86 42.13 17.08
N PHE C 80 2.75 40.83 16.89
CA PHE C 80 1.67 40.04 17.56
C PHE C 80 1.66 40.31 19.06
N ASN C 81 0.46 40.42 19.64
CA ASN C 81 0.28 40.83 21.02
C ASN C 81 -0.76 39.90 21.63
N TYR C 82 -0.43 38.61 21.69
CA TYR C 82 -1.30 37.59 22.33
C TYR C 82 -1.55 38.02 23.76
N SER C 83 -2.81 38.04 24.19
CA SER C 83 -3.17 38.49 25.55
C SER C 83 -2.83 37.42 26.61
N ALA C 84 -2.77 37.82 27.89
CA ALA C 84 -2.49 36.86 28.96
C ALA C 84 -3.59 35.82 28.95
N GLU C 85 -4.84 36.24 28.74
CA GLU C 85 -5.94 35.25 28.90
C GLU C 85 -5.90 34.32 27.73
N PHE C 86 -5.48 34.84 26.58
CA PHE C 86 -5.33 33.98 25.45
C PHE C 86 -4.27 32.90 25.76
N LEU C 87 -3.15 33.31 26.29
CA LEU C 87 -2.09 32.37 26.63
C LEU C 87 -2.57 31.27 27.61
N LEU C 88 -3.35 31.64 28.60
CA LEU C 88 -3.87 30.66 29.52
C LEU C 88 -4.69 29.63 28.69
N TRP C 89 -5.52 30.13 27.76
CA TRP C 89 -6.38 29.23 27.00
C TRP C 89 -5.49 28.36 26.10
N ALA C 90 -4.54 29.01 25.43
CA ALA C 90 -3.72 28.28 24.43
C ALA C 90 -2.90 27.14 25.03
N LEU C 91 -2.56 27.26 26.32
CA LEU C 91 -1.55 26.35 26.91
C LEU C 91 -2.13 25.30 27.85
N THR C 92 -3.40 25.44 28.21
CA THR C 92 -3.97 24.52 29.18
C THR C 92 -5.15 23.66 28.65
N SER C 93 -5.01 23.18 27.41
CA SER C 93 -5.96 22.34 26.77
C SER C 93 -5.90 20.96 27.40
N PRO C 94 -6.88 20.08 27.10
CA PRO C 94 -6.89 18.81 27.84
C PRO C 94 -5.59 17.96 27.77
N ASN C 95 -5.19 17.48 28.96
CA ASN C 95 -4.04 16.56 29.18
C ASN C 95 -2.75 17.29 28.95
N TYR C 96 -2.79 18.62 29.01
CA TYR C 96 -1.57 19.43 28.83
C TYR C 96 -0.51 19.04 29.89
N LEU C 97 0.74 19.37 29.63
CA LEU C 97 1.88 18.98 30.46
C LEU C 97 2.53 20.24 30.89
N LYS C 98 2.59 20.46 32.20
CA LYS C 98 3.28 21.57 32.76
CA LYS C 98 3.30 21.58 32.76
C LYS C 98 4.78 21.59 32.34
N THR C 99 5.36 20.40 32.16
CA THR C 99 6.79 20.32 31.76
C THR C 99 7.07 20.90 30.36
N TRP C 100 6.02 21.08 29.54
CA TRP C 100 6.16 21.57 28.23
C TRP C 100 5.95 23.11 28.07
N HIS C 101 5.86 23.82 29.21
CA HIS C 101 5.81 25.29 29.21
C HIS C 101 7.13 25.77 29.77
N ILE C 102 8.08 26.07 28.85
CA ILE C 102 9.49 26.11 29.22
C ILE C 102 10.00 27.54 29.16
N GLY C 103 10.45 28.08 30.29
CA GLY C 103 11.09 29.39 30.19
C GLY C 103 12.60 29.36 30.35
N VAL C 104 13.27 30.46 29.99
CA VAL C 104 14.67 30.61 30.28
C VAL C 104 14.82 31.99 30.92
N LYS C 105 15.41 32.04 32.11
CA LYS C 105 15.58 33.30 32.86
C LYS C 105 17.03 33.75 32.81
N TYR C 106 17.23 35.06 32.81
CA TYR C 106 18.57 35.62 33.11
C TYR C 106 18.69 35.77 34.64
N ASP C 107 19.65 35.09 35.24
CA ASP C 107 19.70 35.06 36.68
C ASP C 107 19.98 36.43 37.30
N ALA C 108 20.71 37.27 36.56
CA ALA C 108 21.12 38.61 36.99
C ALA C 108 19.91 39.49 37.21
N SER C 109 18.90 39.30 36.37
CA SER C 109 17.71 40.15 36.39
C SER C 109 16.49 39.42 36.93
N ASN C 110 16.51 38.09 36.86
CA ASN C 110 15.38 37.24 37.15
C ASN C 110 14.17 37.44 36.18
N LYS C 111 14.49 37.89 34.98
CA LYS C 111 13.52 38.12 33.92
C LYS C 111 13.67 36.97 32.87
N LEU C 112 12.51 36.62 32.31
CA LEU C 112 12.38 35.67 31.24
C LEU C 112 13.03 36.27 30.02
N ILE C 113 13.93 35.53 29.35
CA ILE C 113 14.52 36.03 28.10
C ILE C 113 14.31 35.01 26.99
N GLY C 114 13.67 33.87 27.34
CA GLY C 114 13.28 32.91 26.35
C GLY C 114 12.13 32.09 26.81
N PHE C 115 11.46 31.48 25.83
CA PHE C 115 10.29 30.64 26.09
C PHE C 115 10.02 29.69 24.90
N ILE C 116 9.46 28.49 25.13
CA ILE C 116 8.95 27.70 24.07
C ILE C 116 7.84 26.87 24.75
N SER C 117 6.86 26.44 23.99
CA SER C 117 5.77 25.61 24.60
C SER C 117 5.19 24.61 23.60
N ALA C 118 4.38 23.66 24.11
CA ALA C 118 3.75 22.63 23.26
C ALA C 118 2.60 22.17 24.10
N ILE C 119 1.58 21.67 23.42
CA ILE C 119 0.43 20.88 24.00
C ILE C 119 0.24 19.61 23.17
N PRO C 120 -0.34 18.56 23.79
CA PRO C 120 -0.47 17.32 23.06
C PRO C 120 -1.77 17.22 22.29
N THR C 121 -1.75 16.63 21.09
CA THR C 121 -3.01 16.41 20.39
C THR C 121 -2.90 15.26 19.38
N ASP C 122 -3.98 14.58 19.03
CA ASP C 122 -3.86 13.54 17.95
C ASP C 122 -3.98 14.19 16.59
N ILE C 123 -3.00 13.92 15.72
CA ILE C 123 -2.94 14.52 14.43
C ILE C 123 -3.08 13.43 13.43
N CYS C 124 -3.96 13.65 12.47
CA CYS C 124 -4.10 12.75 11.34
C CYS C 124 -3.37 13.34 10.14
N ILE C 125 -2.35 12.64 9.64
CA ILE C 125 -1.54 13.07 8.50
C ILE C 125 -1.64 11.94 7.46
N HIS C 126 -2.22 12.25 6.30
N HIS C 126 -2.27 12.30 6.34
CA HIS C 126 -2.38 11.25 5.23
CA HIS C 126 -2.44 11.37 5.22
C HIS C 126 -3.03 9.99 5.82
C HIS C 126 -3.12 10.07 5.69
N LYS C 127 -4.10 10.21 6.58
CA LYS C 127 -4.89 9.08 7.13
C LYS C 127 -4.23 8.16 8.17
N ARG C 128 -3.05 8.55 8.71
CA ARG C 128 -2.55 7.89 9.91
C ARG C 128 -2.66 8.87 11.07
N THR C 129 -3.17 8.42 12.20
CA THR C 129 -3.37 9.31 13.37
C THR C 129 -2.23 9.07 14.29
N ILE C 130 -1.44 10.10 14.52
CA ILE C 130 -0.24 9.96 15.39
C ILE C 130 -0.43 10.87 16.63
N LYS C 131 -0.01 10.48 17.82
CA LYS C 131 0.04 11.50 18.98
C LYS C 131 1.18 12.47 18.73
N MET C 132 0.89 13.76 18.80
CA MET C 132 1.93 14.77 18.43
C MET C 132 1.93 15.89 19.44
N ALA C 133 3.07 16.60 19.53
CA ALA C 133 3.21 17.89 20.21
C ALA C 133 2.92 19.03 19.21
N GLU C 134 2.11 19.99 19.61
CA GLU C 134 1.88 21.21 18.78
C GLU C 134 2.71 22.33 19.43
N VAL C 135 3.79 22.71 18.75
CA VAL C 135 4.76 23.64 19.36
C VAL C 135 4.44 25.07 18.95
N ASN C 136 4.50 26.01 19.91
CA ASN C 136 4.21 27.41 19.65
C ASN C 136 4.94 28.31 20.61
N PHE C 137 4.88 29.60 20.27
CA PHE C 137 5.40 30.73 21.07
C PHE C 137 6.88 30.68 21.29
N LEU C 138 7.65 30.15 20.32
CA LEU C 138 9.14 30.17 20.54
C LEU C 138 9.64 31.59 20.49
N CYS C 139 10.47 32.01 21.44
CA CYS C 139 10.84 33.45 21.53
C CYS C 139 12.16 33.66 22.27
N VAL C 140 13.13 34.36 21.66
CA VAL C 140 14.32 34.76 22.37
C VAL C 140 14.29 36.28 22.39
N HIS C 141 14.57 36.88 23.56
CA HIS C 141 14.69 38.31 23.75
C HIS C 141 15.49 38.94 22.60
N LYS C 142 15.03 40.09 22.13
CA LYS C 142 15.68 40.80 21.01
C LYS C 142 17.16 41.08 21.26
N THR C 143 17.55 41.20 22.51
CA THR C 143 18.91 41.50 22.76
C THR C 143 19.83 40.26 22.72
N LEU C 144 19.25 39.07 22.55
CA LEU C 144 20.00 37.85 22.60
C LEU C 144 19.87 37.06 21.33
N ARG C 145 19.56 37.73 20.24
CA ARG C 145 19.38 36.99 19.00
C ARG C 145 20.69 36.56 18.35
N SER C 146 20.62 35.53 17.51
CA SER C 146 21.70 34.99 16.72
C SER C 146 22.82 34.48 17.61
N LYS C 147 22.45 33.83 18.69
CA LYS C 147 23.41 33.33 19.68
C LYS C 147 23.23 31.85 19.82
N ARG C 148 22.48 31.24 18.87
CA ARG C 148 22.16 29.81 18.89
C ARG C 148 21.41 29.40 20.21
N LEU C 149 20.60 30.29 20.77
CA LEU C 149 19.78 29.90 21.86
C LEU C 149 18.57 29.11 21.38
N ALA C 150 18.03 29.48 20.23
CA ALA C 150 16.81 28.76 19.81
C ALA C 150 16.99 27.21 19.74
N PRO C 151 18.12 26.70 19.21
CA PRO C 151 18.27 25.25 19.13
C PRO C 151 18.28 24.60 20.49
N VAL C 152 18.76 25.32 21.51
CA VAL C 152 18.73 24.79 22.84
C VAL C 152 17.31 24.67 23.36
N LEU C 153 16.46 25.71 23.14
CA LEU C 153 15.04 25.60 23.46
C LEU C 153 14.35 24.48 22.71
N ILE C 154 14.63 24.33 21.41
CA ILE C 154 13.98 23.24 20.64
C ILE C 154 14.43 21.86 21.16
N LYS C 155 15.74 21.68 21.34
CA LYS C 155 16.24 20.38 21.77
C LYS C 155 15.71 20.04 23.18
N GLU C 156 15.58 21.04 24.05
CA GLU C 156 15.07 20.72 25.37
C GLU C 156 13.57 20.32 25.33
N ILE C 157 12.77 21.08 24.58
CA ILE C 157 11.38 20.67 24.49
C ILE C 157 11.22 19.30 23.84
N THR C 158 12.09 18.98 22.85
CA THR C 158 12.01 17.68 22.19
C THR C 158 12.22 16.62 23.23
N ARG C 159 13.27 16.80 24.02
CA ARG C 159 13.58 15.87 25.13
C ARG C 159 12.40 15.64 26.05
N ARG C 160 11.77 16.73 26.51
CA ARG C 160 10.64 16.57 27.47
C ARG C 160 9.41 15.93 26.83
N ILE C 161 9.24 16.18 25.53
CA ILE C 161 8.11 15.58 24.79
C ILE C 161 8.45 14.09 24.62
N ASN C 162 9.71 13.77 24.32
CA ASN C 162 10.03 12.29 24.23
C ASN C 162 9.81 11.54 25.50
N LEU C 163 9.98 12.19 26.68
CA LEU C 163 9.66 11.53 27.96
C LEU C 163 8.17 11.12 28.13
N GLU C 164 7.31 11.63 27.30
CA GLU C 164 5.86 11.24 27.25
C GLU C 164 5.65 10.24 26.08
N ASN C 165 6.73 9.64 25.62
CA ASN C 165 6.66 8.66 24.49
C ASN C 165 5.98 9.21 23.26
N ILE C 166 6.34 10.46 22.91
CA ILE C 166 5.75 11.20 21.75
C ILE C 166 6.94 11.71 20.90
N TRP C 167 6.87 11.44 19.61
CA TRP C 167 8.08 11.43 18.80
C TRP C 167 7.86 12.26 17.52
N GLN C 168 6.66 12.86 17.38
CA GLN C 168 6.35 13.68 16.22
C GLN C 168 5.86 15.02 16.81
N ALA C 169 6.00 16.11 16.08
CA ALA C 169 5.41 17.38 16.45
C ALA C 169 4.92 18.15 15.18
N ILE C 170 4.00 19.07 15.42
CA ILE C 170 3.52 19.94 14.33
C ILE C 170 3.82 21.39 14.75
N TYR C 171 4.20 22.22 13.79
CA TYR C 171 4.50 23.63 14.02
C TYR C 171 4.29 24.43 12.77
N THR C 172 4.03 25.72 12.96
CA THR C 172 4.03 26.68 11.83
C THR C 172 5.11 27.76 11.99
N ALA C 173 5.51 28.38 10.89
CA ALA C 173 6.31 29.57 10.92
C ALA C 173 6.16 30.33 9.62
N GLY C 174 6.36 31.63 9.73
CA GLY C 174 6.53 32.51 8.62
C GLY C 174 7.82 32.29 7.84
N VAL C 175 8.90 31.92 8.52
CA VAL C 175 10.16 31.65 7.83
C VAL C 175 10.19 30.29 7.13
N TYR C 176 11.00 30.24 6.07
CA TYR C 176 11.21 29.03 5.32
C TYR C 176 12.29 28.24 5.97
N LEU C 177 11.94 27.03 6.44
CA LEU C 177 12.88 26.06 7.06
C LEU C 177 12.73 24.71 6.41
N PRO C 178 13.66 23.74 6.70
CA PRO C 178 13.47 22.42 6.14
C PRO C 178 12.37 21.66 6.92
N LYS C 179 11.29 21.20 6.26
CA LYS C 179 10.85 21.59 4.91
C LYS C 179 9.36 21.60 5.07
N PRO C 180 8.64 22.64 4.53
CA PRO C 180 7.17 22.54 4.75
C PRO C 180 6.50 21.31 4.14
N VAL C 181 5.43 20.88 4.84
CA VAL C 181 4.53 19.88 4.30
CA VAL C 181 4.54 19.88 4.29
C VAL C 181 3.45 20.63 3.53
N SER C 182 3.25 21.91 3.89
CA SER C 182 2.37 22.75 3.13
C SER C 182 2.64 24.22 3.39
N ASP C 183 2.24 25.05 2.43
CA ASP C 183 2.45 26.48 2.53
C ASP C 183 1.16 27.19 2.29
N ALA C 184 0.75 28.08 3.19
CA ALA C 184 -0.51 28.76 3.04
C ALA C 184 -0.41 30.28 3.03
N ARG C 185 -0.80 30.90 1.93
CA ARG C 185 -0.80 32.40 1.83
C ARG C 185 -1.85 32.90 2.81
N TYR C 186 -1.59 34.02 3.43
CA TYR C 186 -2.63 34.69 4.24
C TYR C 186 -3.32 35.82 3.47
N TYR C 187 -4.60 36.01 3.75
CA TYR C 187 -5.43 37.08 3.19
C TYR C 187 -6.19 37.79 4.31
N HIS C 188 -6.68 39.00 4.03
N HIS C 188 -6.69 38.99 4.04
CA HIS C 188 -7.26 39.89 5.07
CA HIS C 188 -7.30 39.81 5.09
C HIS C 188 -8.49 40.58 4.51
C HIS C 188 -8.50 40.50 4.51
N ARG C 189 -9.57 40.61 5.28
CA ARG C 189 -10.75 41.40 4.89
CA ARG C 189 -10.69 41.42 4.85
C ARG C 189 -10.80 42.62 5.79
N SER C 190 -10.66 43.83 5.23
CA SER C 190 -10.69 45.01 6.09
C SER C 190 -12.09 45.31 6.56
N ILE C 191 -12.18 45.61 7.85
CA ILE C 191 -13.40 46.06 8.44
C ILE C 191 -13.32 47.54 8.78
N ASN C 192 -12.35 47.94 9.58
CA ASN C 192 -12.13 49.36 9.82
C ASN C 192 -11.20 50.07 8.86
N VAL C 193 -11.78 50.38 7.71
CA VAL C 193 -11.02 50.84 6.59
C VAL C 193 -10.22 52.09 6.90
N LYS C 194 -10.82 53.03 7.61
CA LYS C 194 -10.11 54.27 7.90
C LYS C 194 -8.77 54.01 8.67
N LYS C 195 -8.85 53.12 9.64
CA LYS C 195 -7.69 52.82 10.49
C LYS C 195 -6.67 52.04 9.68
N LEU C 196 -7.12 51.04 8.96
CA LEU C 196 -6.16 50.22 8.21
C LEU C 196 -5.34 51.01 7.22
N ILE C 197 -6.03 51.99 6.64
CA ILE C 197 -5.42 52.96 5.76
C ILE C 197 -4.37 53.75 6.54
N GLU C 198 -4.78 54.34 7.66
CA GLU C 198 -3.90 55.22 8.45
C GLU C 198 -2.59 54.57 8.85
N ILE C 199 -2.66 53.31 9.27
CA ILE C 199 -1.52 52.64 9.89
C ILE C 199 -0.61 51.85 8.94
N GLY C 200 -0.94 51.81 7.64
CA GLY C 200 -0.16 51.10 6.61
C GLY C 200 -0.32 49.59 6.56
N PHE C 201 -1.51 49.12 6.94
CA PHE C 201 -1.89 47.73 6.81
C PHE C 201 -2.33 47.47 5.36
N LYS C 215 -16.33 50.24 -1.08
CA LYS C 215 -17.34 49.18 -1.03
C LYS C 215 -17.04 48.28 0.18
N LEU C 216 -16.05 48.70 0.97
CA LEU C 216 -15.53 47.91 2.07
C LEU C 216 -16.19 48.35 3.35
N TYR C 217 -16.40 49.67 3.47
CA TYR C 217 -17.13 50.28 4.58
C TYR C 217 -18.56 49.76 4.75
N ARG C 218 -19.14 49.29 3.65
CA ARG C 218 -20.53 48.91 3.63
C ARG C 218 -20.69 47.41 3.95
N VAL C 219 -20.97 47.08 5.22
N VAL C 219 -20.99 47.11 5.23
CA VAL C 219 -21.41 45.74 5.51
CA VAL C 219 -21.38 45.78 5.61
C VAL C 219 -22.82 45.80 6.07
C VAL C 219 -22.83 45.80 6.10
N GLU C 220 -23.69 45.03 5.47
CA GLU C 220 -25.08 44.88 5.95
C GLU C 220 -25.10 44.17 7.30
N ASP C 221 -25.62 44.84 8.31
CA ASP C 221 -25.70 44.29 9.67
CA ASP C 221 -25.82 44.42 9.73
C ASP C 221 -26.87 43.28 9.82
N THR C 222 -26.99 42.39 8.79
CA THR C 222 -27.92 41.25 8.86
C THR C 222 -27.28 39.92 8.46
N LEU C 223 -27.42 38.88 9.28
CA LEU C 223 -26.93 37.52 9.03
C LEU C 223 -27.63 36.78 7.90
N ASN C 224 -26.89 36.01 7.09
CA ASN C 224 -27.45 35.13 6.14
C ASN C 224 -28.10 33.96 6.83
N ILE C 225 -27.43 33.49 7.87
CA ILE C 225 -27.99 32.47 8.72
C ILE C 225 -28.54 33.09 10.01
N LYS C 226 -29.85 33.43 9.99
CA LYS C 226 -30.46 34.29 11.03
C LYS C 226 -30.27 33.76 12.48
N ASN C 227 -30.23 32.44 12.66
CA ASN C 227 -30.18 31.84 14.01
C ASN C 227 -28.74 31.58 14.51
N MET C 228 -27.70 32.05 13.77
CA MET C 228 -26.33 31.94 14.24
CA MET C 228 -26.30 32.01 14.24
C MET C 228 -26.15 32.59 15.66
N ARG C 229 -25.64 31.86 16.63
CA ARG C 229 -25.67 32.30 18.05
C ARG C 229 -24.49 31.72 18.79
N LEU C 230 -24.15 32.33 19.90
CA LEU C 230 -22.93 31.92 20.61
C LEU C 230 -23.07 30.48 21.08
N MET C 231 -21.99 29.70 20.91
CA MET C 231 -22.00 28.33 21.33
C MET C 231 -22.15 28.26 22.84
N LYS C 232 -22.96 27.27 23.27
CA LYS C 232 -23.22 27.04 24.67
CA LYS C 232 -23.19 27.07 24.67
C LYS C 232 -22.73 25.65 25.00
N LYS C 233 -22.58 25.32 26.30
CA LYS C 233 -22.23 23.96 26.74
CA LYS C 233 -22.17 23.96 26.69
C LYS C 233 -22.97 22.79 26.06
N LYS C 234 -24.29 22.94 25.92
CA LYS C 234 -25.17 21.88 25.40
C LYS C 234 -24.82 21.52 23.93
N ASP C 235 -24.06 22.43 23.29
CA ASP C 235 -23.70 22.33 21.88
C ASP C 235 -22.46 21.45 21.63
N VAL C 236 -21.74 21.12 22.69
CA VAL C 236 -20.40 20.48 22.52
C VAL C 236 -20.57 19.26 21.66
N GLU C 237 -21.53 18.37 22.02
CA GLU C 237 -21.66 17.13 21.23
C GLU C 237 -21.93 17.40 19.70
N GLY C 238 -22.86 18.32 19.41
CA GLY C 238 -23.25 18.59 18.03
C GLY C 238 -22.08 19.23 17.21
N VAL C 239 -21.35 20.11 17.85
CA VAL C 239 -20.07 20.68 17.31
C VAL C 239 -19.02 19.57 17.02
N HIS C 240 -18.90 18.64 17.97
CA HIS C 240 -17.96 17.56 17.83
C HIS C 240 -18.31 16.73 16.60
N LYS C 241 -19.59 16.41 16.43
CA LYS C 241 -20.05 15.58 15.34
CA LYS C 241 -20.05 15.57 15.33
C LYS C 241 -19.90 16.30 13.99
N LEU C 242 -20.34 17.57 13.96
CA LEU C 242 -20.20 18.39 12.74
C LEU C 242 -18.75 18.65 12.30
N LEU C 243 -17.93 19.08 13.25
CA LEU C 243 -16.57 19.43 12.90
C LEU C 243 -15.78 18.17 12.62
N GLY C 244 -15.98 17.16 13.48
CA GLY C 244 -15.24 15.91 13.34
C GLY C 244 -15.43 15.27 12.00
N SER C 245 -16.69 15.16 11.56
N SER C 245 -16.68 15.19 11.50
CA SER C 245 -16.98 14.61 10.26
CA SER C 245 -16.94 14.58 10.18
C SER C 245 -16.32 15.44 9.16
C SER C 245 -16.49 15.47 9.03
N TYR C 246 -16.45 16.75 9.25
CA TYR C 246 -16.03 17.66 8.18
C TYR C 246 -14.53 17.50 8.01
N LEU C 247 -13.81 17.39 9.11
CA LEU C 247 -12.33 17.32 9.03
C LEU C 247 -11.71 16.06 8.36
N GLU C 248 -12.46 14.96 8.25
CA GLU C 248 -11.86 13.69 7.80
C GLU C 248 -11.51 13.77 6.33
N GLN C 249 -12.05 14.77 5.64
CA GLN C 249 -11.71 14.94 4.23
C GLN C 249 -10.27 15.45 4.02
N PHE C 250 -9.62 15.98 5.09
CA PHE C 250 -8.35 16.66 4.87
C PHE C 250 -7.14 15.76 4.99
N ASN C 251 -6.00 16.18 4.44
N ASN C 251 -6.01 16.26 4.44
CA ASN C 251 -4.79 15.36 4.53
CA ASN C 251 -4.68 15.62 4.41
C ASN C 251 -4.10 15.59 5.85
C ASN C 251 -3.93 15.78 5.70
N LEU C 252 -4.39 16.71 6.53
CA LEU C 252 -3.78 17.00 7.83
C LEU C 252 -4.76 17.68 8.75
N TYR C 253 -5.06 17.10 9.92
CA TYR C 253 -6.08 17.69 10.79
C TYR C 253 -5.92 17.13 12.18
N ALA C 254 -6.34 17.93 13.18
CA ALA C 254 -6.47 17.42 14.55
C ALA C 254 -7.73 16.52 14.66
N VAL C 255 -7.56 15.41 15.35
CA VAL C 255 -8.67 14.52 15.63
C VAL C 255 -9.17 14.86 17.05
N PHE C 256 -10.07 15.82 17.12
CA PHE C 256 -10.57 16.32 18.37
C PHE C 256 -11.40 15.31 19.17
N THR C 257 -11.15 15.19 20.50
CA THR C 257 -12.08 14.50 21.40
C THR C 257 -13.19 15.46 21.85
N LYS C 258 -14.24 14.94 22.52
CA LYS C 258 -15.29 15.81 23.00
C LYS C 258 -14.74 16.86 23.96
N GLU C 259 -13.85 16.47 24.87
N GLU C 259 -13.87 16.42 24.89
CA GLU C 259 -13.24 17.45 25.77
CA GLU C 259 -13.08 17.31 25.78
C GLU C 259 -12.41 18.56 25.09
C GLU C 259 -12.42 18.51 25.10
N GLU C 260 -11.77 18.22 23.96
CA GLU C 260 -10.97 19.16 23.21
C GLU C 260 -11.93 20.10 22.49
N ILE C 261 -13.08 19.56 22.03
CA ILE C 261 -14.10 20.46 21.46
C ILE C 261 -14.53 21.49 22.53
N ALA C 262 -14.86 21.06 23.73
CA ALA C 262 -15.30 22.04 24.75
C ALA C 262 -14.21 23.10 24.99
N HIS C 263 -12.98 22.67 25.18
CA HIS C 263 -11.84 23.59 25.42
C HIS C 263 -11.66 24.54 24.20
N TRP C 264 -11.58 23.99 22.98
CA TRP C 264 -11.14 24.86 21.88
C TRP C 264 -12.25 25.75 21.34
N PHE C 265 -13.52 25.42 21.65
CA PHE C 265 -14.59 26.23 21.06
C PHE C 265 -15.51 26.97 21.99
N LEU C 266 -15.63 26.56 23.24
CA LEU C 266 -16.59 27.27 24.13
C LEU C 266 -16.12 28.75 24.28
N PRO C 267 -17.03 29.68 24.03
CA PRO C 267 -16.55 31.01 23.84
C PRO C 267 -15.99 31.65 25.14
N ILE C 268 -14.91 32.39 24.93
CA ILE C 268 -14.26 33.19 25.96
C ILE C 268 -14.10 34.61 25.31
N GLU C 269 -14.72 35.62 25.93
CA GLU C 269 -14.58 37.01 25.52
C GLU C 269 -13.16 37.41 25.29
N ASN C 270 -12.92 38.01 24.13
CA ASN C 270 -11.62 38.50 23.65
C ASN C 270 -10.59 37.39 23.49
N VAL C 271 -11.05 36.15 23.42
CA VAL C 271 -10.10 35.07 23.18
C VAL C 271 -10.63 34.24 22.02
N ILE C 272 -11.78 33.59 22.23
CA ILE C 272 -12.29 32.65 21.23
C ILE C 272 -13.83 32.82 21.10
N TYR C 273 -14.28 32.78 19.85
CA TYR C 273 -15.64 33.10 19.45
C TYR C 273 -16.09 32.01 18.57
N THR C 274 -17.20 31.36 19.01
CA THR C 274 -17.81 30.25 18.27
C THR C 274 -19.33 30.50 18.25
N TYR C 275 -19.86 30.44 17.03
CA TYR C 275 -21.29 30.62 16.79
C TYR C 275 -21.80 29.36 16.12
N VAL C 276 -23.01 28.97 16.45
CA VAL C 276 -23.60 27.79 15.82
C VAL C 276 -25.04 28.10 15.33
N ASN C 277 -25.47 27.37 14.31
CA ASN C 277 -26.86 27.36 13.88
C ASN C 277 -27.46 26.01 14.30
N GLU C 278 -28.35 26.05 15.26
CA GLU C 278 -29.09 24.82 15.66
C GLU C 278 -30.51 24.74 14.99
N GLU C 279 -30.77 23.63 14.31
CA GLU C 279 -32.00 23.46 13.56
C GLU C 279 -32.53 22.04 13.89
N ASN C 280 -33.69 21.96 14.54
CA ASN C 280 -34.16 20.69 15.18
C ASN C 280 -33.24 20.01 16.17
N GLY C 281 -32.77 20.65 17.23
CA GLY C 281 -31.78 20.07 18.13
C GLY C 281 -30.40 19.69 17.56
N LYS C 282 -30.23 19.81 16.24
CA LYS C 282 -28.97 19.51 15.54
C LYS C 282 -28.14 20.74 15.23
N ILE C 283 -26.84 20.69 15.49
CA ILE C 283 -25.95 21.78 15.08
C ILE C 283 -25.58 21.59 13.60
N LYS C 284 -26.05 22.45 12.71
CA LYS C 284 -25.86 22.26 11.27
C LYS C 284 -24.73 23.16 10.63
N ASP C 285 -24.37 24.28 11.29
CA ASP C 285 -23.39 25.22 10.74
C ASP C 285 -22.63 25.81 11.93
N MET C 286 -21.34 26.18 11.73
CA MET C 286 -20.56 26.74 12.84
C MET C 286 -19.58 27.74 12.24
N ILE C 287 -19.30 28.83 12.99
CA ILE C 287 -18.30 29.82 12.64
C ILE C 287 -17.40 29.98 13.89
N SER C 288 -16.11 30.16 13.67
CA SER C 288 -15.24 30.44 14.81
C SER C 288 -14.06 31.31 14.41
N PHE C 289 -13.58 32.12 15.35
CA PHE C 289 -12.42 32.92 15.12
C PHE C 289 -11.86 33.28 16.44
N TYR C 290 -10.55 33.43 16.47
CA TYR C 290 -9.86 33.87 17.65
C TYR C 290 -9.40 35.31 17.55
N SER C 291 -9.22 35.90 18.75
CA SER C 291 -8.76 37.31 18.88
C SER C 291 -7.24 37.34 19.03
N LEU C 292 -6.55 38.01 18.11
CA LEU C 292 -5.07 38.18 18.21
C LEU C 292 -4.73 39.63 17.87
N PRO C 293 -4.67 40.51 18.88
CA PRO C 293 -4.18 41.87 18.56
C PRO C 293 -2.73 41.92 18.04
N SER C 294 -2.39 43.03 17.36
CA SER C 294 -0.98 43.37 17.10
C SER C 294 -0.67 44.75 17.68
N GLN C 295 0.51 44.90 18.27
CA GLN C 295 0.98 46.24 18.65
C GLN C 295 1.35 46.95 17.38
N ILE C 296 0.92 48.21 17.26
CA ILE C 296 1.29 49.01 16.06
C ILE C 296 2.61 49.73 16.38
N LEU C 297 3.68 49.44 15.67
CA LEU C 297 4.98 49.86 16.22
C LEU C 297 5.26 51.30 15.84
N GLY C 298 5.66 52.13 16.78
CA GLY C 298 6.10 53.51 16.45
C GLY C 298 5.01 54.38 15.80
N ASN C 299 3.77 54.14 16.20
CA ASN C 299 2.64 54.88 15.68
C ASN C 299 2.04 55.57 16.85
N ASP C 300 2.07 56.89 16.81
CA ASP C 300 1.64 57.68 17.97
C ASP C 300 0.14 57.96 17.97
N LYS C 301 -0.56 57.58 16.90
CA LYS C 301 -2.03 57.82 16.80
CA LYS C 301 -2.02 57.82 16.83
C LYS C 301 -2.82 56.58 17.31
N TYR C 302 -2.37 55.40 16.86
CA TYR C 302 -3.04 54.10 17.20
C TYR C 302 -1.97 53.15 17.77
N SER C 303 -2.33 52.48 18.86
CA SER C 303 -1.39 51.62 19.48
C SER C 303 -1.62 50.13 19.14
N THR C 304 -2.88 49.73 18.88
CA THR C 304 -3.27 48.30 18.85
C THR C 304 -4.17 48.03 17.64
N LEU C 305 -3.82 47.03 16.80
CA LEU C 305 -4.70 46.53 15.76
C LEU C 305 -5.52 45.38 16.40
N ASN C 306 -6.85 45.49 16.41
CA ASN C 306 -7.72 44.46 16.90
CA ASN C 306 -7.77 44.47 16.96
C ASN C 306 -8.14 43.51 15.79
N ALA C 307 -7.73 42.26 15.86
CA ALA C 307 -7.80 41.38 14.66
C ALA C 307 -8.38 40.01 15.03
N ALA C 308 -9.30 39.54 14.20
CA ALA C 308 -9.86 38.25 14.35
C ALA C 308 -9.20 37.36 13.29
N TYR C 309 -8.99 36.10 13.68
CA TYR C 309 -8.35 35.06 12.85
C TYR C 309 -9.34 33.93 12.73
N SER C 310 -9.69 33.62 11.49
CA SER C 310 -10.59 32.55 11.15
C SER C 310 -10.02 31.27 11.72
N PHE C 311 -10.87 30.49 12.37
CA PHE C 311 -10.46 29.21 13.03
C PHE C 311 -11.13 28.07 12.26
N TYR C 312 -12.29 27.51 12.72
CA TYR C 312 -13.00 26.49 11.96
C TYR C 312 -14.41 26.91 11.63
N ASN C 313 -14.78 26.69 10.39
CA ASN C 313 -16.11 27.12 9.86
C ASN C 313 -16.67 26.02 8.99
N VAL C 314 -17.89 25.55 9.30
CA VAL C 314 -18.52 24.49 8.53
C VAL C 314 -19.95 24.93 8.31
N THR C 315 -20.42 24.74 7.07
CA THR C 315 -21.82 24.94 6.76
C THR C 315 -22.41 23.72 6.03
N THR C 316 -23.60 23.27 6.49
CA THR C 316 -24.43 22.32 5.78
C THR C 316 -25.79 22.88 5.32
N THR C 317 -26.17 24.08 5.74
CA THR C 317 -27.44 24.67 5.26
C THR C 317 -27.30 25.87 4.33
N ALA C 318 -26.08 26.35 4.14
CA ALA C 318 -25.79 27.58 3.38
C ALA C 318 -24.62 27.39 2.46
N THR C 319 -24.29 28.40 1.64
CA THR C 319 -23.04 28.28 0.88
C THR C 319 -21.84 28.69 1.79
N PHE C 320 -20.64 28.25 1.42
CA PHE C 320 -19.44 28.71 2.21
C PHE C 320 -19.27 30.18 2.15
N LYS C 321 -19.60 30.73 1.00
CA LYS C 321 -19.58 32.18 0.92
C LYS C 321 -20.46 32.90 1.93
N GLN C 322 -21.72 32.49 2.03
CA GLN C 322 -22.69 33.07 2.94
C GLN C 322 -22.26 32.89 4.38
N LEU C 323 -21.74 31.69 4.69
CA LEU C 323 -21.21 31.40 6.00
C LEU C 323 -20.06 32.40 6.28
N MET C 324 -19.10 32.54 5.36
CA MET C 324 -17.93 33.37 5.73
C MET C 324 -18.30 34.87 5.79
N GLN C 325 -19.31 35.22 5.00
CA GLN C 325 -19.82 36.55 5.03
C GLN C 325 -20.39 36.85 6.40
N ASP C 326 -21.18 35.89 6.94
CA ASP C 326 -21.58 35.97 8.36
C ASP C 326 -20.42 36.01 9.34
N ALA C 327 -19.35 35.27 9.01
CA ALA C 327 -18.20 35.31 9.93
C ALA C 327 -17.64 36.75 10.05
N ILE C 328 -17.48 37.45 8.94
CA ILE C 328 -16.99 38.82 8.84
C ILE C 328 -17.94 39.74 9.64
N LEU C 329 -19.27 39.52 9.44
CA LEU C 329 -20.26 40.36 10.08
C LEU C 329 -20.12 40.18 11.62
N LEU C 330 -20.02 38.92 12.06
CA LEU C 330 -19.88 38.67 13.47
C LEU C 330 -18.60 39.31 14.02
N ALA C 331 -17.52 39.26 13.20
CA ALA C 331 -16.24 39.93 13.61
C ALA C 331 -16.45 41.43 13.75
N LYS C 332 -17.21 41.98 12.81
CA LYS C 332 -17.53 43.39 12.85
C LYS C 332 -18.29 43.76 14.10
N ARG C 333 -19.37 43.04 14.35
CA ARG C 333 -20.17 43.33 15.53
C ARG C 333 -19.36 43.24 16.83
N ASN C 334 -18.30 42.43 16.81
CA ASN C 334 -17.37 42.32 17.96
C ASN C 334 -16.17 43.25 17.92
N ASN C 335 -16.27 44.27 17.09
CA ASN C 335 -15.38 45.39 17.16
C ASN C 335 -13.97 45.11 16.56
N PHE C 336 -13.86 44.06 15.77
CA PHE C 336 -12.57 43.80 15.10
C PHE C 336 -12.35 44.77 13.93
N ASP C 337 -11.09 45.18 13.74
CA ASP C 337 -10.67 46.04 12.66
C ASP C 337 -10.50 45.31 11.33
N VAL C 338 -10.21 44.02 11.45
CA VAL C 338 -9.85 43.17 10.30
C VAL C 338 -10.16 41.70 10.66
N PHE C 339 -10.43 40.93 9.62
CA PHE C 339 -10.61 39.48 9.63
C PHE C 339 -9.58 38.79 8.74
N ASN C 340 -8.76 37.97 9.37
CA ASN C 340 -7.62 37.26 8.71
C ASN C 340 -7.93 35.82 8.43
N ALA C 341 -7.53 35.29 7.28
CA ALA C 341 -7.63 33.84 7.10
C ALA C 341 -6.44 33.32 6.31
N LEU C 342 -6.21 32.02 6.36
CA LEU C 342 -5.24 31.37 5.44
C LEU C 342 -5.99 30.73 4.33
N GLU C 343 -5.32 30.44 3.20
CA GLU C 343 -5.91 29.60 2.13
C GLU C 343 -5.96 28.06 2.46
N VAL C 344 -6.45 27.71 3.61
CA VAL C 344 -6.66 26.30 4.00
C VAL C 344 -8.12 25.92 3.91
N MET C 345 -8.41 24.61 3.97
CA MET C 345 -9.80 24.13 3.92
C MET C 345 -10.49 24.74 2.72
N GLN C 346 -11.67 25.35 2.93
CA GLN C 346 -12.47 25.90 1.79
C GLN C 346 -12.22 27.38 1.56
N ASN C 347 -11.27 27.94 2.32
CA ASN C 347 -11.18 29.39 2.44
C ASN C 347 -10.88 30.10 1.13
N LYS C 348 -9.96 29.55 0.32
CA LYS C 348 -9.51 30.29 -0.86
C LYS C 348 -10.71 30.60 -1.77
N SER C 349 -11.67 29.70 -1.82
CA SER C 349 -12.85 29.86 -2.70
C SER C 349 -13.68 31.07 -2.42
N VAL C 350 -13.58 31.69 -1.25
CA VAL C 350 -14.45 32.85 -0.94
C VAL C 350 -13.68 34.20 -0.91
N PHE C 351 -12.37 34.13 -1.11
CA PHE C 351 -11.54 35.34 -0.90
C PHE C 351 -11.83 36.49 -1.92
N GLU C 352 -11.98 36.15 -3.20
CA GLU C 352 -12.25 37.21 -4.20
C GLU C 352 -13.65 37.80 -4.00
N ASP C 353 -14.67 36.97 -3.82
CA ASP C 353 -16.07 37.48 -3.80
C ASP C 353 -16.35 38.26 -2.51
N LEU C 354 -15.61 37.94 -1.46
CA LEU C 354 -15.77 38.66 -0.16
C LEU C 354 -14.71 39.72 0.06
N LYS C 355 -13.95 40.03 -0.98
CA LYS C 355 -13.07 41.22 -0.98
C LYS C 355 -11.90 41.19 -0.01
N PHE C 356 -11.36 40.00 0.21
CA PHE C 356 -10.08 39.80 0.91
C PHE C 356 -8.96 40.32 0.04
N GLY C 357 -7.98 40.98 0.65
CA GLY C 357 -6.75 41.28 -0.05
C GLY C 357 -5.71 40.24 0.30
N GLU C 358 -4.87 39.87 -0.68
CA GLU C 358 -3.71 39.00 -0.37
C GLU C 358 -2.74 39.71 0.54
N GLY C 359 -2.21 39.03 1.54
CA GLY C 359 -1.22 39.69 2.41
C GLY C 359 0.18 39.58 1.81
N ASP C 360 1.17 39.87 2.65
CA ASP C 360 2.63 39.91 2.35
C ASP C 360 3.37 38.59 2.09
N GLY C 361 2.85 37.52 2.67
CA GLY C 361 3.63 36.28 2.76
C GLY C 361 2.79 35.05 3.02
N SER C 362 3.44 34.00 3.47
CA SER C 362 2.69 32.82 3.73
C SER C 362 3.12 32.24 5.05
N LEU C 363 2.30 31.29 5.51
CA LEU C 363 2.58 30.52 6.68
C LEU C 363 2.88 29.07 6.30
N LYS C 364 4.00 28.58 6.83
CA LYS C 364 4.49 27.24 6.48
C LYS C 364 4.13 26.30 7.58
N TYR C 365 3.59 25.14 7.16
CA TYR C 365 3.35 24.06 8.05
C TYR C 365 4.45 23.04 7.99
N TYR C 366 4.88 22.70 9.18
CA TYR C 366 5.89 21.63 9.36
C TYR C 366 5.45 20.50 10.29
N LEU C 367 6.05 19.33 10.02
CA LEU C 367 6.06 18.24 10.97
C LEU C 367 7.51 17.86 11.38
N TYR C 368 7.66 17.40 12.62
CA TYR C 368 8.96 16.89 13.08
C TYR C 368 8.99 15.39 13.08
N ASN C 369 10.06 14.79 12.60
CA ASN C 369 10.14 13.32 12.54
C ASN C 369 9.00 12.62 11.73
N TRP C 370 8.69 13.21 10.58
CA TRP C 370 7.62 12.70 9.71
C TRP C 370 7.92 12.95 8.25
N LYS C 371 7.88 11.88 7.48
CA LYS C 371 8.26 11.92 6.07
C LYS C 371 7.00 11.57 5.29
N CYS C 372 6.57 12.51 4.46
CA CYS C 372 5.39 12.29 3.58
C CYS C 372 5.49 13.31 2.46
N ALA C 373 4.70 13.14 1.40
CA ALA C 373 4.66 14.15 0.32
C ALA C 373 3.98 15.42 0.79
N SER C 374 4.51 16.56 0.36
CA SER C 374 3.86 17.83 0.59
C SER C 374 2.51 17.87 -0.13
N PHE C 375 1.68 18.86 0.17
CA PHE C 375 0.41 19.01 -0.55
C PHE C 375 -0.02 20.49 -0.52
N ALA C 376 -0.98 20.82 -1.38
CA ALA C 376 -1.59 22.12 -1.53
C ALA C 376 -2.34 22.48 -0.28
N PRO C 377 -2.35 23.74 0.12
CA PRO C 377 -3.02 24.10 1.41
C PRO C 377 -4.56 23.88 1.48
N ALA C 378 -5.23 23.68 0.37
CA ALA C 378 -6.63 23.35 0.40
C ALA C 378 -6.84 22.00 1.15
N HIS C 379 -5.78 21.17 1.16
CA HIS C 379 -5.78 19.91 1.86
C HIS C 379 -5.36 20.01 3.34
N VAL C 380 -4.95 21.19 3.79
CA VAL C 380 -4.64 21.49 5.26
C VAL C 380 -6.00 21.72 5.92
N GLY C 381 -6.26 20.90 6.93
CA GLY C 381 -7.45 20.98 7.77
C GLY C 381 -7.17 21.36 9.22
N ILE C 382 -6.06 22.08 9.49
CA ILE C 382 -5.76 22.48 10.92
C ILE C 382 -5.30 23.93 10.91
N VAL C 383 -5.70 24.69 11.93
CA VAL C 383 -5.33 26.05 12.08
C VAL C 383 -4.67 26.14 13.45
N LEU C 384 -3.37 26.40 13.45
CA LEU C 384 -2.62 26.60 14.69
C LEU C 384 -2.67 28.05 15.12
N LEU C 385 -2.49 28.31 16.41
CA LEU C 385 -2.73 29.64 16.94
C LEU C 385 -1.59 30.63 16.61
S1 NHW D . 19.17 -12.30 -23.25
C2 NHW D . 19.48 -12.83 -25.02
C3 NHW D . 20.99 -12.95 -25.37
N4 NHW D . 21.17 -13.11 -26.84
C5 NHW D . 20.62 -14.02 -27.56
O5 NHW D . 20.06 -14.98 -27.05
C6 NHW D . 20.85 -13.92 -29.09
C7 NHW D . 21.02 -15.34 -29.76
N8 NHW D . 22.21 -16.09 -29.18
C9 NHW D . 23.48 -15.66 -29.32
O9 NHW D . 23.85 -14.59 -29.92
CP NHW D . 19.26 -10.49 -23.23
C10 NHW D . 24.49 -16.60 -28.66
O10 NHW D . 23.81 -17.84 -28.49
C11 NHW D . 24.93 -16.04 -27.23
C12 NHW D . 25.84 -17.06 -26.50
C13 NHW D . 23.71 -15.73 -26.29
C14 NHW D . 25.76 -14.73 -27.45
N1A NHW D . 23.49 -14.59 -20.97
O1A NHW D . 30.17 -20.59 -26.40
P1A NHW D . 29.50 -19.35 -26.11
C1M NHW D . 20.75 -10.16 -22.91
O1M NHW D . 21.43 -9.76 -23.83
C1X NHW D . 26.65 -18.55 -21.43
C2A NHW D . 24.61 -14.87 -20.30
O2A NHW D . 30.16 -18.14 -26.70
P2A NHW D . 27.18 -18.93 -27.72
C2M NHW D . 21.40 -10.34 -21.48
C2X NHW D . 26.45 -20.10 -21.36
O2X NHW D . 25.78 -20.50 -20.14
N3A NHW D . 25.29 -16.00 -20.55
O3A NHW D . 27.99 -19.50 -26.49
C3M NHW D . 22.94 -10.62 -21.59
C3X NHW D . 27.90 -20.54 -21.32
O3X NHW D . 28.50 -20.28 -20.01
P3X NHW D . 28.66 -21.63 -19.11
C4A NHW D . 24.93 -16.85 -21.54
O4A NHW D . 27.92 -19.01 -29.02
C4M NHW D . 23.55 -10.86 -20.14
C4X NHW D . 28.57 -19.64 -22.32
O4X NHW D . 27.72 -18.39 -22.28
C5A NHW D . 23.81 -16.53 -22.28
O5A NHW D . 25.87 -19.57 -27.63
C5M NHW D . 25.00 -11.40 -20.21
C5X NHW D . 28.68 -20.11 -23.71
O5X NHW D . 29.39 -19.14 -24.53
C6A NHW D . 23.07 -15.39 -21.94
N6A NHW D . 21.89 -15.09 -22.61
O6A NHW D . 26.91 -17.43 -27.39
C6M NHW D . 25.68 -11.46 -18.83
N7A NHW D . 23.66 -17.55 -23.17
O7A NHW D . 29.06 -21.14 -17.59
C7M NHW D . 25.70 -10.06 -18.08
C8A NHW D . 24.68 -18.46 -23.07
O8A NHW D . 27.22 -22.24 -19.22
C8M NHW D . 26.55 -10.17 -16.76
N9A NHW D . 25.48 -17.98 -22.05
O9A NHW D . 29.64 -22.56 -19.77
C9M NHW D . 26.81 -8.76 -16.23
CAM NHW D . 28.07 -8.20 -16.80
CBM NHW D . 28.36 -6.83 -16.18
CCM NHW D . 28.71 -6.83 -14.68
CDM NHW D . 29.06 -5.47 -14.16
CEM NHW D . 29.51 -5.32 -12.64
O1 31A E . 10.98 -12.93 -24.10
C9 31A E . 9.77 -12.72 -24.63
N1 31A E . 9.36 -13.49 -25.58
C 31A E . 10.15 -14.50 -26.05
C1 31A E . 9.72 -15.42 -27.12
C2 31A E . 10.09 -14.91 -28.46
C8 31A E . 9.06 -14.52 -29.33
C6 31A E . 9.38 -13.98 -30.59
O 31A E . 8.37 -13.57 -31.45
C7 31A E . 7.01 -13.51 -30.99
C5 31A E . 10.73 -13.85 -31.01
C4 31A E . 11.73 -14.24 -30.11
C3 31A E . 11.44 -14.75 -28.85
N 31A E . 11.25 -14.80 -25.51
C10 31A E . 8.91 -11.69 -23.98
C20 31A E . 7.51 -11.88 -23.87
C19 31A E . 6.69 -10.93 -23.27
C18 31A E . 7.26 -9.81 -22.73
C17 31A E . 8.63 -9.59 -22.79
C11 31A E . 9.51 -10.51 -23.40
O2 31A E . 10.84 -10.25 -23.48
C12 31A E . 11.29 -8.90 -23.74
C16 31A E . 12.14 -8.91 -25.02
C15 31A E . 13.53 -9.53 -24.87
N2 31A E . 14.20 -9.09 -23.64
C14 31A E . 13.44 -8.97 -22.37
C13 31A E . 12.07 -8.28 -22.56
MG MG F . 30.82 -18.35 -29.45
CL CL G . -12.59 6.84 -26.94
S DMS H . 15.49 1.14 -17.95
O DMS H . 15.21 0.14 -19.08
C1 DMS H . 15.27 0.46 -16.40
C2 DMS H . 14.10 2.11 -18.01
S DMS I . 3.75 -0.28 -36.12
O DMS I . 2.81 -0.66 -35.04
C1 DMS I . 5.29 -0.03 -35.38
C2 DMS I . 3.27 1.18 -36.85
S1 NHW J . -19.09 -23.10 2.03
C2 NHW J . -19.93 -24.72 2.42
C3 NHW J . -21.42 -24.63 2.29
N4 NHW J . -21.95 -25.98 2.53
C5 NHW J . -21.96 -26.91 1.56
O5 NHW J . -21.54 -26.70 0.41
C6 NHW J . -22.56 -28.25 2.06
C7 NHW J . -23.30 -29.16 1.05
N8 NHW J . -24.48 -28.43 0.48
C9 NHW J . -25.45 -27.95 1.29
O9 NHW J . -25.60 -28.22 2.48
CP NHW J . -18.58 -22.65 3.74
C10 NHW J . -26.50 -27.12 0.54
O10 NHW J . -26.36 -27.39 -0.84
C11 NHW J . -26.35 -25.61 0.83
C12 NHW J . -27.26 -24.82 -0.15
C13 NHW J . -24.85 -25.09 0.70
C14 NHW J . -26.80 -25.33 2.26
N1A NHW J . -23.12 -19.98 0.38
O1A NHW J . -32.44 -23.89 -2.45
P1A NHW J . -31.36 -23.77 -1.44
C1M NHW J . -19.78 -21.96 4.38
O1M NHW J . -20.54 -22.63 5.09
C1X NHW J . -27.32 -20.01 -2.52
C2A NHW J . -24.05 -19.04 0.24
O2A NHW J . -31.63 -24.01 -0.01
P2A NHW J . -29.43 -25.95 -1.27
C2M NHW J . -20.12 -20.54 4.00
C2X NHW J . -27.64 -20.30 -3.94
O2X NHW J . -26.72 -19.47 -4.71
N3A NHW J . -25.04 -19.20 -0.60
O3A NHW J . -30.07 -24.59 -1.95
C3M NHW J . -21.65 -20.20 4.07
C3X NHW J . -29.10 -19.84 -3.93
O3X NHW J . -29.25 -18.43 -3.99
P3X NHW J . -29.54 -17.77 -5.46
C4A NHW J . -25.21 -20.37 -1.20
O4A NHW J . -30.52 -26.80 -0.70
C4M NHW J . -21.82 -18.71 3.60
C4X NHW J . -29.63 -20.39 -2.58
O4X NHW J . -28.45 -20.64 -1.78
C5A NHW J . -24.27 -21.41 -1.03
O5A NHW J . -28.48 -26.45 -2.30
C5M NHW J . -23.33 -18.36 3.64
C5X NHW J . -30.41 -21.75 -2.85
O5X NHW J . -30.90 -22.31 -1.66
C6A NHW J . -23.18 -21.17 -0.23
N6A NHW J . -22.22 -22.10 0.00
O6A NHW J . -28.66 -25.37 -0.02
C6M NHW J . -23.68 -16.87 3.40
N7A NHW J . -24.65 -22.42 -1.78
O7A NHW J . -29.44 -16.23 -5.34
C7M NHW J . -23.16 -16.01 4.58
C8A NHW J . -25.77 -22.03 -2.44
O8A NHW J . -28.50 -18.25 -6.58
C8M NHW J . -23.48 -14.51 4.30
N9A NHW J . -26.12 -20.79 -2.09
O9A NHW J . -30.89 -18.23 -5.90
C9M NHW J . -23.16 -13.60 5.49
CAM NHW J . -24.32 -13.64 6.43
CBM NHW J . -24.04 -12.79 7.66
CCM NHW J . -24.00 -11.25 7.35
CDM NHW J . -23.89 -10.46 8.71
CEM NHW J . -23.71 -8.94 8.51
O1 31A K . -11.95 -26.38 -0.43
C9 31A K . -10.86 -27.16 -0.45
N1 31A K . -10.93 -28.26 -1.08
C 31A K . -12.03 -28.59 -1.74
C1 31A K . -12.26 -29.93 -2.41
C2 31A K . -12.79 -31.00 -1.43
C8 31A K . -12.00 -32.10 -1.09
C6 31A K . -12.54 -33.08 -0.23
O 31A K . -11.79 -34.16 0.16
C7 31A K . -10.46 -34.33 -0.45
C5 31A K . -13.81 -32.96 0.32
C4 31A K . -14.61 -31.88 -0.03
C3 31A K . -14.08 -30.92 -0.90
N 31A K . -12.96 -27.77 -1.90
C10 31A K . -9.63 -26.67 0.25
C20 31A K . -8.37 -27.03 -0.20
C19 31A K . -7.20 -26.61 0.44
C18 31A K . -7.31 -25.80 1.57
C17 31A K . -8.53 -25.42 2.10
C11 31A K . -9.68 -25.83 1.47
O2 31A K . -10.87 -25.48 1.98
C12 31A K . -10.87 -25.37 3.44
C16 31A K . -11.92 -26.31 4.01
C15 31A K . -13.34 -25.86 3.58
N2 31A K . -13.58 -24.49 4.03
C14 31A K . -12.60 -23.53 3.48
C13 31A K . -11.16 -23.93 3.86
S SO4 L . -0.70 -20.58 -12.91
O1 SO4 L . -0.29 -19.34 -12.17
O2 SO4 L . -2.14 -20.52 -13.18
O3 SO4 L . -0.31 -21.76 -12.11
O4 SO4 L . -0.09 -20.74 -14.23
MG MG M . -33.15 -26.25 0.67
CL CL N . 15.06 -33.22 12.95
S DMS O . -9.91 -17.07 11.86
O DMS O . -10.94 -16.15 12.29
C1 DMS O . -10.48 -18.69 11.59
C2 DMS O . -8.89 -17.30 13.22
S1 NHW P . 6.87 30.62 14.49
C2 NHW P . 7.26 31.97 15.67
C3 NHW P . 8.75 31.92 16.17
N4 NHW P . 9.05 33.09 16.99
C5 NHW P . 9.38 34.24 16.46
O5 NHW P . 9.54 34.42 15.25
C6 NHW P . 9.57 35.38 17.45
C7 NHW P . 10.72 36.36 17.03
N8 NHW P . 12.00 35.67 16.76
C9 NHW P . 12.67 35.09 17.80
O9 NHW P . 12.31 35.13 18.96
CP NHW P . 5.75 29.64 15.58
C10 NHW P . 14.01 34.40 17.44
O10 NHW P . 14.37 35.05 16.21
C11 NHW P . 13.83 32.85 17.28
C12 NHW P . 15.11 32.26 16.68
C13 NHW P . 12.68 32.43 16.38
C14 NHW P . 13.62 32.20 18.67
N1A NHW P . 11.28 27.58 14.00
O1A NHW P . 20.78 31.73 16.56
P1A NHW P . 19.42 31.33 16.91
C1M NHW P . 6.58 28.80 16.57
O1M NHW P . 6.78 29.20 17.73
C1X NHW P . 16.37 28.33 13.57
C2A NHW P . 12.30 26.67 14.02
O2A NHW P . 19.03 31.25 18.34
P2A NHW P . 17.42 33.49 16.86
C2M NHW P . 7.23 27.54 16.00
C2X NHW P . 17.23 28.77 12.44
O2X NHW P . 16.80 28.13 11.12
N3A NHW P . 13.56 27.06 13.86
O3A NHW P . 18.37 32.33 16.12
C3M NHW P . 8.41 27.05 16.84
C3X NHW P . 18.66 28.33 12.91
O3X NHW P . 18.96 27.00 12.72
P3X NHW P . 19.78 26.50 11.31
C4A NHW P . 13.87 28.38 13.77
O4A NHW P . 18.15 34.18 17.90
C4M NHW P . 8.91 25.77 16.28
C4X NHW P . 18.53 28.49 14.47
O4X NHW P . 17.11 28.69 14.82
C5A NHW P . 12.86 29.33 13.74
O5A NHW P . 17.06 34.24 15.64
C5M NHW P . 10.33 25.39 16.78
C5X NHW P . 19.27 29.75 14.81
O5X NHW P . 18.96 30.06 16.25
C6A NHW P . 11.51 28.90 13.87
N6A NHW P . 10.49 29.84 13.88
O6A NHW P . 16.23 32.65 17.50
C6M NHW P . 10.72 23.98 16.24
N7A NHW P . 13.48 30.54 13.59
O7A NHW P . 19.63 24.95 11.12
C7M NHW P . 9.98 22.88 16.98
C8A NHW P . 14.82 30.35 13.51
O8A NHW P . 18.95 27.15 10.19
C8M NHW P . 10.46 21.48 16.48
N9A NHW P . 15.07 29.04 13.62
O9A NHW P . 21.19 27.09 11.57
C9M NHW P . 9.68 20.29 17.06
CAM NHW P . 10.19 20.15 18.52
CBM NHW P . 9.45 18.99 19.19
CCM NHW P . 9.77 17.64 18.61
CDM NHW P . 9.04 16.55 19.47
CEM NHW P . 9.19 15.13 18.90
O1 31A Q . 1.33 34.82 10.11
C9 31A Q . 0.27 35.60 9.83
N1 31A Q . 0.48 36.82 9.47
C 31A Q . 1.74 37.27 9.45
C1 31A Q . 2.05 38.72 9.18
C2 31A Q . 2.12 39.44 10.54
C8 31A Q . 1.16 40.35 10.89
C6 31A Q . 1.23 40.94 12.14
O 31A Q . 0.30 41.86 12.51
C7 31A Q . -0.66 42.43 11.60
C5 31A Q . 2.27 40.65 13.04
C4 31A Q . 3.25 39.73 12.68
C3 31A Q . 3.15 39.12 11.41
N 31A Q . 2.68 36.46 9.59
C10 31A Q . -1.11 35.01 9.82
C20 31A Q . -2.02 35.45 8.87
C19 31A Q . -3.30 34.89 8.79
C18 31A Q . -3.71 33.84 9.62
C17 31A Q . -2.83 33.35 10.59
C11 31A Q . -1.53 33.92 10.72
O2 31A Q . -0.64 33.51 11.66
C12 31A Q . -1.19 33.06 12.91
C16 31A Q . -0.47 33.78 14.05
C15 31A Q . 0.96 33.20 14.15
N2 31A Q . 0.97 31.74 14.25
C14 31A Q . 0.31 30.97 13.15
C13 31A Q . -1.12 31.52 12.99
MG MG R . 20.01 33.44 20.24
CL CL S . 23.25 18.26 21.27
S DMS T . -5.34 23.04 18.04
O DMS T . -4.68 21.94 18.74
C1 DMS T . -4.85 24.60 18.56
C2 DMS T . -6.99 23.14 18.49
C GOA U . -1.06 26.32 20.81
CA GOA U . -0.60 27.00 19.56
O GOA U . -2.04 25.50 20.80
OXT GOA U . -0.47 26.57 21.81
O2 GOA U . -0.92 26.34 18.30
#